data_9BLJ
# 
_entry.id   9BLJ 
# 
_audit_conform.dict_name       mmcif_pdbx.dic 
_audit_conform.dict_version    5.403 
_audit_conform.dict_location   http://mmcif.pdb.org/dictionaries/ascii/mmcif_pdbx.dic 
# 
loop_
_database_2.database_id 
_database_2.database_code 
_database_2.pdbx_database_accession 
_database_2.pdbx_DOI 
PDB   9BLJ         pdb_00009blj 10.2210/pdb9blj/pdb 
WWPDB D_1000283588 ?            ?                   
# 
_pdbx_audit_revision_history.ordinal             1 
_pdbx_audit_revision_history.data_content_type   'Structure model' 
_pdbx_audit_revision_history.major_revision      1 
_pdbx_audit_revision_history.minor_revision      0 
_pdbx_audit_revision_history.revision_date       2025-04-30 
_pdbx_audit_revision_history.part_number         ? 
# 
_pdbx_audit_revision_details.ordinal             1 
_pdbx_audit_revision_details.revision_ordinal    1 
_pdbx_audit_revision_details.data_content_type   'Structure model' 
_pdbx_audit_revision_details.provider            repository 
_pdbx_audit_revision_details.type                'Initial release' 
_pdbx_audit_revision_details.description         ? 
_pdbx_audit_revision_details.details             ? 
# 
_pdbx_database_status.status_code                     REL 
_pdbx_database_status.status_code_sf                  REL 
_pdbx_database_status.status_code_mr                  ? 
_pdbx_database_status.entry_id                        9BLJ 
_pdbx_database_status.recvd_initial_deposition_date   2024-04-30 
_pdbx_database_status.SG_entry                        N 
_pdbx_database_status.deposit_site                    RCSB 
_pdbx_database_status.process_site                    RCSB 
_pdbx_database_status.status_code_cs                  ? 
_pdbx_database_status.status_code_nmr_data            ? 
_pdbx_database_status.methods_development_category    ? 
_pdbx_database_status.pdb_format_compatible           Y 
# 
loop_
_pdbx_contact_author.id 
_pdbx_contact_author.email 
_pdbx_contact_author.name_first 
_pdbx_contact_author.name_last 
_pdbx_contact_author.name_mi 
_pdbx_contact_author.role 
_pdbx_contact_author.identifier_ORCID 
2 adela@unam.mx  Adela     Rodriguez-Romero  ? 'principal investigator/group leader' 0000-0001-7641-6545 
3 hersan@unam.mx Alejandra Hernandez-Santoyo ? 'principal investigator/group leader' 0000-0001-8045-4157 
# 
loop_
_audit_author.name 
_audit_author.pdbx_ordinal 
_audit_author.identifier_ORCID 
'Rodriguez-Romero, A.'  1 0000-0001-7641-6545 
'Hernandez-Santoyo, A.' 2 0000-0001-8045-4157 
# 
_citation.abstract                  ? 
_citation.abstract_id_CAS           ? 
_citation.book_id_ISBN              ? 
_citation.book_publisher            ? 
_citation.book_publisher_city       ? 
_citation.book_title                ? 
_citation.coordinate_linkage        ? 
_citation.country                   US 
_citation.database_id_Medline       ? 
_citation.details                   ? 
_citation.id                        primary 
_citation.journal_abbrev            Biochem.Biophys.Res.Commun. 
_citation.journal_id_ASTM           BBRCA9 
_citation.journal_id_CSD            0146 
_citation.journal_id_ISSN           1090-2104 
_citation.journal_full              ? 
_citation.journal_issue             ? 
_citation.journal_volume            763 
_citation.language                  ? 
_citation.page_first                151801 
_citation.page_last                 151801 
_citation.title                     
'Understanding the structure and function of HPI, a rubber tree serine protease inhibitor, and its interaction with subtilisin.' 
_citation.year                      2025 
_citation.database_id_CSD           ? 
_citation.pdbx_database_id_DOI      10.1016/j.bbrc.2025.151801 
_citation.pdbx_database_id_PubMed   40233429 
_citation.pdbx_database_id_patent   ? 
_citation.unpublished_flag          ? 
# 
loop_
_citation_author.citation_id 
_citation_author.name 
_citation_author.ordinal 
_citation_author.identifier_ORCID 
primary 'Terron-Hernandez, J.'  1 ? 
primary 'Gomez-Velasco, H.'     2 ? 
primary 'Pinzon-Yaya, L.'       3 ? 
primary 'Hernandez-Santoyo, A.' 4 ? 
primary 'Garcia-Ramirez, B.'    5 ? 
primary 'Rodriguez-Romero, A.'  6 ? 
# 
loop_
_entity.id 
_entity.type 
_entity.src_method 
_entity.pdbx_description 
_entity.formula_weight 
_entity.pdbx_number_of_molecules 
_entity.pdbx_ec 
_entity.pdbx_mutation 
_entity.pdbx_fragment 
_entity.details 
1 polymer man 'Protease inhibitor HPI' 7747.798 1  ? ? ? ? 
2 water   nat water                    18.015   44 ? ? ? ? 
# 
_entity_name_com.entity_id   1 
_entity_name_com.name        'HbPI1,Protease inhibitor 1' 
# 
_entity_poly.entity_id                      1 
_entity_poly.type                           'polypeptide(L)' 
_entity_poly.nstd_linkage                   no 
_entity_poly.nstd_monomer                   no 
_entity_poly.pdbx_seq_one_letter_code       GHMASQCPVKNSWPELVGTNGDIAAGIIQTENANVKAIVVKEGLPITQDLNFNRVRVFVDENRVVTQVPAIG 
_entity_poly.pdbx_seq_one_letter_code_can   GHMASQCPVKNSWPELVGTNGDIAAGIIQTENANVKAIVVKEGLPITQDLNFNRVRVFVDENRVVTQVPAIG 
_entity_poly.pdbx_strand_id                 A 
_entity_poly.pdbx_target_identifier         ? 
# 
_pdbx_entity_nonpoly.entity_id   2 
_pdbx_entity_nonpoly.name        water 
_pdbx_entity_nonpoly.comp_id     HOH 
# 
loop_
_entity_poly_seq.entity_id 
_entity_poly_seq.num 
_entity_poly_seq.mon_id 
_entity_poly_seq.hetero 
1 1  GLY n 
1 2  HIS n 
1 3  MET n 
1 4  ALA n 
1 5  SER n 
1 6  GLN n 
1 7  CYS n 
1 8  PRO n 
1 9  VAL n 
1 10 LYS n 
1 11 ASN n 
1 12 SER n 
1 13 TRP n 
1 14 PRO n 
1 15 GLU n 
1 16 LEU n 
1 17 VAL n 
1 18 GLY n 
1 19 THR n 
1 20 ASN n 
1 21 GLY n 
1 22 ASP n 
1 23 ILE n 
1 24 ALA n 
1 25 ALA n 
1 26 GLY n 
1 27 ILE n 
1 28 ILE n 
1 29 GLN n 
1 30 THR n 
1 31 GLU n 
1 32 ASN n 
1 33 ALA n 
1 34 ASN n 
1 35 VAL n 
1 36 LYS n 
1 37 ALA n 
1 38 ILE n 
1 39 VAL n 
1 40 VAL n 
1 41 LYS n 
1 42 GLU n 
1 43 GLY n 
1 44 LEU n 
1 45 PRO n 
1 46 ILE n 
1 47 THR n 
1 48 GLN n 
1 49 ASP n 
1 50 LEU n 
1 51 ASN n 
1 52 PHE n 
1 53 ASN n 
1 54 ARG n 
1 55 VAL n 
1 56 ARG n 
1 57 VAL n 
1 58 PHE n 
1 59 VAL n 
1 60 ASP n 
1 61 GLU n 
1 62 ASN n 
1 63 ARG n 
1 64 VAL n 
1 65 VAL n 
1 66 THR n 
1 67 GLN n 
1 68 VAL n 
1 69 PRO n 
1 70 ALA n 
1 71 ILE n 
1 72 GLY n 
# 
_entity_src_gen.entity_id                          1 
_entity_src_gen.pdbx_src_id                        1 
_entity_src_gen.pdbx_alt_source_flag               sample 
_entity_src_gen.pdbx_seq_type                      'Biological sequence' 
_entity_src_gen.pdbx_beg_seq_num                   1 
_entity_src_gen.pdbx_end_seq_num                   72 
_entity_src_gen.gene_src_common_name               'rubber tree' 
_entity_src_gen.gene_src_genus                     ? 
_entity_src_gen.pdbx_gene_src_gene                 PI1 
_entity_src_gen.gene_src_species                   ? 
_entity_src_gen.gene_src_strain                    ? 
_entity_src_gen.gene_src_tissue                    ? 
_entity_src_gen.gene_src_tissue_fraction           ? 
_entity_src_gen.gene_src_details                   ? 
_entity_src_gen.pdbx_gene_src_fragment             ? 
_entity_src_gen.pdbx_gene_src_scientific_name      'Hevea brasiliensis' 
_entity_src_gen.pdbx_gene_src_ncbi_taxonomy_id     3981 
_entity_src_gen.pdbx_gene_src_variant              ? 
_entity_src_gen.pdbx_gene_src_cell_line            ? 
_entity_src_gen.pdbx_gene_src_atcc                 ? 
_entity_src_gen.pdbx_gene_src_organ                ? 
_entity_src_gen.pdbx_gene_src_organelle            ? 
_entity_src_gen.pdbx_gene_src_cell                 ? 
_entity_src_gen.pdbx_gene_src_cellular_location    ? 
_entity_src_gen.host_org_common_name               ? 
_entity_src_gen.pdbx_host_org_scientific_name      'Escherichia coli' 
_entity_src_gen.pdbx_host_org_ncbi_taxonomy_id     562 
_entity_src_gen.host_org_genus                     ? 
_entity_src_gen.pdbx_host_org_gene                 ? 
_entity_src_gen.pdbx_host_org_organ                ? 
_entity_src_gen.host_org_species                   ? 
_entity_src_gen.pdbx_host_org_tissue               ? 
_entity_src_gen.pdbx_host_org_tissue_fraction      ? 
_entity_src_gen.pdbx_host_org_strain               ? 
_entity_src_gen.pdbx_host_org_variant              'Rosetta(D3)' 
_entity_src_gen.pdbx_host_org_cell_line            ? 
_entity_src_gen.pdbx_host_org_atcc                 ? 
_entity_src_gen.pdbx_host_org_culture_collection   ? 
_entity_src_gen.pdbx_host_org_cell                 ? 
_entity_src_gen.pdbx_host_org_organelle            ? 
_entity_src_gen.pdbx_host_org_cellular_location    ? 
_entity_src_gen.pdbx_host_org_vector_type          ? 
_entity_src_gen.pdbx_host_org_vector               ? 
_entity_src_gen.host_org_details                   ? 
_entity_src_gen.expression_system_id               ? 
_entity_src_gen.plasmid_name                       ? 
_entity_src_gen.plasmid_details                    ? 
_entity_src_gen.pdbx_description                   ? 
# 
loop_
_chem_comp.id 
_chem_comp.type 
_chem_comp.mon_nstd_flag 
_chem_comp.name 
_chem_comp.pdbx_synonyms 
_chem_comp.formula 
_chem_comp.formula_weight 
ALA 'L-peptide linking' y ALANINE         ? 'C3 H7 N O2'     89.093  
ARG 'L-peptide linking' y ARGININE        ? 'C6 H15 N4 O2 1' 175.209 
ASN 'L-peptide linking' y ASPARAGINE      ? 'C4 H8 N2 O3'    132.118 
ASP 'L-peptide linking' y 'ASPARTIC ACID' ? 'C4 H7 N O4'     133.103 
CYS 'L-peptide linking' y CYSTEINE        ? 'C3 H7 N O2 S'   121.158 
GLN 'L-peptide linking' y GLUTAMINE       ? 'C5 H10 N2 O3'   146.144 
GLU 'L-peptide linking' y 'GLUTAMIC ACID' ? 'C5 H9 N O4'     147.129 
GLY 'peptide linking'   y GLYCINE         ? 'C2 H5 N O2'     75.067  
HIS 'L-peptide linking' y HISTIDINE       ? 'C6 H10 N3 O2 1' 156.162 
HOH non-polymer         . WATER           ? 'H2 O'           18.015  
ILE 'L-peptide linking' y ISOLEUCINE      ? 'C6 H13 N O2'    131.173 
LEU 'L-peptide linking' y LEUCINE         ? 'C6 H13 N O2'    131.173 
LYS 'L-peptide linking' y LYSINE          ? 'C6 H15 N2 O2 1' 147.195 
MET 'L-peptide linking' y METHIONINE      ? 'C5 H11 N O2 S'  149.211 
PHE 'L-peptide linking' y PHENYLALANINE   ? 'C9 H11 N O2'    165.189 
PRO 'L-peptide linking' y PROLINE         ? 'C5 H9 N O2'     115.130 
SER 'L-peptide linking' y SERINE          ? 'C3 H7 N O3'     105.093 
THR 'L-peptide linking' y THREONINE       ? 'C4 H9 N O3'     119.119 
TRP 'L-peptide linking' y TRYPTOPHAN      ? 'C11 H12 N2 O2'  204.225 
VAL 'L-peptide linking' y VALINE          ? 'C5 H11 N O2'    117.146 
# 
loop_
_pdbx_poly_seq_scheme.asym_id 
_pdbx_poly_seq_scheme.entity_id 
_pdbx_poly_seq_scheme.seq_id 
_pdbx_poly_seq_scheme.mon_id 
_pdbx_poly_seq_scheme.ndb_seq_num 
_pdbx_poly_seq_scheme.pdb_seq_num 
_pdbx_poly_seq_scheme.auth_seq_num 
_pdbx_poly_seq_scheme.pdb_mon_id 
_pdbx_poly_seq_scheme.auth_mon_id 
_pdbx_poly_seq_scheme.pdb_strand_id 
_pdbx_poly_seq_scheme.pdb_ins_code 
_pdbx_poly_seq_scheme.hetero 
A 1 1  GLY 1  -1 ?  ?   ?   A . n 
A 1 2  HIS 2  0  ?  ?   ?   A . n 
A 1 3  MET 3  1  ?  ?   ?   A . n 
A 1 4  ALA 4  2  ?  ?   ?   A . n 
A 1 5  SER 5  3  ?  ?   ?   A . n 
A 1 6  GLN 6  4  ?  ?   ?   A . n 
A 1 7  CYS 7  5  ?  ?   ?   A . n 
A 1 8  PRO 8  6  6  PRO PRO A . n 
A 1 9  VAL 9  7  7  VAL VAL A . n 
A 1 10 LYS 10 8  8  LYS LYS A . n 
A 1 11 ASN 11 9  9  ASN ASN A . n 
A 1 12 SER 12 10 10 SER SER A . n 
A 1 13 TRP 13 11 11 TRP TRP A . n 
A 1 14 PRO 14 12 12 PRO PRO A . n 
A 1 15 GLU 15 13 13 GLU GLU A . n 
A 1 16 LEU 16 14 14 LEU LEU A . n 
A 1 17 VAL 17 15 15 VAL VAL A . n 
A 1 18 GLY 18 16 16 GLY GLY A . n 
A 1 19 THR 19 17 17 THR THR A . n 
A 1 20 ASN 20 18 18 ASN ASN A . n 
A 1 21 GLY 21 19 19 GLY GLY A . n 
A 1 22 ASP 22 20 20 ASP ASP A . n 
A 1 23 ILE 23 21 21 ILE ILE A . n 
A 1 24 ALA 24 22 22 ALA ALA A . n 
A 1 25 ALA 25 23 23 ALA ALA A . n 
A 1 26 GLY 26 24 24 GLY GLY A . n 
A 1 27 ILE 27 25 25 ILE ILE A . n 
A 1 28 ILE 28 26 26 ILE ILE A . n 
A 1 29 GLN 29 27 27 GLN GLN A . n 
A 1 30 THR 30 28 28 THR THR A . n 
A 1 31 GLU 31 29 29 GLU GLU A . n 
A 1 32 ASN 32 30 30 ASN ASN A . n 
A 1 33 ALA 33 31 31 ALA ALA A . n 
A 1 34 ASN 34 32 32 ASN ASN A . n 
A 1 35 VAL 35 33 33 VAL VAL A . n 
A 1 36 LYS 36 34 34 LYS LYS A . n 
A 1 37 ALA 37 35 35 ALA ALA A . n 
A 1 38 ILE 38 36 36 ILE ILE A . n 
A 1 39 VAL 39 37 37 VAL VAL A . n 
A 1 40 VAL 40 38 38 VAL VAL A . n 
A 1 41 LYS 41 39 39 LYS LYS A . n 
A 1 42 GLU 42 40 40 GLU GLU A . n 
A 1 43 GLY 43 41 41 GLY GLY A . n 
A 1 44 LEU 44 42 42 LEU LEU A . n 
A 1 45 PRO 45 43 43 PRO PRO A . n 
A 1 46 ILE 46 44 44 ILE ILE A . n 
A 1 47 THR 47 45 45 THR THR A . n 
A 1 48 GLN 48 46 46 GLN GLN A . n 
A 1 49 ASP 49 47 47 ASP ASP A . n 
A 1 50 LEU 50 48 48 LEU LEU A . n 
A 1 51 ASN 51 49 49 ASN ASN A . n 
A 1 52 PHE 52 50 50 PHE PHE A . n 
A 1 53 ASN 53 51 51 ASN ASN A . n 
A 1 54 ARG 54 52 52 ARG ARG A . n 
A 1 55 VAL 55 53 53 VAL VAL A . n 
A 1 56 ARG 56 54 54 ARG ARG A . n 
A 1 57 VAL 57 55 55 VAL VAL A . n 
A 1 58 PHE 58 56 56 PHE PHE A . n 
A 1 59 VAL 59 57 57 VAL VAL A . n 
A 1 60 ASP 60 58 58 ASP ASP A . n 
A 1 61 GLU 61 59 59 GLU GLU A . n 
A 1 62 ASN 62 60 60 ASN ASN A . n 
A 1 63 ARG 63 61 61 ARG ARG A . n 
A 1 64 VAL 64 62 62 VAL VAL A . n 
A 1 65 VAL 65 63 63 VAL VAL A . n 
A 1 66 THR 66 64 64 THR THR A . n 
A 1 67 GLN 67 65 65 GLN GLN A . n 
A 1 68 VAL 68 66 66 VAL VAL A . n 
A 1 69 PRO 69 67 67 PRO PRO A . n 
A 1 70 ALA 70 68 68 ALA ALA A . n 
A 1 71 ILE 71 69 69 ILE ILE A . n 
A 1 72 GLY 72 70 70 GLY GLY A . n 
# 
loop_
_pdbx_nonpoly_scheme.asym_id 
_pdbx_nonpoly_scheme.entity_id 
_pdbx_nonpoly_scheme.mon_id 
_pdbx_nonpoly_scheme.ndb_seq_num 
_pdbx_nonpoly_scheme.pdb_seq_num 
_pdbx_nonpoly_scheme.auth_seq_num 
_pdbx_nonpoly_scheme.pdb_mon_id 
_pdbx_nonpoly_scheme.auth_mon_id 
_pdbx_nonpoly_scheme.pdb_strand_id 
_pdbx_nonpoly_scheme.pdb_ins_code 
B 2 HOH 1  101 17 HOH HOH A . 
B 2 HOH 2  102 30 HOH HOH A . 
B 2 HOH 3  103 18 HOH HOH A . 
B 2 HOH 4  104 42 HOH HOH A . 
B 2 HOH 5  105 15 HOH HOH A . 
B 2 HOH 6  106 43 HOH HOH A . 
B 2 HOH 7  107 5  HOH HOH A . 
B 2 HOH 8  108 3  HOH HOH A . 
B 2 HOH 9  109 11 HOH HOH A . 
B 2 HOH 10 110 1  HOH HOH A . 
B 2 HOH 11 111 4  HOH HOH A . 
B 2 HOH 12 112 19 HOH HOH A . 
B 2 HOH 13 113 7  HOH HOH A . 
B 2 HOH 14 114 24 HOH HOH A . 
B 2 HOH 15 115 39 HOH HOH A . 
B 2 HOH 16 116 2  HOH HOH A . 
B 2 HOH 17 117 8  HOH HOH A . 
B 2 HOH 18 118 35 HOH HOH A . 
B 2 HOH 19 119 29 HOH HOH A . 
B 2 HOH 20 120 26 HOH HOH A . 
B 2 HOH 21 121 23 HOH HOH A . 
B 2 HOH 22 122 20 HOH HOH A . 
B 2 HOH 23 123 32 HOH HOH A . 
B 2 HOH 24 124 34 HOH HOH A . 
B 2 HOH 25 125 6  HOH HOH A . 
B 2 HOH 26 126 13 HOH HOH A . 
B 2 HOH 27 127 28 HOH HOH A . 
B 2 HOH 28 128 36 HOH HOH A . 
B 2 HOH 29 129 31 HOH HOH A . 
B 2 HOH 30 130 16 HOH HOH A . 
B 2 HOH 31 131 27 HOH HOH A . 
B 2 HOH 32 132 10 HOH HOH A . 
B 2 HOH 33 133 12 HOH HOH A . 
B 2 HOH 34 134 14 HOH HOH A . 
B 2 HOH 35 135 21 HOH HOH A . 
B 2 HOH 36 136 41 HOH HOH A . 
B 2 HOH 37 137 38 HOH HOH A . 
B 2 HOH 38 138 45 HOH HOH A . 
B 2 HOH 39 139 40 HOH HOH A . 
B 2 HOH 40 140 37 HOH HOH A . 
B 2 HOH 41 141 33 HOH HOH A . 
B 2 HOH 42 142 25 HOH HOH A . 
B 2 HOH 43 143 44 HOH HOH A . 
B 2 HOH 44 144 22 HOH HOH A . 
# 
loop_
_software.citation_id 
_software.classification 
_software.compiler_name 
_software.compiler_version 
_software.contact_author 
_software.contact_author_email 
_software.date 
_software.description 
_software.dependencies 
_software.hardware 
_software.language 
_software.location 
_software.mods 
_software.name 
_software.os 
_software.os_version 
_software.type 
_software.version 
_software.pdbx_ordinal 
? refinement       ? ? ? ? ? ? ? ? ? ? ? PHENIX ? ? ? 5463 1 
? 'data reduction' ? ? ? ? ? ? ? ? ? ? ? XDS    ? ? ? .    2 
? 'data scaling'   ? ? ? ? ? ? ? ? ? ? ? SCALA  ? ? ? .    3 
? phasing          ? ? ? ? ? ? ? ? ? ? ? PHASER ? ? ? .    4 
# 
_cell.angle_alpha                  90.000 
_cell.angle_alpha_esd              ? 
_cell.angle_beta                   90.000 
_cell.angle_beta_esd               ? 
_cell.angle_gamma                  120.000 
_cell.angle_gamma_esd              ? 
_cell.entry_id                     9BLJ 
_cell.details                      ? 
_cell.formula_units_Z              ? 
_cell.length_a                     47.506 
_cell.length_a_esd                 ? 
_cell.length_b                     47.506 
_cell.length_b_esd                 ? 
_cell.length_c                     95.927 
_cell.length_c_esd                 ? 
_cell.volume                       187485.819 
_cell.volume_esd                   ? 
_cell.Z_PDB                        12 
_cell.reciprocal_angle_alpha       ? 
_cell.reciprocal_angle_beta        ? 
_cell.reciprocal_angle_gamma       ? 
_cell.reciprocal_angle_alpha_esd   ? 
_cell.reciprocal_angle_beta_esd    ? 
_cell.reciprocal_angle_gamma_esd   ? 
_cell.reciprocal_length_a          ? 
_cell.reciprocal_length_b          ? 
_cell.reciprocal_length_c          ? 
_cell.reciprocal_length_a_esd      ? 
_cell.reciprocal_length_b_esd      ? 
_cell.reciprocal_length_c_esd      ? 
_cell.pdbx_unique_axis             ? 
_cell.pdbx_esd_method              ? 
# 
_symmetry.entry_id                         9BLJ 
_symmetry.cell_setting                     ? 
_symmetry.Int_Tables_number                178 
_symmetry.space_group_name_Hall            'P 61 2 (x,y,z+5/12)' 
_symmetry.space_group_name_H-M             'P 61 2 2' 
_symmetry.pdbx_full_space_group_name_H-M   ? 
# 
_exptl.absorpt_coefficient_mu     ? 
_exptl.absorpt_correction_T_max   ? 
_exptl.absorpt_correction_T_min   ? 
_exptl.absorpt_correction_type    ? 
_exptl.absorpt_process_details    ? 
_exptl.entry_id                   9BLJ 
_exptl.crystals_number            1 
_exptl.details                    ? 
_exptl.method                     'X-RAY DIFFRACTION' 
_exptl.method_details             ? 
# 
_exptl_crystal.colour                       ? 
_exptl_crystal.density_diffrn               ? 
_exptl_crystal.density_Matthews             2.07 
_exptl_crystal.density_method               ? 
_exptl_crystal.density_percent_sol          40.63 
_exptl_crystal.description                  Needles 
_exptl_crystal.F_000                        ? 
_exptl_crystal.id                           1 
_exptl_crystal.preparation                  ? 
_exptl_crystal.size_max                     ? 
_exptl_crystal.size_mid                     ? 
_exptl_crystal.size_min                     ? 
_exptl_crystal.size_rad                     ? 
_exptl_crystal.colour_lustre                ? 
_exptl_crystal.colour_modifier              ? 
_exptl_crystal.colour_primary               ? 
_exptl_crystal.density_meas                 ? 
_exptl_crystal.density_meas_esd             ? 
_exptl_crystal.density_meas_gt              ? 
_exptl_crystal.density_meas_lt              ? 
_exptl_crystal.density_meas_temp            ? 
_exptl_crystal.density_meas_temp_esd        ? 
_exptl_crystal.density_meas_temp_gt         ? 
_exptl_crystal.density_meas_temp_lt         ? 
_exptl_crystal.pdbx_crystal_image_url       ? 
_exptl_crystal.pdbx_crystal_image_format    ? 
_exptl_crystal.pdbx_mosaicity               ? 
_exptl_crystal.pdbx_mosaicity_esd           ? 
_exptl_crystal.pdbx_mosaic_method           ? 
_exptl_crystal.pdbx_mosaic_block_size       ? 
_exptl_crystal.pdbx_mosaic_block_size_esd   ? 
# 
_exptl_crystal_grow.apparatus       ? 
_exptl_crystal_grow.atmosphere      ? 
_exptl_crystal_grow.crystal_id      1 
_exptl_crystal_grow.details         ? 
_exptl_crystal_grow.method          'VAPOR DIFFUSION' 
_exptl_crystal_grow.method_ref      ? 
_exptl_crystal_grow.pH              6.5 
_exptl_crystal_grow.pressure        ? 
_exptl_crystal_grow.pressure_esd    ? 
_exptl_crystal_grow.seeding         ? 
_exptl_crystal_grow.seeding_ref     ? 
_exptl_crystal_grow.temp_details    Constant 
_exptl_crystal_grow.temp_esd        ? 
_exptl_crystal_grow.time            ? 
_exptl_crystal_grow.pdbx_details    
;Solution 18 Crystal Screen 1: containing 0.2 M Magnesium acetate, 0.1 M Sodium cacodylate at pH 6.5, and 20% w/v Polyethylene glycol 8,000
;
_exptl_crystal_grow.pdbx_pH_range   ? 
_exptl_crystal_grow.temp            291 
# 
_diffrn.ambient_environment              ? 
_diffrn.ambient_temp                     100 
_diffrn.ambient_temp_details             ? 
_diffrn.ambient_temp_esd                 ? 
_diffrn.crystal_id                       1 
_diffrn.crystal_support                  ? 
_diffrn.crystal_treatment                ? 
_diffrn.details                          ? 
_diffrn.id                               1 
_diffrn.ambient_pressure                 ? 
_diffrn.ambient_pressure_esd             ? 
_diffrn.ambient_pressure_gt              ? 
_diffrn.ambient_pressure_lt              ? 
_diffrn.ambient_temp_gt                  ? 
_diffrn.ambient_temp_lt                  ? 
_diffrn.pdbx_serial_crystal_experiment   N 
# 
_diffrn_detector.details                      'OSMIC VARIMAX OPTICS' 
_diffrn_detector.detector                     PIXEL 
_diffrn_detector.diffrn_id                    1 
_diffrn_detector.type                         'DECTRIS PILATUS 200K' 
_diffrn_detector.area_resol_mean              ? 
_diffrn_detector.dtime                        ? 
_diffrn_detector.pdbx_frames_total            ? 
_diffrn_detector.pdbx_collection_time_total   ? 
_diffrn_detector.pdbx_collection_date         2022-05-02 
_diffrn_detector.pdbx_frequency               ? 
_diffrn_detector.id                           ? 
_diffrn_detector.number_of_axes               ? 
# 
_diffrn_radiation.collimation                      ? 
_diffrn_radiation.diffrn_id                        1 
_diffrn_radiation.filter_edge                      ? 
_diffrn_radiation.inhomogeneity                    ? 
_diffrn_radiation.monochromator                    ? 
_diffrn_radiation.polarisn_norm                    ? 
_diffrn_radiation.polarisn_ratio                   ? 
_diffrn_radiation.probe                            ? 
_diffrn_radiation.type                             ? 
_diffrn_radiation.xray_symbol                      ? 
_diffrn_radiation.wavelength_id                    1 
_diffrn_radiation.pdbx_monochromatic_or_laue_m_l   M 
_diffrn_radiation.pdbx_wavelength_list             ? 
_diffrn_radiation.pdbx_wavelength                  ? 
_diffrn_radiation.pdbx_diffrn_protocol             'SINGLE WAVELENGTH' 
_diffrn_radiation.pdbx_analyzer                    ? 
_diffrn_radiation.pdbx_scattering_type             x-ray 
# 
_diffrn_radiation_wavelength.id           1 
_diffrn_radiation_wavelength.wavelength   1.54 
_diffrn_radiation_wavelength.wt           1.0 
# 
_diffrn_source.current                     ? 
_diffrn_source.details                     ? 
_diffrn_source.diffrn_id                   1 
_diffrn_source.power                       ? 
_diffrn_source.size                        ? 
_diffrn_source.source                      'ROTATING ANODE' 
_diffrn_source.target                      ? 
_diffrn_source.type                        'RIGAKU MICROMAX-007 HF' 
_diffrn_source.voltage                     ? 
_diffrn_source.take-off_angle              ? 
_diffrn_source.pdbx_wavelength_list        1.54 
_diffrn_source.pdbx_wavelength             ? 
_diffrn_source.pdbx_synchrotron_beamline   ? 
_diffrn_source.pdbx_synchrotron_site       ? 
# 
_reflns.B_iso_Wilson_estimate                          22.80 
_reflns.entry_id                                       9BLJ 
_reflns.data_reduction_details                         ? 
_reflns.data_reduction_method                          ? 
_reflns.d_resolution_high                              1.74 
_reflns.d_resolution_low                               47.96 
_reflns.details                                        ? 
_reflns.limit_h_max                                    ? 
_reflns.limit_h_min                                    ? 
_reflns.limit_k_max                                    ? 
_reflns.limit_k_min                                    ? 
_reflns.limit_l_max                                    ? 
_reflns.limit_l_min                                    ? 
_reflns.number_all                                     ? 
_reflns.number_obs                                     7132 
_reflns.observed_criterion                             ? 
_reflns.observed_criterion_F_max                       ? 
_reflns.observed_criterion_F_min                       ? 
_reflns.observed_criterion_I_max                       ? 
_reflns.observed_criterion_I_min                       ? 
_reflns.observed_criterion_sigma_F                     ? 
_reflns.observed_criterion_sigma_I                     ? 
_reflns.percent_possible_obs                           100 
_reflns.R_free_details                                 ? 
_reflns.Rmerge_F_all                                   ? 
_reflns.Rmerge_F_obs                                   ? 
_reflns.Friedel_coverage                               ? 
_reflns.number_gt                                      ? 
_reflns.threshold_expression                           ? 
_reflns.pdbx_redundancy                                8.7 
_reflns.pdbx_netI_over_av_sigmaI                       ? 
_reflns.pdbx_netI_over_sigmaI                          23.8 
_reflns.pdbx_res_netI_over_av_sigmaI_2                 ? 
_reflns.pdbx_res_netI_over_sigmaI_2                    ? 
_reflns.pdbx_chi_squared                               ? 
_reflns.pdbx_scaling_rejects                           ? 
_reflns.pdbx_d_res_high_opt                            ? 
_reflns.pdbx_d_res_low_opt                             ? 
_reflns.pdbx_d_res_opt_method                          ? 
_reflns.phase_calculation_details                      ? 
_reflns.pdbx_Rrim_I_all                                0.047 
_reflns.pdbx_Rpim_I_all                                0.014 
_reflns.pdbx_d_opt                                     ? 
_reflns.pdbx_number_measured_all                       ? 
_reflns.pdbx_diffrn_id                                 1 
_reflns.pdbx_ordinal                                   1 
_reflns.pdbx_CC_half                                   1.0 
_reflns.pdbx_CC_star                                   ? 
_reflns.pdbx_R_split                                   ? 
_reflns.pdbx_Rmerge_I_obs                              0.045 
_reflns.pdbx_Rmerge_I_all                              ? 
_reflns.pdbx_Rsym_value                                ? 
_reflns.pdbx_CC_split_method                           ? 
_reflns.pdbx_aniso_diffraction_limit_axis_1_ortho[1]   ? 
_reflns.pdbx_aniso_diffraction_limit_axis_1_ortho[2]   ? 
_reflns.pdbx_aniso_diffraction_limit_axis_1_ortho[3]   ? 
_reflns.pdbx_aniso_diffraction_limit_axis_2_ortho[1]   ? 
_reflns.pdbx_aniso_diffraction_limit_axis_2_ortho[2]   ? 
_reflns.pdbx_aniso_diffraction_limit_axis_2_ortho[3]   ? 
_reflns.pdbx_aniso_diffraction_limit_axis_3_ortho[1]   ? 
_reflns.pdbx_aniso_diffraction_limit_axis_3_ortho[2]   ? 
_reflns.pdbx_aniso_diffraction_limit_axis_3_ortho[3]   ? 
_reflns.pdbx_aniso_diffraction_limit_1                 ? 
_reflns.pdbx_aniso_diffraction_limit_2                 ? 
_reflns.pdbx_aniso_diffraction_limit_3                 ? 
_reflns.pdbx_aniso_B_tensor_eigenvector_1_ortho[1]     ? 
_reflns.pdbx_aniso_B_tensor_eigenvector_1_ortho[2]     ? 
_reflns.pdbx_aniso_B_tensor_eigenvector_1_ortho[3]     ? 
_reflns.pdbx_aniso_B_tensor_eigenvector_2_ortho[1]     ? 
_reflns.pdbx_aniso_B_tensor_eigenvector_2_ortho[2]     ? 
_reflns.pdbx_aniso_B_tensor_eigenvector_2_ortho[3]     ? 
_reflns.pdbx_aniso_B_tensor_eigenvector_3_ortho[1]     ? 
_reflns.pdbx_aniso_B_tensor_eigenvector_3_ortho[2]     ? 
_reflns.pdbx_aniso_B_tensor_eigenvector_3_ortho[3]     ? 
_reflns.pdbx_aniso_B_tensor_eigenvalue_1               ? 
_reflns.pdbx_aniso_B_tensor_eigenvalue_2               ? 
_reflns.pdbx_aniso_B_tensor_eigenvalue_3               ? 
_reflns.pdbx_orthogonalization_convention              ? 
_reflns.pdbx_percent_possible_ellipsoidal              ? 
_reflns.pdbx_percent_possible_spherical                ? 
_reflns.pdbx_percent_possible_ellipsoidal_anomalous    ? 
_reflns.pdbx_percent_possible_spherical_anomalous      ? 
_reflns.pdbx_redundancy_anomalous                      ? 
_reflns.pdbx_CC_half_anomalous                         ? 
_reflns.pdbx_absDiff_over_sigma_anomalous              ? 
_reflns.pdbx_percent_possible_anomalous                ? 
_reflns.pdbx_observed_signal_threshold                 ? 
_reflns.pdbx_signal_type                               ? 
_reflns.pdbx_signal_details                            ? 
_reflns.pdbx_signal_software_id                        ? 
# 
_reflns_shell.d_res_high                                    1.74 
_reflns_shell.d_res_low                                     1.76 
_reflns_shell.meanI_over_sigI_all                           ? 
_reflns_shell.meanI_over_sigI_obs                           0.876 
_reflns_shell.number_measured_all                           ? 
_reflns_shell.number_measured_obs                           ? 
_reflns_shell.number_possible                               ? 
_reflns_shell.number_unique_all                             ? 
_reflns_shell.number_unique_obs                             386 
_reflns_shell.percent_possible_obs                          ? 
_reflns_shell.Rmerge_F_all                                  ? 
_reflns_shell.Rmerge_F_obs                                  ? 
_reflns_shell.meanI_over_sigI_gt                            ? 
_reflns_shell.meanI_over_uI_all                             ? 
_reflns_shell.meanI_over_uI_gt                              ? 
_reflns_shell.number_measured_gt                            ? 
_reflns_shell.number_unique_gt                              ? 
_reflns_shell.percent_possible_gt                           ? 
_reflns_shell.Rmerge_F_gt                                   ? 
_reflns_shell.Rmerge_I_gt                                   ? 
_reflns_shell.pdbx_redundancy                               ? 
_reflns_shell.pdbx_chi_squared                              ? 
_reflns_shell.pdbx_netI_over_sigmaI_all                     ? 
_reflns_shell.pdbx_netI_over_sigmaI_obs                     ? 
_reflns_shell.pdbx_Rrim_I_all                               0.522 
_reflns_shell.pdbx_Rpim_I_all                               0.279 
_reflns_shell.pdbx_rejects                                  ? 
_reflns_shell.pdbx_ordinal                                  1 
_reflns_shell.pdbx_diffrn_id                                1 
_reflns_shell.pdbx_CC_half                                  0.88 
_reflns_shell.pdbx_CC_star                                  ? 
_reflns_shell.pdbx_R_split                                  ? 
_reflns_shell.percent_possible_all                          ? 
_reflns_shell.Rmerge_I_all                                  ? 
_reflns_shell.Rmerge_I_obs                                  0.43 
_reflns_shell.pdbx_Rsym_value                               ? 
_reflns_shell.pdbx_percent_possible_ellipsoidal             ? 
_reflns_shell.pdbx_percent_possible_spherical               ? 
_reflns_shell.pdbx_percent_possible_ellipsoidal_anomalous   ? 
_reflns_shell.pdbx_percent_possible_spherical_anomalous     ? 
_reflns_shell.pdbx_redundancy_anomalous                     ? 
_reflns_shell.pdbx_CC_half_anomalous                        ? 
_reflns_shell.pdbx_absDiff_over_sigma_anomalous             ? 
_reflns_shell.pdbx_percent_possible_anomalous               ? 
# 
_refine.aniso_B[1][1]                            ? 
_refine.aniso_B[1][2]                            ? 
_refine.aniso_B[1][3]                            ? 
_refine.aniso_B[2][2]                            ? 
_refine.aniso_B[2][3]                            ? 
_refine.aniso_B[3][3]                            ? 
_refine.B_iso_max                                ? 
_refine.B_iso_mean                               29.64 
_refine.B_iso_min                                ? 
_refine.correlation_coeff_Fo_to_Fc               ? 
_refine.correlation_coeff_Fo_to_Fc_free          ? 
_refine.details                                  ? 
_refine.diff_density_max                         ? 
_refine.diff_density_max_esd                     ? 
_refine.diff_density_min                         ? 
_refine.diff_density_min_esd                     ? 
_refine.diff_density_rms                         ? 
_refine.diff_density_rms_esd                     ? 
_refine.entry_id                                 9BLJ 
_refine.pdbx_refine_id                           'X-RAY DIFFRACTION' 
_refine.ls_abs_structure_details                 ? 
_refine.ls_abs_structure_Flack                   ? 
_refine.ls_abs_structure_Flack_esd               ? 
_refine.ls_abs_structure_Rogers                  ? 
_refine.ls_abs_structure_Rogers_esd              ? 
_refine.ls_d_res_high                            1.74 
_refine.ls_d_res_low                             25.25 
_refine.ls_extinction_coef                       ? 
_refine.ls_extinction_coef_esd                   ? 
_refine.ls_extinction_expression                 ? 
_refine.ls_extinction_method                     ? 
_refine.ls_goodness_of_fit_all                   ? 
_refine.ls_goodness_of_fit_all_esd               ? 
_refine.ls_goodness_of_fit_obs                   ? 
_refine.ls_goodness_of_fit_obs_esd               ? 
_refine.ls_hydrogen_treatment                    ? 
_refine.ls_matrix_type                           ? 
_refine.ls_number_constraints                    ? 
_refine.ls_number_parameters                     ? 
_refine.ls_number_reflns_all                     ? 
_refine.ls_number_reflns_obs                     7086 
_refine.ls_number_reflns_R_free                  674 
_refine.ls_number_reflns_R_work                  6412 
_refine.ls_number_restraints                     ? 
_refine.ls_percent_reflns_obs                    99.93 
_refine.ls_percent_reflns_R_free                 9.51 
_refine.ls_R_factor_all                          ? 
_refine.ls_R_factor_obs                          0.1988 
_refine.ls_R_factor_R_free                       0.2128 
_refine.ls_R_factor_R_free_error                 ? 
_refine.ls_R_factor_R_free_error_details         ? 
_refine.ls_R_factor_R_work                       0.1973 
_refine.ls_R_Fsqd_factor_obs                     ? 
_refine.ls_R_I_factor_obs                        ? 
_refine.ls_redundancy_reflns_all                 ? 
_refine.ls_redundancy_reflns_obs                 ? 
_refine.ls_restrained_S_all                      ? 
_refine.ls_restrained_S_obs                      ? 
_refine.ls_shift_over_esd_max                    ? 
_refine.ls_shift_over_esd_mean                   ? 
_refine.ls_structure_factor_coef                 ? 
_refine.ls_weighting_details                     ? 
_refine.ls_weighting_scheme                      ? 
_refine.ls_wR_factor_all                         ? 
_refine.ls_wR_factor_obs                         ? 
_refine.ls_wR_factor_R_free                      ? 
_refine.ls_wR_factor_R_work                      ? 
_refine.occupancy_max                            ? 
_refine.occupancy_min                            ? 
_refine.solvent_model_details                    'FLAT BULK SOLVENT MODEL' 
_refine.solvent_model_param_bsol                 ? 
_refine.solvent_model_param_ksol                 ? 
_refine.pdbx_R_complete                          ? 
_refine.ls_R_factor_gt                           ? 
_refine.ls_goodness_of_fit_gt                    ? 
_refine.ls_goodness_of_fit_ref                   ? 
_refine.ls_shift_over_su_max                     ? 
_refine.ls_shift_over_su_max_lt                  ? 
_refine.ls_shift_over_su_mean                    ? 
_refine.ls_shift_over_su_mean_lt                 ? 
_refine.pdbx_ls_sigma_I                          ? 
_refine.pdbx_ls_sigma_F                          1.36 
_refine.pdbx_ls_sigma_Fsqd                       ? 
_refine.pdbx_data_cutoff_high_absF               ? 
_refine.pdbx_data_cutoff_high_rms_absF           ? 
_refine.pdbx_data_cutoff_low_absF                ? 
_refine.pdbx_isotropic_thermal_model             ? 
_refine.pdbx_ls_cross_valid_method               'FREE R-VALUE' 
_refine.pdbx_method_to_determine_struct          'MOLECULAR REPLACEMENT' 
_refine.pdbx_starting_model                      ? 
_refine.pdbx_stereochemistry_target_values       'GeoStd + Monomer Library + CDL v1.2' 
_refine.pdbx_R_Free_selection_details            ? 
_refine.pdbx_stereochem_target_val_spec_case     ? 
_refine.pdbx_overall_ESU_R                       ? 
_refine.pdbx_overall_ESU_R_Free                  ? 
_refine.pdbx_solvent_vdw_probe_radii             1.1000 
_refine.pdbx_solvent_ion_probe_radii             ? 
_refine.pdbx_solvent_shrinkage_radii             0.9000 
_refine.pdbx_real_space_R                        ? 
_refine.pdbx_density_correlation                 ? 
_refine.pdbx_pd_number_of_powder_patterns        ? 
_refine.pdbx_pd_number_of_points                 ? 
_refine.pdbx_pd_meas_number_of_points            ? 
_refine.pdbx_pd_proc_ls_prof_R_factor            ? 
_refine.pdbx_pd_proc_ls_prof_wR_factor           ? 
_refine.pdbx_pd_Marquardt_correlation_coeff      ? 
_refine.pdbx_pd_Fsqrd_R_factor                   ? 
_refine.pdbx_pd_ls_matrix_band_width             ? 
_refine.pdbx_overall_phase_error                 20.7791 
_refine.pdbx_overall_SU_R_free_Cruickshank_DPI   ? 
_refine.pdbx_overall_SU_R_free_Blow_DPI          ? 
_refine.pdbx_overall_SU_R_Blow_DPI               ? 
_refine.pdbx_TLS_residual_ADP_flag               ? 
_refine.pdbx_diffrn_id                           1 
_refine.overall_SU_B                             ? 
_refine.overall_SU_ML                            0.1153 
_refine.overall_SU_R_Cruickshank_DPI             ? 
_refine.overall_SU_R_free                        ? 
_refine.overall_FOM_free_R_set                   ? 
_refine.overall_FOM_work_R_set                   ? 
_refine.pdbx_average_fsc_overall                 ? 
_refine.pdbx_average_fsc_work                    ? 
_refine.pdbx_average_fsc_free                    ? 
# 
_refine_hist.pdbx_refine_id                   'X-RAY DIFFRACTION' 
_refine_hist.cycle_id                         LAST 
_refine_hist.details                          ? 
_refine_hist.d_res_high                       1.74 
_refine_hist.d_res_low                        25.25 
_refine_hist.number_atoms_solvent             44 
_refine_hist.number_atoms_total               540 
_refine_hist.number_reflns_all                ? 
_refine_hist.number_reflns_obs                ? 
_refine_hist.number_reflns_R_free             ? 
_refine_hist.number_reflns_R_work             ? 
_refine_hist.R_factor_all                     ? 
_refine_hist.R_factor_obs                     ? 
_refine_hist.R_factor_R_free                  ? 
_refine_hist.R_factor_R_work                  ? 
_refine_hist.pdbx_number_residues_total       ? 
_refine_hist.pdbx_B_iso_mean_ligand           ? 
_refine_hist.pdbx_B_iso_mean_solvent          ? 
_refine_hist.pdbx_number_atoms_protein        496 
_refine_hist.pdbx_number_atoms_nucleic_acid   0 
_refine_hist.pdbx_number_atoms_ligand         0 
_refine_hist.pdbx_number_atoms_lipid          ? 
_refine_hist.pdbx_number_atoms_carb           ? 
_refine_hist.pdbx_pseudo_atom_details         ? 
# 
loop_
_refine_ls_restr.pdbx_refine_id 
_refine_ls_restr.criterion 
_refine_ls_restr.dev_ideal 
_refine_ls_restr.dev_ideal_target 
_refine_ls_restr.number 
_refine_ls_restr.rejects 
_refine_ls_restr.type 
_refine_ls_restr.weight 
_refine_ls_restr.pdbx_restraint_function 
'X-RAY DIFFRACTION' ? 0.0136 ? 503 ? f_bond_d           ? ? 
'X-RAY DIFFRACTION' ? 1.2349 ? 687 ? f_angle_d          ? ? 
'X-RAY DIFFRACTION' ? 0.0809 ? 84  ? f_chiral_restr     ? ? 
'X-RAY DIFFRACTION' ? 0.0082 ? 91  ? f_plane_restr      ? ? 
'X-RAY DIFFRACTION' ? 9.4283 ? 185 ? f_dihedral_angle_d ? ? 
# 
loop_
_refine_ls_shell.pdbx_refine_id 
_refine_ls_shell.d_res_high 
_refine_ls_shell.d_res_low 
_refine_ls_shell.number_reflns_all 
_refine_ls_shell.number_reflns_obs 
_refine_ls_shell.number_reflns_R_free 
_refine_ls_shell.number_reflns_R_work 
_refine_ls_shell.percent_reflns_obs 
_refine_ls_shell.percent_reflns_R_free 
_refine_ls_shell.R_factor_all 
_refine_ls_shell.R_factor_obs 
_refine_ls_shell.R_factor_R_free_error 
_refine_ls_shell.R_factor_R_work 
_refine_ls_shell.redundancy_reflns_all 
_refine_ls_shell.redundancy_reflns_obs 
_refine_ls_shell.wR_factor_all 
_refine_ls_shell.wR_factor_obs 
_refine_ls_shell.wR_factor_R_free 
_refine_ls_shell.wR_factor_R_work 
_refine_ls_shell.pdbx_R_complete 
_refine_ls_shell.pdbx_total_number_of_bins_used 
_refine_ls_shell.pdbx_phase_error 
_refine_ls_shell.pdbx_fsc_work 
_refine_ls_shell.pdbx_fsc_free 
_refine_ls_shell.R_factor_R_free 
'X-RAY DIFFRACTION' 1.74 1.87 . . 130 1231 99.85  . . . . 0.2001 . . . . . . . . . . . 0.2397 
'X-RAY DIFFRACTION' 1.87 2.06 . . 131 1254 99.86  . . . . 0.1904 . . . . . . . . . . . 0.2510 
'X-RAY DIFFRACTION' 2.06 2.36 . . 132 1257 100.00 . . . . 0.1811 . . . . . . . . . . . 0.2127 
'X-RAY DIFFRACTION' 2.36 2.97 . . 134 1286 100.00 . . . . 0.2218 . . . . . . . . . . . 0.2308 
# 
_struct.entry_id                     9BLJ 
_struct.title                        'Crystal structure of a serine protease inhibitor HPI from Hevea brasiliensis' 
_struct.pdbx_model_details           ? 
_struct.pdbx_formula_weight          ? 
_struct.pdbx_formula_weight_method   ? 
_struct.pdbx_model_type_details      ? 
_struct.pdbx_CASP_flag               N 
# 
_struct_keywords.entry_id        9BLJ 
_struct_keywords.text            'Serine protease inhibitor, PLANT PROTEIN' 
_struct_keywords.pdbx_keywords   'PLANT PROTEIN' 
# 
loop_
_struct_asym.id 
_struct_asym.pdbx_blank_PDB_chainid_flag 
_struct_asym.pdbx_modified 
_struct_asym.entity_id 
_struct_asym.details 
A N N 1 ? 
B N N 2 ? 
# 
_struct_ref.id                         1 
_struct_ref.db_name                    UNP 
_struct_ref.db_code                    HPI_HEVBR 
_struct_ref.pdbx_db_accession          Q6XNP7 
_struct_ref.pdbx_db_isoform            ? 
_struct_ref.entity_id                  1 
_struct_ref.pdbx_seq_one_letter_code   MASQCPVKNSWPELVGTNGDIAAGIIQTENANVKAIVVKEGLPITQDLNFNRVRVFVDENRVVTQVPAIG 
_struct_ref.pdbx_align_begin           1 
# 
_struct_ref_seq.align_id                      1 
_struct_ref_seq.ref_id                        1 
_struct_ref_seq.pdbx_PDB_id_code              9BLJ 
_struct_ref_seq.pdbx_strand_id                A 
_struct_ref_seq.seq_align_beg                 3 
_struct_ref_seq.pdbx_seq_align_beg_ins_code   ? 
_struct_ref_seq.seq_align_end                 72 
_struct_ref_seq.pdbx_seq_align_end_ins_code   ? 
_struct_ref_seq.pdbx_db_accession             Q6XNP7 
_struct_ref_seq.db_align_beg                  1 
_struct_ref_seq.pdbx_db_align_beg_ins_code    ? 
_struct_ref_seq.db_align_end                  70 
_struct_ref_seq.pdbx_db_align_end_ins_code    ? 
_struct_ref_seq.pdbx_auth_seq_align_beg       1 
_struct_ref_seq.pdbx_auth_seq_align_end       70 
# 
loop_
_struct_ref_seq_dif.align_id 
_struct_ref_seq_dif.pdbx_pdb_id_code 
_struct_ref_seq_dif.mon_id 
_struct_ref_seq_dif.pdbx_pdb_strand_id 
_struct_ref_seq_dif.seq_num 
_struct_ref_seq_dif.pdbx_pdb_ins_code 
_struct_ref_seq_dif.pdbx_seq_db_name 
_struct_ref_seq_dif.pdbx_seq_db_accession_code 
_struct_ref_seq_dif.db_mon_id 
_struct_ref_seq_dif.pdbx_seq_db_seq_num 
_struct_ref_seq_dif.details 
_struct_ref_seq_dif.pdbx_auth_seq_num 
_struct_ref_seq_dif.pdbx_ordinal 
1 9BLJ GLY A 1 ? UNP Q6XNP7 ? ? 'expression tag' -1 1 
1 9BLJ HIS A 2 ? UNP Q6XNP7 ? ? 'expression tag' 0  2 
# 
_pdbx_struct_assembly.id                   1 
_pdbx_struct_assembly.details              author_defined_assembly 
_pdbx_struct_assembly.method_details       ? 
_pdbx_struct_assembly.oligomeric_details   monomeric 
_pdbx_struct_assembly.oligomeric_count     1 
# 
_pdbx_struct_assembly_gen.assembly_id       1 
_pdbx_struct_assembly_gen.oper_expression   1 
_pdbx_struct_assembly_gen.asym_id_list      A,B 
# 
_pdbx_struct_oper_list.id                   1 
_pdbx_struct_oper_list.type                 'identity operation' 
_pdbx_struct_oper_list.name                 1_555 
_pdbx_struct_oper_list.symmetry_operation   x,y,z 
_pdbx_struct_oper_list.matrix[1][1]         1.0000000000 
_pdbx_struct_oper_list.matrix[1][2]         0.0000000000 
_pdbx_struct_oper_list.matrix[1][3]         0.0000000000 
_pdbx_struct_oper_list.vector[1]            0.0000000000 
_pdbx_struct_oper_list.matrix[2][1]         0.0000000000 
_pdbx_struct_oper_list.matrix[2][2]         1.0000000000 
_pdbx_struct_oper_list.matrix[2][3]         0.0000000000 
_pdbx_struct_oper_list.vector[2]            0.0000000000 
_pdbx_struct_oper_list.matrix[3][1]         0.0000000000 
_pdbx_struct_oper_list.matrix[3][2]         0.0000000000 
_pdbx_struct_oper_list.matrix[3][3]         1.0000000000 
_pdbx_struct_oper_list.vector[3]            0.0000000000 
# 
loop_
_struct_conf.conf_type_id 
_struct_conf.id 
_struct_conf.pdbx_PDB_helix_id 
_struct_conf.beg_label_comp_id 
_struct_conf.beg_label_asym_id 
_struct_conf.beg_label_seq_id 
_struct_conf.pdbx_beg_PDB_ins_code 
_struct_conf.end_label_comp_id 
_struct_conf.end_label_asym_id 
_struct_conf.end_label_seq_id 
_struct_conf.pdbx_end_PDB_ins_code 
_struct_conf.beg_auth_comp_id 
_struct_conf.beg_auth_asym_id 
_struct_conf.beg_auth_seq_id 
_struct_conf.end_auth_comp_id 
_struct_conf.end_auth_asym_id 
_struct_conf.end_auth_seq_id 
_struct_conf.pdbx_PDB_helix_class 
_struct_conf.details 
_struct_conf.pdbx_PDB_helix_length 
HELX_P HELX_P1 AA1 TRP A 13 ? VAL A 17 ? TRP A 11 VAL A 15 5 ? 5  
HELX_P HELX_P2 AA2 ASN A 20 ? ASN A 32 ? ASN A 18 ASN A 30 1 ? 13 
# 
_struct_conf_type.id          HELX_P 
_struct_conf_type.criteria    ? 
_struct_conf_type.reference   ? 
# 
_struct_sheet.id               AA1 
_struct_sheet.type             ? 
_struct_sheet.number_strands   3 
_struct_sheet.details          ? 
# 
loop_
_struct_sheet_order.sheet_id 
_struct_sheet_order.range_id_1 
_struct_sheet_order.range_id_2 
_struct_sheet_order.offset 
_struct_sheet_order.sense 
AA1 1 2 ? parallel      
AA1 2 3 ? anti-parallel 
# 
loop_
_struct_sheet_range.sheet_id 
_struct_sheet_range.id 
_struct_sheet_range.beg_label_comp_id 
_struct_sheet_range.beg_label_asym_id 
_struct_sheet_range.beg_label_seq_id 
_struct_sheet_range.pdbx_beg_PDB_ins_code 
_struct_sheet_range.end_label_comp_id 
_struct_sheet_range.end_label_asym_id 
_struct_sheet_range.end_label_seq_id 
_struct_sheet_range.pdbx_end_PDB_ins_code 
_struct_sheet_range.beg_auth_comp_id 
_struct_sheet_range.beg_auth_asym_id 
_struct_sheet_range.beg_auth_seq_id 
_struct_sheet_range.end_auth_comp_id 
_struct_sheet_range.end_auth_asym_id 
_struct_sheet_range.end_auth_seq_id 
AA1 1 LYS A 36 ? LYS A 41 ? LYS A 34 LYS A 39 
AA1 2 ASN A 51 ? VAL A 59 ? ASN A 49 VAL A 57 
AA1 3 ALA A 70 ? GLY A 72 ? ALA A 68 GLY A 70 
# 
loop_
_pdbx_struct_sheet_hbond.sheet_id 
_pdbx_struct_sheet_hbond.range_id_1 
_pdbx_struct_sheet_hbond.range_id_2 
_pdbx_struct_sheet_hbond.range_1_label_atom_id 
_pdbx_struct_sheet_hbond.range_1_label_comp_id 
_pdbx_struct_sheet_hbond.range_1_label_asym_id 
_pdbx_struct_sheet_hbond.range_1_label_seq_id 
_pdbx_struct_sheet_hbond.range_1_PDB_ins_code 
_pdbx_struct_sheet_hbond.range_1_auth_atom_id 
_pdbx_struct_sheet_hbond.range_1_auth_comp_id 
_pdbx_struct_sheet_hbond.range_1_auth_asym_id 
_pdbx_struct_sheet_hbond.range_1_auth_seq_id 
_pdbx_struct_sheet_hbond.range_2_label_atom_id 
_pdbx_struct_sheet_hbond.range_2_label_comp_id 
_pdbx_struct_sheet_hbond.range_2_label_asym_id 
_pdbx_struct_sheet_hbond.range_2_label_seq_id 
_pdbx_struct_sheet_hbond.range_2_PDB_ins_code 
_pdbx_struct_sheet_hbond.range_2_auth_atom_id 
_pdbx_struct_sheet_hbond.range_2_auth_comp_id 
_pdbx_struct_sheet_hbond.range_2_auth_asym_id 
_pdbx_struct_sheet_hbond.range_2_auth_seq_id 
AA1 1 2 N ILE A 38 ? N ILE A 36 O VAL A 57 ? O VAL A 55 
AA1 2 3 N ARG A 54 ? N ARG A 52 O GLY A 72 ? O GLY A 70 
# 
_pdbx_entry_details.entry_id                   9BLJ 
_pdbx_entry_details.nonpolymer_details         ? 
_pdbx_entry_details.sequence_details           ? 
_pdbx_entry_details.compound_details           
'The authors state that the first five residues were not observed in the electron density map due to flexibility.' 
_pdbx_entry_details.source_details             ? 
_pdbx_entry_details.has_ligand_of_interest     ? 
_pdbx_entry_details.has_protein_modification   N 
# 
_pdbx_struct_special_symmetry.id              1 
_pdbx_struct_special_symmetry.PDB_model_num   1 
_pdbx_struct_special_symmetry.auth_asym_id    A 
_pdbx_struct_special_symmetry.auth_comp_id    HOH 
_pdbx_struct_special_symmetry.auth_seq_id     114 
_pdbx_struct_special_symmetry.PDB_ins_code    ? 
_pdbx_struct_special_symmetry.label_asym_id   B 
_pdbx_struct_special_symmetry.label_comp_id   HOH 
_pdbx_struct_special_symmetry.label_seq_id    . 
# 
loop_
_space_group_symop.id 
_space_group_symop.operation_xyz 
1  x,y,z          
2  x-y,x,z+1/6    
3  y,-x+y,z+5/6   
4  -y,x-y,z+1/3   
5  -x+y,-x,z+2/3  
6  x-y,-y,-z      
7  -x,-x+y,-z+2/3 
8  -x,-y,z+1/2    
9  y,x,-z+1/3     
10 -y,-x,-z+5/6   
11 -x+y,y,-z+1/2  
12 x,x-y,-z+1/6   
# 
_pdbx_refine_tls.id               1 
_pdbx_refine_tls.pdbx_refine_id   'X-RAY DIFFRACTION' 
_pdbx_refine_tls.details          ? 
_pdbx_refine_tls.method           refined 
_pdbx_refine_tls.origin_x         -0.0118709040 
_pdbx_refine_tls.origin_y         -0.1316584094 
_pdbx_refine_tls.origin_z         -0.03054125348 
_pdbx_refine_tls.T[1][1]          0.222358291908 
_pdbx_refine_tls.T[1][1]_esd      ? 
_pdbx_refine_tls.T[1][2]          0.002127287748 
_pdbx_refine_tls.T[1][2]_esd      ? 
_pdbx_refine_tls.T[1][3]          0.012892061911 
_pdbx_refine_tls.T[1][3]_esd      ? 
_pdbx_refine_tls.T[2][2]          0.159660152524 
_pdbx_refine_tls.T[2][2]_esd      ? 
_pdbx_refine_tls.T[2][3]          0.030782373417 
_pdbx_refine_tls.T[2][3]_esd      ? 
_pdbx_refine_tls.T[3][3]          0.099466714658 
_pdbx_refine_tls.T[3][3]_esd      ? 
_pdbx_refine_tls.L[1][1]          2.60698924716 
_pdbx_refine_tls.L[1][1]_esd      ? 
_pdbx_refine_tls.L[1][2]          -0.675065055812 
_pdbx_refine_tls.L[1][2]_esd      ? 
_pdbx_refine_tls.L[1][3]          -1.093888203118 
_pdbx_refine_tls.L[1][3]_esd      ? 
_pdbx_refine_tls.L[2][2]          2.88172255171 
_pdbx_refine_tls.L[2][2]_esd      ? 
_pdbx_refine_tls.L[2][3]          1.153307195878 
_pdbx_refine_tls.L[2][3]_esd      ? 
_pdbx_refine_tls.L[3][3]          3.27173334335 
_pdbx_refine_tls.L[3][3]_esd      ? 
_pdbx_refine_tls.S[1][1]          -0.175824845214 
_pdbx_refine_tls.S[1][1]_esd      ? 
_pdbx_refine_tls.S[1][2]          0.059172417312 
_pdbx_refine_tls.S[1][2]_esd      ? 
_pdbx_refine_tls.S[1][3]          -0.095201637274 
_pdbx_refine_tls.S[1][3]_esd      ? 
_pdbx_refine_tls.S[2][1]          0.363253038649 
_pdbx_refine_tls.S[2][1]_esd      ? 
_pdbx_refine_tls.S[2][2]          0.11924884326 
_pdbx_refine_tls.S[2][2]_esd      ? 
_pdbx_refine_tls.S[2][3]          0.199725748862 
_pdbx_refine_tls.S[2][3]_esd      ? 
_pdbx_refine_tls.S[3][1]          0.439854720517 
_pdbx_refine_tls.S[3][1]_esd      ? 
_pdbx_refine_tls.S[3][2]          -0.193800457327 
_pdbx_refine_tls.S[3][2]_esd      ? 
_pdbx_refine_tls.S[3][3]          0.066588262505 
_pdbx_refine_tls.S[3][3]_esd      ? 
# 
_pdbx_refine_tls_group.id                  1 
_pdbx_refine_tls_group.pdbx_refine_id      'X-RAY DIFFRACTION' 
_pdbx_refine_tls_group.refine_tls_id       1 
_pdbx_refine_tls_group.beg_label_asym_id   A 
_pdbx_refine_tls_group.beg_label_seq_id    1 
_pdbx_refine_tls_group.beg_auth_asym_id    A 
_pdbx_refine_tls_group.beg_auth_seq_id     6 
_pdbx_refine_tls_group.beg_PDB_ins_code    ? 
_pdbx_refine_tls_group.end_label_asym_id   B 
_pdbx_refine_tls_group.end_label_seq_id    ? 
_pdbx_refine_tls_group.end_auth_asym_id    B 
_pdbx_refine_tls_group.end_auth_seq_id     45 
_pdbx_refine_tls_group.end_PDB_ins_code    ? 
_pdbx_refine_tls_group.selection           ? 
_pdbx_refine_tls_group.selection_details   all 
# 
loop_
_pdbx_unobs_or_zero_occ_residues.id 
_pdbx_unobs_or_zero_occ_residues.PDB_model_num 
_pdbx_unobs_or_zero_occ_residues.polymer_flag 
_pdbx_unobs_or_zero_occ_residues.occupancy_flag 
_pdbx_unobs_or_zero_occ_residues.auth_asym_id 
_pdbx_unobs_or_zero_occ_residues.auth_comp_id 
_pdbx_unobs_or_zero_occ_residues.auth_seq_id 
_pdbx_unobs_or_zero_occ_residues.PDB_ins_code 
_pdbx_unobs_or_zero_occ_residues.label_asym_id 
_pdbx_unobs_or_zero_occ_residues.label_comp_id 
_pdbx_unobs_or_zero_occ_residues.label_seq_id 
1 1 Y 1 A GLY -1 ? A GLY 1 
2 1 Y 1 A HIS 0  ? A HIS 2 
3 1 Y 1 A MET 1  ? A MET 3 
4 1 Y 1 A ALA 2  ? A ALA 4 
5 1 Y 1 A SER 3  ? A SER 5 
6 1 Y 1 A GLN 4  ? A GLN 6 
7 1 Y 1 A CYS 5  ? A CYS 7 
# 
loop_
_chem_comp_atom.comp_id 
_chem_comp_atom.atom_id 
_chem_comp_atom.type_symbol 
_chem_comp_atom.pdbx_aromatic_flag 
_chem_comp_atom.pdbx_stereo_config 
_chem_comp_atom.pdbx_ordinal 
ALA N    N N N 1   
ALA CA   C N S 2   
ALA C    C N N 3   
ALA O    O N N 4   
ALA CB   C N N 5   
ALA OXT  O N N 6   
ALA H    H N N 7   
ALA H2   H N N 8   
ALA HA   H N N 9   
ALA HB1  H N N 10  
ALA HB2  H N N 11  
ALA HB3  H N N 12  
ALA HXT  H N N 13  
ARG N    N N N 14  
ARG CA   C N S 15  
ARG C    C N N 16  
ARG O    O N N 17  
ARG CB   C N N 18  
ARG CG   C N N 19  
ARG CD   C N N 20  
ARG NE   N N N 21  
ARG CZ   C N N 22  
ARG NH1  N N N 23  
ARG NH2  N N N 24  
ARG OXT  O N N 25  
ARG H    H N N 26  
ARG H2   H N N 27  
ARG HA   H N N 28  
ARG HB2  H N N 29  
ARG HB3  H N N 30  
ARG HG2  H N N 31  
ARG HG3  H N N 32  
ARG HD2  H N N 33  
ARG HD3  H N N 34  
ARG HE   H N N 35  
ARG HH11 H N N 36  
ARG HH12 H N N 37  
ARG HH21 H N N 38  
ARG HH22 H N N 39  
ARG HXT  H N N 40  
ASN N    N N N 41  
ASN CA   C N S 42  
ASN C    C N N 43  
ASN O    O N N 44  
ASN CB   C N N 45  
ASN CG   C N N 46  
ASN OD1  O N N 47  
ASN ND2  N N N 48  
ASN OXT  O N N 49  
ASN H    H N N 50  
ASN H2   H N N 51  
ASN HA   H N N 52  
ASN HB2  H N N 53  
ASN HB3  H N N 54  
ASN HD21 H N N 55  
ASN HD22 H N N 56  
ASN HXT  H N N 57  
ASP N    N N N 58  
ASP CA   C N S 59  
ASP C    C N N 60  
ASP O    O N N 61  
ASP CB   C N N 62  
ASP CG   C N N 63  
ASP OD1  O N N 64  
ASP OD2  O N N 65  
ASP OXT  O N N 66  
ASP H    H N N 67  
ASP H2   H N N 68  
ASP HA   H N N 69  
ASP HB2  H N N 70  
ASP HB3  H N N 71  
ASP HD2  H N N 72  
ASP HXT  H N N 73  
CYS N    N N N 74  
CYS CA   C N R 75  
CYS C    C N N 76  
CYS O    O N N 77  
CYS CB   C N N 78  
CYS SG   S N N 79  
CYS OXT  O N N 80  
CYS H    H N N 81  
CYS H2   H N N 82  
CYS HA   H N N 83  
CYS HB2  H N N 84  
CYS HB3  H N N 85  
CYS HG   H N N 86  
CYS HXT  H N N 87  
GLN N    N N N 88  
GLN CA   C N S 89  
GLN C    C N N 90  
GLN O    O N N 91  
GLN CB   C N N 92  
GLN CG   C N N 93  
GLN CD   C N N 94  
GLN OE1  O N N 95  
GLN NE2  N N N 96  
GLN OXT  O N N 97  
GLN H    H N N 98  
GLN H2   H N N 99  
GLN HA   H N N 100 
GLN HB2  H N N 101 
GLN HB3  H N N 102 
GLN HG2  H N N 103 
GLN HG3  H N N 104 
GLN HE21 H N N 105 
GLN HE22 H N N 106 
GLN HXT  H N N 107 
GLU N    N N N 108 
GLU CA   C N S 109 
GLU C    C N N 110 
GLU O    O N N 111 
GLU CB   C N N 112 
GLU CG   C N N 113 
GLU CD   C N N 114 
GLU OE1  O N N 115 
GLU OE2  O N N 116 
GLU OXT  O N N 117 
GLU H    H N N 118 
GLU H2   H N N 119 
GLU HA   H N N 120 
GLU HB2  H N N 121 
GLU HB3  H N N 122 
GLU HG2  H N N 123 
GLU HG3  H N N 124 
GLU HE2  H N N 125 
GLU HXT  H N N 126 
GLY N    N N N 127 
GLY CA   C N N 128 
GLY C    C N N 129 
GLY O    O N N 130 
GLY OXT  O N N 131 
GLY H    H N N 132 
GLY H2   H N N 133 
GLY HA2  H N N 134 
GLY HA3  H N N 135 
GLY HXT  H N N 136 
HIS N    N N N 137 
HIS CA   C N S 138 
HIS C    C N N 139 
HIS O    O N N 140 
HIS CB   C N N 141 
HIS CG   C Y N 142 
HIS ND1  N Y N 143 
HIS CD2  C Y N 144 
HIS CE1  C Y N 145 
HIS NE2  N Y N 146 
HIS OXT  O N N 147 
HIS H    H N N 148 
HIS H2   H N N 149 
HIS HA   H N N 150 
HIS HB2  H N N 151 
HIS HB3  H N N 152 
HIS HD1  H N N 153 
HIS HD2  H N N 154 
HIS HE1  H N N 155 
HIS HE2  H N N 156 
HIS HXT  H N N 157 
HOH O    O N N 158 
HOH H1   H N N 159 
HOH H2   H N N 160 
ILE N    N N N 161 
ILE CA   C N S 162 
ILE C    C N N 163 
ILE O    O N N 164 
ILE CB   C N S 165 
ILE CG1  C N N 166 
ILE CG2  C N N 167 
ILE CD1  C N N 168 
ILE OXT  O N N 169 
ILE H    H N N 170 
ILE H2   H N N 171 
ILE HA   H N N 172 
ILE HB   H N N 173 
ILE HG12 H N N 174 
ILE HG13 H N N 175 
ILE HG21 H N N 176 
ILE HG22 H N N 177 
ILE HG23 H N N 178 
ILE HD11 H N N 179 
ILE HD12 H N N 180 
ILE HD13 H N N 181 
ILE HXT  H N N 182 
LEU N    N N N 183 
LEU CA   C N S 184 
LEU C    C N N 185 
LEU O    O N N 186 
LEU CB   C N N 187 
LEU CG   C N N 188 
LEU CD1  C N N 189 
LEU CD2  C N N 190 
LEU OXT  O N N 191 
LEU H    H N N 192 
LEU H2   H N N 193 
LEU HA   H N N 194 
LEU HB2  H N N 195 
LEU HB3  H N N 196 
LEU HG   H N N 197 
LEU HD11 H N N 198 
LEU HD12 H N N 199 
LEU HD13 H N N 200 
LEU HD21 H N N 201 
LEU HD22 H N N 202 
LEU HD23 H N N 203 
LEU HXT  H N N 204 
LYS N    N N N 205 
LYS CA   C N S 206 
LYS C    C N N 207 
LYS O    O N N 208 
LYS CB   C N N 209 
LYS CG   C N N 210 
LYS CD   C N N 211 
LYS CE   C N N 212 
LYS NZ   N N N 213 
LYS OXT  O N N 214 
LYS H    H N N 215 
LYS H2   H N N 216 
LYS HA   H N N 217 
LYS HB2  H N N 218 
LYS HB3  H N N 219 
LYS HG2  H N N 220 
LYS HG3  H N N 221 
LYS HD2  H N N 222 
LYS HD3  H N N 223 
LYS HE2  H N N 224 
LYS HE3  H N N 225 
LYS HZ1  H N N 226 
LYS HZ2  H N N 227 
LYS HZ3  H N N 228 
LYS HXT  H N N 229 
MET N    N N N 230 
MET CA   C N S 231 
MET C    C N N 232 
MET O    O N N 233 
MET CB   C N N 234 
MET CG   C N N 235 
MET SD   S N N 236 
MET CE   C N N 237 
MET OXT  O N N 238 
MET H    H N N 239 
MET H2   H N N 240 
MET HA   H N N 241 
MET HB2  H N N 242 
MET HB3  H N N 243 
MET HG2  H N N 244 
MET HG3  H N N 245 
MET HE1  H N N 246 
MET HE2  H N N 247 
MET HE3  H N N 248 
MET HXT  H N N 249 
PHE N    N N N 250 
PHE CA   C N S 251 
PHE C    C N N 252 
PHE O    O N N 253 
PHE CB   C N N 254 
PHE CG   C Y N 255 
PHE CD1  C Y N 256 
PHE CD2  C Y N 257 
PHE CE1  C Y N 258 
PHE CE2  C Y N 259 
PHE CZ   C Y N 260 
PHE OXT  O N N 261 
PHE H    H N N 262 
PHE H2   H N N 263 
PHE HA   H N N 264 
PHE HB2  H N N 265 
PHE HB3  H N N 266 
PHE HD1  H N N 267 
PHE HD2  H N N 268 
PHE HE1  H N N 269 
PHE HE2  H N N 270 
PHE HZ   H N N 271 
PHE HXT  H N N 272 
PRO N    N N N 273 
PRO CA   C N S 274 
PRO C    C N N 275 
PRO O    O N N 276 
PRO CB   C N N 277 
PRO CG   C N N 278 
PRO CD   C N N 279 
PRO OXT  O N N 280 
PRO H    H N N 281 
PRO HA   H N N 282 
PRO HB2  H N N 283 
PRO HB3  H N N 284 
PRO HG2  H N N 285 
PRO HG3  H N N 286 
PRO HD2  H N N 287 
PRO HD3  H N N 288 
PRO HXT  H N N 289 
SER N    N N N 290 
SER CA   C N S 291 
SER C    C N N 292 
SER O    O N N 293 
SER CB   C N N 294 
SER OG   O N N 295 
SER OXT  O N N 296 
SER H    H N N 297 
SER H2   H N N 298 
SER HA   H N N 299 
SER HB2  H N N 300 
SER HB3  H N N 301 
SER HG   H N N 302 
SER HXT  H N N 303 
THR N    N N N 304 
THR CA   C N S 305 
THR C    C N N 306 
THR O    O N N 307 
THR CB   C N R 308 
THR OG1  O N N 309 
THR CG2  C N N 310 
THR OXT  O N N 311 
THR H    H N N 312 
THR H2   H N N 313 
THR HA   H N N 314 
THR HB   H N N 315 
THR HG1  H N N 316 
THR HG21 H N N 317 
THR HG22 H N N 318 
THR HG23 H N N 319 
THR HXT  H N N 320 
TRP N    N N N 321 
TRP CA   C N S 322 
TRP C    C N N 323 
TRP O    O N N 324 
TRP CB   C N N 325 
TRP CG   C Y N 326 
TRP CD1  C Y N 327 
TRP CD2  C Y N 328 
TRP NE1  N Y N 329 
TRP CE2  C Y N 330 
TRP CE3  C Y N 331 
TRP CZ2  C Y N 332 
TRP CZ3  C Y N 333 
TRP CH2  C Y N 334 
TRP OXT  O N N 335 
TRP H    H N N 336 
TRP H2   H N N 337 
TRP HA   H N N 338 
TRP HB2  H N N 339 
TRP HB3  H N N 340 
TRP HD1  H N N 341 
TRP HE1  H N N 342 
TRP HE3  H N N 343 
TRP HZ2  H N N 344 
TRP HZ3  H N N 345 
TRP HH2  H N N 346 
TRP HXT  H N N 347 
VAL N    N N N 348 
VAL CA   C N S 349 
VAL C    C N N 350 
VAL O    O N N 351 
VAL CB   C N N 352 
VAL CG1  C N N 353 
VAL CG2  C N N 354 
VAL OXT  O N N 355 
VAL H    H N N 356 
VAL H2   H N N 357 
VAL HA   H N N 358 
VAL HB   H N N 359 
VAL HG11 H N N 360 
VAL HG12 H N N 361 
VAL HG13 H N N 362 
VAL HG21 H N N 363 
VAL HG22 H N N 364 
VAL HG23 H N N 365 
VAL HXT  H N N 366 
# 
loop_
_chem_comp_bond.comp_id 
_chem_comp_bond.atom_id_1 
_chem_comp_bond.atom_id_2 
_chem_comp_bond.value_order 
_chem_comp_bond.pdbx_aromatic_flag 
_chem_comp_bond.pdbx_stereo_config 
_chem_comp_bond.pdbx_ordinal 
ALA N   CA   sing N N 1   
ALA N   H    sing N N 2   
ALA N   H2   sing N N 3   
ALA CA  C    sing N N 4   
ALA CA  CB   sing N N 5   
ALA CA  HA   sing N N 6   
ALA C   O    doub N N 7   
ALA C   OXT  sing N N 8   
ALA CB  HB1  sing N N 9   
ALA CB  HB2  sing N N 10  
ALA CB  HB3  sing N N 11  
ALA OXT HXT  sing N N 12  
ARG N   CA   sing N N 13  
ARG N   H    sing N N 14  
ARG N   H2   sing N N 15  
ARG CA  C    sing N N 16  
ARG CA  CB   sing N N 17  
ARG CA  HA   sing N N 18  
ARG C   O    doub N N 19  
ARG C   OXT  sing N N 20  
ARG CB  CG   sing N N 21  
ARG CB  HB2  sing N N 22  
ARG CB  HB3  sing N N 23  
ARG CG  CD   sing N N 24  
ARG CG  HG2  sing N N 25  
ARG CG  HG3  sing N N 26  
ARG CD  NE   sing N N 27  
ARG CD  HD2  sing N N 28  
ARG CD  HD3  sing N N 29  
ARG NE  CZ   sing N N 30  
ARG NE  HE   sing N N 31  
ARG CZ  NH1  sing N N 32  
ARG CZ  NH2  doub N N 33  
ARG NH1 HH11 sing N N 34  
ARG NH1 HH12 sing N N 35  
ARG NH2 HH21 sing N N 36  
ARG NH2 HH22 sing N N 37  
ARG OXT HXT  sing N N 38  
ASN N   CA   sing N N 39  
ASN N   H    sing N N 40  
ASN N   H2   sing N N 41  
ASN CA  C    sing N N 42  
ASN CA  CB   sing N N 43  
ASN CA  HA   sing N N 44  
ASN C   O    doub N N 45  
ASN C   OXT  sing N N 46  
ASN CB  CG   sing N N 47  
ASN CB  HB2  sing N N 48  
ASN CB  HB3  sing N N 49  
ASN CG  OD1  doub N N 50  
ASN CG  ND2  sing N N 51  
ASN ND2 HD21 sing N N 52  
ASN ND2 HD22 sing N N 53  
ASN OXT HXT  sing N N 54  
ASP N   CA   sing N N 55  
ASP N   H    sing N N 56  
ASP N   H2   sing N N 57  
ASP CA  C    sing N N 58  
ASP CA  CB   sing N N 59  
ASP CA  HA   sing N N 60  
ASP C   O    doub N N 61  
ASP C   OXT  sing N N 62  
ASP CB  CG   sing N N 63  
ASP CB  HB2  sing N N 64  
ASP CB  HB3  sing N N 65  
ASP CG  OD1  doub N N 66  
ASP CG  OD2  sing N N 67  
ASP OD2 HD2  sing N N 68  
ASP OXT HXT  sing N N 69  
CYS N   CA   sing N N 70  
CYS N   H    sing N N 71  
CYS N   H2   sing N N 72  
CYS CA  C    sing N N 73  
CYS CA  CB   sing N N 74  
CYS CA  HA   sing N N 75  
CYS C   O    doub N N 76  
CYS C   OXT  sing N N 77  
CYS CB  SG   sing N N 78  
CYS CB  HB2  sing N N 79  
CYS CB  HB3  sing N N 80  
CYS SG  HG   sing N N 81  
CYS OXT HXT  sing N N 82  
GLN N   CA   sing N N 83  
GLN N   H    sing N N 84  
GLN N   H2   sing N N 85  
GLN CA  C    sing N N 86  
GLN CA  CB   sing N N 87  
GLN CA  HA   sing N N 88  
GLN C   O    doub N N 89  
GLN C   OXT  sing N N 90  
GLN CB  CG   sing N N 91  
GLN CB  HB2  sing N N 92  
GLN CB  HB3  sing N N 93  
GLN CG  CD   sing N N 94  
GLN CG  HG2  sing N N 95  
GLN CG  HG3  sing N N 96  
GLN CD  OE1  doub N N 97  
GLN CD  NE2  sing N N 98  
GLN NE2 HE21 sing N N 99  
GLN NE2 HE22 sing N N 100 
GLN OXT HXT  sing N N 101 
GLU N   CA   sing N N 102 
GLU N   H    sing N N 103 
GLU N   H2   sing N N 104 
GLU CA  C    sing N N 105 
GLU CA  CB   sing N N 106 
GLU CA  HA   sing N N 107 
GLU C   O    doub N N 108 
GLU C   OXT  sing N N 109 
GLU CB  CG   sing N N 110 
GLU CB  HB2  sing N N 111 
GLU CB  HB3  sing N N 112 
GLU CG  CD   sing N N 113 
GLU CG  HG2  sing N N 114 
GLU CG  HG3  sing N N 115 
GLU CD  OE1  doub N N 116 
GLU CD  OE2  sing N N 117 
GLU OE2 HE2  sing N N 118 
GLU OXT HXT  sing N N 119 
GLY N   CA   sing N N 120 
GLY N   H    sing N N 121 
GLY N   H2   sing N N 122 
GLY CA  C    sing N N 123 
GLY CA  HA2  sing N N 124 
GLY CA  HA3  sing N N 125 
GLY C   O    doub N N 126 
GLY C   OXT  sing N N 127 
GLY OXT HXT  sing N N 128 
HIS N   CA   sing N N 129 
HIS N   H    sing N N 130 
HIS N   H2   sing N N 131 
HIS CA  C    sing N N 132 
HIS CA  CB   sing N N 133 
HIS CA  HA   sing N N 134 
HIS C   O    doub N N 135 
HIS C   OXT  sing N N 136 
HIS CB  CG   sing N N 137 
HIS CB  HB2  sing N N 138 
HIS CB  HB3  sing N N 139 
HIS CG  ND1  sing Y N 140 
HIS CG  CD2  doub Y N 141 
HIS ND1 CE1  doub Y N 142 
HIS ND1 HD1  sing N N 143 
HIS CD2 NE2  sing Y N 144 
HIS CD2 HD2  sing N N 145 
HIS CE1 NE2  sing Y N 146 
HIS CE1 HE1  sing N N 147 
HIS NE2 HE2  sing N N 148 
HIS OXT HXT  sing N N 149 
HOH O   H1   sing N N 150 
HOH O   H2   sing N N 151 
ILE N   CA   sing N N 152 
ILE N   H    sing N N 153 
ILE N   H2   sing N N 154 
ILE CA  C    sing N N 155 
ILE CA  CB   sing N N 156 
ILE CA  HA   sing N N 157 
ILE C   O    doub N N 158 
ILE C   OXT  sing N N 159 
ILE CB  CG1  sing N N 160 
ILE CB  CG2  sing N N 161 
ILE CB  HB   sing N N 162 
ILE CG1 CD1  sing N N 163 
ILE CG1 HG12 sing N N 164 
ILE CG1 HG13 sing N N 165 
ILE CG2 HG21 sing N N 166 
ILE CG2 HG22 sing N N 167 
ILE CG2 HG23 sing N N 168 
ILE CD1 HD11 sing N N 169 
ILE CD1 HD12 sing N N 170 
ILE CD1 HD13 sing N N 171 
ILE OXT HXT  sing N N 172 
LEU N   CA   sing N N 173 
LEU N   H    sing N N 174 
LEU N   H2   sing N N 175 
LEU CA  C    sing N N 176 
LEU CA  CB   sing N N 177 
LEU CA  HA   sing N N 178 
LEU C   O    doub N N 179 
LEU C   OXT  sing N N 180 
LEU CB  CG   sing N N 181 
LEU CB  HB2  sing N N 182 
LEU CB  HB3  sing N N 183 
LEU CG  CD1  sing N N 184 
LEU CG  CD2  sing N N 185 
LEU CG  HG   sing N N 186 
LEU CD1 HD11 sing N N 187 
LEU CD1 HD12 sing N N 188 
LEU CD1 HD13 sing N N 189 
LEU CD2 HD21 sing N N 190 
LEU CD2 HD22 sing N N 191 
LEU CD2 HD23 sing N N 192 
LEU OXT HXT  sing N N 193 
LYS N   CA   sing N N 194 
LYS N   H    sing N N 195 
LYS N   H2   sing N N 196 
LYS CA  C    sing N N 197 
LYS CA  CB   sing N N 198 
LYS CA  HA   sing N N 199 
LYS C   O    doub N N 200 
LYS C   OXT  sing N N 201 
LYS CB  CG   sing N N 202 
LYS CB  HB2  sing N N 203 
LYS CB  HB3  sing N N 204 
LYS CG  CD   sing N N 205 
LYS CG  HG2  sing N N 206 
LYS CG  HG3  sing N N 207 
LYS CD  CE   sing N N 208 
LYS CD  HD2  sing N N 209 
LYS CD  HD3  sing N N 210 
LYS CE  NZ   sing N N 211 
LYS CE  HE2  sing N N 212 
LYS CE  HE3  sing N N 213 
LYS NZ  HZ1  sing N N 214 
LYS NZ  HZ2  sing N N 215 
LYS NZ  HZ3  sing N N 216 
LYS OXT HXT  sing N N 217 
MET N   CA   sing N N 218 
MET N   H    sing N N 219 
MET N   H2   sing N N 220 
MET CA  C    sing N N 221 
MET CA  CB   sing N N 222 
MET CA  HA   sing N N 223 
MET C   O    doub N N 224 
MET C   OXT  sing N N 225 
MET CB  CG   sing N N 226 
MET CB  HB2  sing N N 227 
MET CB  HB3  sing N N 228 
MET CG  SD   sing N N 229 
MET CG  HG2  sing N N 230 
MET CG  HG3  sing N N 231 
MET SD  CE   sing N N 232 
MET CE  HE1  sing N N 233 
MET CE  HE2  sing N N 234 
MET CE  HE3  sing N N 235 
MET OXT HXT  sing N N 236 
PHE N   CA   sing N N 237 
PHE N   H    sing N N 238 
PHE N   H2   sing N N 239 
PHE CA  C    sing N N 240 
PHE CA  CB   sing N N 241 
PHE CA  HA   sing N N 242 
PHE C   O    doub N N 243 
PHE C   OXT  sing N N 244 
PHE CB  CG   sing N N 245 
PHE CB  HB2  sing N N 246 
PHE CB  HB3  sing N N 247 
PHE CG  CD1  doub Y N 248 
PHE CG  CD2  sing Y N 249 
PHE CD1 CE1  sing Y N 250 
PHE CD1 HD1  sing N N 251 
PHE CD2 CE2  doub Y N 252 
PHE CD2 HD2  sing N N 253 
PHE CE1 CZ   doub Y N 254 
PHE CE1 HE1  sing N N 255 
PHE CE2 CZ   sing Y N 256 
PHE CE2 HE2  sing N N 257 
PHE CZ  HZ   sing N N 258 
PHE OXT HXT  sing N N 259 
PRO N   CA   sing N N 260 
PRO N   CD   sing N N 261 
PRO N   H    sing N N 262 
PRO CA  C    sing N N 263 
PRO CA  CB   sing N N 264 
PRO CA  HA   sing N N 265 
PRO C   O    doub N N 266 
PRO C   OXT  sing N N 267 
PRO CB  CG   sing N N 268 
PRO CB  HB2  sing N N 269 
PRO CB  HB3  sing N N 270 
PRO CG  CD   sing N N 271 
PRO CG  HG2  sing N N 272 
PRO CG  HG3  sing N N 273 
PRO CD  HD2  sing N N 274 
PRO CD  HD3  sing N N 275 
PRO OXT HXT  sing N N 276 
SER N   CA   sing N N 277 
SER N   H    sing N N 278 
SER N   H2   sing N N 279 
SER CA  C    sing N N 280 
SER CA  CB   sing N N 281 
SER CA  HA   sing N N 282 
SER C   O    doub N N 283 
SER C   OXT  sing N N 284 
SER CB  OG   sing N N 285 
SER CB  HB2  sing N N 286 
SER CB  HB3  sing N N 287 
SER OG  HG   sing N N 288 
SER OXT HXT  sing N N 289 
THR N   CA   sing N N 290 
THR N   H    sing N N 291 
THR N   H2   sing N N 292 
THR CA  C    sing N N 293 
THR CA  CB   sing N N 294 
THR CA  HA   sing N N 295 
THR C   O    doub N N 296 
THR C   OXT  sing N N 297 
THR CB  OG1  sing N N 298 
THR CB  CG2  sing N N 299 
THR CB  HB   sing N N 300 
THR OG1 HG1  sing N N 301 
THR CG2 HG21 sing N N 302 
THR CG2 HG22 sing N N 303 
THR CG2 HG23 sing N N 304 
THR OXT HXT  sing N N 305 
TRP N   CA   sing N N 306 
TRP N   H    sing N N 307 
TRP N   H2   sing N N 308 
TRP CA  C    sing N N 309 
TRP CA  CB   sing N N 310 
TRP CA  HA   sing N N 311 
TRP C   O    doub N N 312 
TRP C   OXT  sing N N 313 
TRP CB  CG   sing N N 314 
TRP CB  HB2  sing N N 315 
TRP CB  HB3  sing N N 316 
TRP CG  CD1  doub Y N 317 
TRP CG  CD2  sing Y N 318 
TRP CD1 NE1  sing Y N 319 
TRP CD1 HD1  sing N N 320 
TRP CD2 CE2  doub Y N 321 
TRP CD2 CE3  sing Y N 322 
TRP NE1 CE2  sing Y N 323 
TRP NE1 HE1  sing N N 324 
TRP CE2 CZ2  sing Y N 325 
TRP CE3 CZ3  doub Y N 326 
TRP CE3 HE3  sing N N 327 
TRP CZ2 CH2  doub Y N 328 
TRP CZ2 HZ2  sing N N 329 
TRP CZ3 CH2  sing Y N 330 
TRP CZ3 HZ3  sing N N 331 
TRP CH2 HH2  sing N N 332 
TRP OXT HXT  sing N N 333 
VAL N   CA   sing N N 334 
VAL N   H    sing N N 335 
VAL N   H2   sing N N 336 
VAL CA  C    sing N N 337 
VAL CA  CB   sing N N 338 
VAL CA  HA   sing N N 339 
VAL C   O    doub N N 340 
VAL C   OXT  sing N N 341 
VAL CB  CG1  sing N N 342 
VAL CB  CG2  sing N N 343 
VAL CB  HB   sing N N 344 
VAL CG1 HG11 sing N N 345 
VAL CG1 HG12 sing N N 346 
VAL CG1 HG13 sing N N 347 
VAL CG2 HG21 sing N N 348 
VAL CG2 HG22 sing N N 349 
VAL CG2 HG23 sing N N 350 
VAL OXT HXT  sing N N 351 
# 
_pdbx_audit_support.funding_organization   'Consejo Nacional de Ciencia y Tecnologia (CONACYT)' 
_pdbx_audit_support.country                Mexico 
_pdbx_audit_support.grant_number           'CF 2019-87163' 
_pdbx_audit_support.ordinal                1 
# 
_pdbx_initial_refinement_model.id               1 
_pdbx_initial_refinement_model.entity_id_list   ? 
_pdbx_initial_refinement_model.type             'in silico model' 
_pdbx_initial_refinement_model.source_name      AlphaFold 
_pdbx_initial_refinement_model.accession_code   ? 
_pdbx_initial_refinement_model.details          ? 
# 
_space_group.name_H-M_alt     'P 61 2 2' 
_space_group.name_Hall        'P 61 2 (x,y,z+5/12)' 
_space_group.IT_number        178 
_space_group.crystal_system   hexagonal 
_space_group.id               1 
# 
_atom_sites.entry_id                    9BLJ 
_atom_sites.Cartn_transf_matrix[1][1]   ? 
_atom_sites.Cartn_transf_matrix[1][2]   ? 
_atom_sites.Cartn_transf_matrix[1][3]   ? 
_atom_sites.Cartn_transf_matrix[2][1]   ? 
_atom_sites.Cartn_transf_matrix[2][2]   ? 
_atom_sites.Cartn_transf_matrix[2][3]   ? 
_atom_sites.Cartn_transf_matrix[3][1]   ? 
_atom_sites.Cartn_transf_matrix[3][2]   ? 
_atom_sites.Cartn_transf_matrix[3][3]   ? 
_atom_sites.Cartn_transf_vector[1]      ? 
_atom_sites.Cartn_transf_vector[2]      ? 
_atom_sites.Cartn_transf_vector[3]      ? 
_atom_sites.Cartn_transform_axes        ? 
_atom_sites.fract_transf_matrix[1][1]   -0.02121079 
_atom_sites.fract_transf_matrix[1][2]   -0.01175300 
_atom_sites.fract_transf_matrix[1][3]   0.00166358 
_atom_sites.fract_transf_matrix[2][1]   -0.00231496 
_atom_sites.fract_transf_matrix[2][2]   -0.01879943 
_atom_sites.fract_transf_matrix[2][3]   0.01523168 
_atom_sites.fract_transf_matrix[3][1]   -0.00301036 
_atom_sites.fract_transf_matrix[3][2]   0.00650440 
_atom_sites.fract_transf_matrix[3][3]   0.00757041 
_atom_sites.fract_transf_vector[1]      -0.163857 
_atom_sites.fract_transf_vector[2]      0.283804 
_atom_sites.fract_transf_vector[3]      0.025790 
_atom_sites.solution_primary            ? 
_atom_sites.solution_secondary          ? 
_atom_sites.solution_hydrogens          ? 
_atom_sites.special_details             ? 
# 
loop_
_atom_type.symbol 
_atom_type.scat_dispersion_real 
_atom_type.scat_dispersion_imag 
_atom_type.scat_Cromer_Mann_a1 
_atom_type.scat_Cromer_Mann_a2 
_atom_type.scat_Cromer_Mann_a3 
_atom_type.scat_Cromer_Mann_a4 
_atom_type.scat_Cromer_Mann_b1 
_atom_type.scat_Cromer_Mann_b2 
_atom_type.scat_Cromer_Mann_b3 
_atom_type.scat_Cromer_Mann_b4 
_atom_type.scat_Cromer_Mann_c 
_atom_type.scat_source 
_atom_type.scat_dispersion_source 
C ? ? 3.54356 2.42580 ? ? 25.62398 1.50364 ? ? 0.0 
;2-Gaussian fit: Grosse-Kunstleve RW, Sauter NK, Adams PD: Newsletter of the IUCr Commission on Crystallographic Computing 2004, 3, 22-31.
;
? 
N ? ? 4.01032 2.96436 ? ? 19.97189 1.75589 ? ? 0.0 
;2-Gaussian fit: Grosse-Kunstleve RW, Sauter NK, Adams PD: Newsletter of the IUCr Commission on Crystallographic Computing 2004, 3, 22-31.
;
? 
O ? ? 4.49882 3.47563 ? ? 15.80542 1.70748 ? ? 0.0 
;2-Gaussian fit: Grosse-Kunstleve RW, Sauter NK, Adams PD: Newsletter of the IUCr Commission on Crystallographic Computing 2004, 3, 22-31.
;
? 
# 
loop_
_atom_site.group_PDB 
_atom_site.id 
_atom_site.type_symbol 
_atom_site.label_atom_id 
_atom_site.label_alt_id 
_atom_site.label_comp_id 
_atom_site.label_asym_id 
_atom_site.label_entity_id 
_atom_site.label_seq_id 
_atom_site.pdbx_PDB_ins_code 
_atom_site.Cartn_x 
_atom_site.Cartn_y 
_atom_site.Cartn_z 
_atom_site.occupancy 
_atom_site.B_iso_or_equiv 
_atom_site.pdbx_formal_charge 
_atom_site.auth_seq_id 
_atom_site.auth_comp_id 
_atom_site.auth_asym_id 
_atom_site.auth_atom_id 
_atom_site.pdbx_PDB_model_num 
ATOM   1   N N   . PRO A 1 8  ? 18.11152  4.99055   5.33103   1.000 58.44427 ? 6   PRO A N   1 
ATOM   2   C CA  . PRO A 1 8  ? 17.02708  4.01427   5.52299   1.000 56.69366 ? 6   PRO A CA  1 
ATOM   3   C C   . PRO A 1 8  ? 15.92281  4.19503   4.48926   1.000 50.84754 ? 6   PRO A C   1 
ATOM   4   O O   . PRO A 1 8  ? 15.45486  5.31287   4.28555   1.000 45.22165 ? 6   PRO A O   1 
ATOM   5   C CB  . PRO A 1 8  ? 16.51597  4.32070   6.93680   1.000 58.27779 ? 6   PRO A CB  1 
ATOM   6   C CG  . PRO A 1 8  ? 17.62431  5.05774   7.59274   1.000 55.63110 ? 6   PRO A CG  1 
ATOM   7   C CD  . PRO A 1 8  ? 18.28865  5.85543   6.50563   1.000 57.63402 ? 6   PRO A CD  1 
ATOM   8   N N   . VAL A 1 9  ? 15.49925  3.12348   3.82758   1.000 50.29865 ? 7   VAL A N   1 
ATOM   9   C CA  . VAL A 1 9  ? 14.51714  3.27283   2.76230   1.000 45.05113 ? 7   VAL A CA  1 
ATOM   10  C C   . VAL A 1 9  ? 13.12729  3.46638   3.37277   1.000 39.55503 ? 7   VAL A C   1 
ATOM   11  O O   . VAL A 1 9  ? 12.80728  2.94244   4.44660   1.000 39.69517 ? 7   VAL A O   1 
ATOM   12  C CB  . VAL A 1 9  ? 14.58407  2.07475   1.78724   1.000 42.90786 ? 7   VAL A CB  1 
ATOM   13  C CG1 . VAL A 1 9  ? 14.17307  0.76844   2.47321   1.000 48.21625 ? 7   VAL A CG1 1 
ATOM   14  C CG2 . VAL A 1 9  ? 13.79038  2.35505   0.47107   1.000 43.26459 ? 7   VAL A CG2 1 
ATOM   15  N N   . LYS A 1 10 ? 12.32459  4.29901   2.72965   1.000 34.78189 ? 8   LYS A N   1 
ATOM   16  C CA  . LYS A 1 10 ? 10.96690  4.54403   3.20711   1.000 31.75517 ? 8   LYS A CA  1 
ATOM   17  C C   . LYS A 1 10 ? 10.13728  3.26633   3.12584   1.000 31.08326 ? 8   LYS A C   1 
ATOM   18  O O   . LYS A 1 10 ? 10.13317  2.58988   2.08657   1.000 27.00274 ? 8   LYS A O   1 
ATOM   19  C CB  . LYS A 1 10 ? 10.34459  5.62732   2.36089   1.000 31.95382 ? 8   LYS A CB  1 
ATOM   20  C CG  . LYS A 1 10 ? 9.12043   6.22191   2.95704   1.000 31.89924 ? 8   LYS A CG  1 
ATOM   21  C CD  . LYS A 1 10 ? 8.78388   7.39866   2.13261   1.000 32.48246 ? 8   LYS A CD  1 
ATOM   22  C CE  . LYS A 1 10 ? 7.42764   7.85788   2.47637   1.000 26.98787 ? 8   LYS A CE  1 
ATOM   23  N NZ  . LYS A 1 10 ? 7.15290   8.98728   1.57862   1.000 26.55976 ? 8   LYS A NZ  1 
ATOM   24  N N   . ASN A 1 11 ? 9.46583   2.89500   4.22108   1.000 26.53844 ? 9   ASN A N   1 
ATOM   25  C CA  . ASN A 1 11 ? 8.60811   1.71143   4.13457   1.000 24.90020 ? 9   ASN A CA  1 
ATOM   26  C C   . ASN A 1 11 ? 7.18209   1.93468   4.63883   1.000 23.70743 ? 9   ASN A C   1 
ATOM   27  O O   . ASN A 1 11 ? 6.47268   0.95606   4.88034   1.000 21.10544 ? 9   ASN A O   1 
ATOM   28  C CB  . ASN A 1 11 ? 9.21295   0.50096   4.84077   1.000 34.80611 ? 9   ASN A CB  1 
ATOM   29  C CG  . ASN A 1 11 ? 9.70648   0.80845   6.18427   1.000 39.08412 ? 9   ASN A CG  1 
ATOM   30  O OD1 . ASN A 1 11 ? 9.22952   1.75636   6.85369   1.000 36.94683 ? 9   ASN A OD1 1 
ATOM   31  N ND2 . ASN A 1 11 ? 10.69598  0.01729   6.63068   1.000 39.99921 ? 9   ASN A ND2 1 
ATOM   32  N N   . SER A 1 12 ? 6.73497   3.17777   4.77970   1.000 19.96809 ? 10  SER A N   1 
ATOM   33  C CA  . SER A 1 12 ? 5.32137   3.40362   5.05597   1.000 18.57047 ? 10  SER A CA  1 
ATOM   34  C C   . SER A 1 12 ? 4.95878   4.76476   4.51081   1.000 17.16604 ? 10  SER A C   1 
ATOM   35  O O   . SER A 1 12 ? 5.81785   5.65066   4.39983   1.000 19.08989 ? 10  SER A O   1 
ATOM   36  C CB  . SER A 1 12 ? 4.94657   3.30320   6.53695   1.000 24.44353 ? 10  SER A CB  1 
ATOM   37  O OG  . SER A 1 12 ? 5.57059   4.32917   7.30776   1.000 28.85883 ? 10  SER A OG  1 
ATOM   38  N N   . TRP A 1 13 ? 3.68300   4.93752   4.17027   1.000 17.32500 ? 11  TRP A N   1 
ATOM   39  C CA  . TRP A 1 13 ? 3.25147   6.09826   3.38509   1.000 16.76308 ? 11  TRP A CA  1 
ATOM   40  C C   . TRP A 1 13 ? 2.01702   6.72381   4.02763   1.000 16.91076 ? 11  TRP A C   1 
ATOM   41  O O   . TRP A 1 13 ? 0.95730   6.78220   3.42161   1.000 16.06887 ? 11  TRP A O   1 
ATOM   42  C CB  . TRP A 1 13 ? 2.97605   5.71135   1.92929   1.000 17.11208 ? 11  TRP A CB  1 
ATOM   43  C CG  . TRP A 1 13 ? 4.22791   5.41313   1.13666   1.000 16.03925 ? 11  TRP A CG  1 
ATOM   44  C CD1 . TRP A 1 13 ? 4.88958   6.27292   0.30862   1.000 20.39819 ? 11  TRP A CD1 1 
ATOM   45  C CD2 . TRP A 1 13 ? 4.98959   4.19482   1.16633   1.000 14.67229 ? 11  TRP A CD2 1 
ATOM   46  N NE1 . TRP A 1 13 ? 6.03013   5.66363   -0.17713  1.000 20.08499 ? 11  TRP A NE1 1 
ATOM   47  C CE2 . TRP A 1 13 ? 6.09368   4.38196   0.31058   1.000 21.35161 ? 11  TRP A CE2 1 
ATOM   48  C CE3 . TRP A 1 13 ? 4.83090   2.94844   1.81933   1.000 17.92654 ? 11  TRP A CE3 1 
ATOM   49  C CZ2 . TRP A 1 13 ? 7.05282   3.38601   0.08499   1.000 19.27376 ? 11  TRP A CZ2 1 
ATOM   50  C CZ3 . TRP A 1 13 ? 5.79627   1.92869   1.57287   1.000 15.81310 ? 11  TRP A CZ3 1 
ATOM   51  C CH2 . TRP A 1 13 ? 6.89790   2.18405   0.72690   1.000 17.39497 ? 11  TRP A CH2 1 
ATOM   52  N N   . PRO A 1 14 ? 2.12808   7.22118   5.26267   1.000 20.14285 ? 12  PRO A N   1 
ATOM   53  C CA  . PRO A 1 14 ? 0.92445   7.84549   5.89920   1.000 20.36271 ? 12  PRO A CA  1 
ATOM   54  C C   . PRO A 1 14 ? 0.31805   8.98612   5.09290   1.000 19.31348 ? 12  PRO A C   1 
ATOM   55  O O   . PRO A 1 14 ? -0.91434  9.19017   5.09935   1.000 20.07425 ? 12  PRO A O   1 
ATOM   56  C CB  . PRO A 1 14 ? 1.44895   8.33631   7.26196   1.000 22.20990 ? 12  PRO A CB  1 
ATOM   57  C CG  . PRO A 1 14 ? 2.95753   8.48027   7.08585   1.000 20.99762 ? 12  PRO A CG  1 
ATOM   58  C CD  . PRO A 1 14 ? 3.33649   7.33521   6.10303   1.000 18.96035 ? 12  PRO A CD  1 
ATOM   59  N N   . GLU A 1 15 ? 1.12910   9.69692   4.32749   1.000 22.32489 ? 13  GLU A N   1 
ATOM   60  C CA  . GLU A 1 15 ? 0.64247   10.82563  3.54240   1.000 19.91982 ? 13  GLU A CA  1 
ATOM   61  C C   . GLU A 1 15 ? -0.20494  10.40721  2.34994   1.000 18.68486 ? 13  GLU A C   1 
ATOM   62  O O   . GLU A 1 15 ? -0.85311  11.27150  1.76056   1.000 23.77124 ? 13  GLU A O   1 
ATOM   63  C CB  . GLU A 1 15 ? 1.82045   11.64573  3.02134   1.000 22.99515 ? 13  GLU A CB  1 
ATOM   64  C CG  . GLU A 1 15 ? 2.58976   10.94113  1.88651   1.000 23.43789 ? 13  GLU A CG  1 
ATOM   65  C CD  . GLU A 1 15 ? 3.66631   9.94083   2.38558   1.000 26.75407 ? 13  GLU A CD  1 
ATOM   66  O OE1 . GLU A 1 15 ? 3.73613   9.62014   3.59263   1.000 26.75340 ? 13  GLU A OE1 1 
ATOM   67  O OE2 . GLU A 1 15 ? 4.45286   9.44188   1.54508   1.000 28.20001 ? 13  GLU A OE2 1 
ATOM   68  N N   . LEU A 1 16 ? -0.29389  9.11526   2.03301   1.000 15.74226 ? 14  LEU A N   1 
ATOM   69  C CA  . LEU A 1 16 ? -1.15271  8.67855   0.92052   1.000 20.18952 ? 14  LEU A CA  1 
ATOM   70  C C   . LEU A 1 16 ? -2.53773  8.23873   1.37589   1.000 19.89617 ? 14  LEU A C   1 
ATOM   71  O O   . LEU A 1 16 ? -3.40166  7.95484   0.53007   1.000 19.46333 ? 14  LEU A O   1 
ATOM   72  C CB  . LEU A 1 16 ? -0.48447  7.54832   0.12498   1.000 19.22762 ? 14  LEU A CB  1 
ATOM   73  C CG  . LEU A 1 16 ? 0.85065   7.97461   -0.49474  1.000 18.73480 ? 14  LEU A CG  1 
ATOM   74  C CD1 . LEU A 1 16 ? 1.48631   6.79580   -1.27248  1.000 17.38419 ? 14  LEU A CD1 1 
ATOM   75  C CD2 . LEU A 1 16 ? 0.70603   9.23994   -1.35107  1.000 20.16827 ? 14  LEU A CD2 1 
ATOM   76  N N   . VAL A 1 17 ? -2.80225  8.20305   2.68519   1.000 19.71513 ? 15  VAL A N   1 
ATOM   77  C CA  . VAL A 1 17 ? -4.15222  7.90879   3.11532   1.000 16.62031 ? 15  VAL A CA  1 
ATOM   78  C C   . VAL A 1 17 ? -5.07844  9.01718   2.59995   1.000 23.72433 ? 15  VAL A C   1 
ATOM   79  O O   . VAL A 1 17 ? -4.74302  10.21629  2.65712   1.000 22.90311 ? 15  VAL A O   1 
ATOM   80  C CB  . VAL A 1 17 ? -4.23953  7.81008   4.65113   1.000 20.00241 ? 15  VAL A CB  1 
ATOM   81  C CG1 . VAL A 1 17 ? -5.70332  7.65326   5.03638   1.000 23.03427 ? 15  VAL A CG1 1 
ATOM   82  C CG2 . VAL A 1 17 ? -3.38673  6.64156   5.24620   1.000 18.90829 ? 15  VAL A CG2 1 
ATOM   83  N N   . GLY A 1 18 ? -6.23252  8.62388   2.05798   1.000 22.71956 ? 16  GLY A N   1 
ATOM   84  C CA  . GLY A 1 18 ? -7.16757  9.58396   1.47948   1.000 26.61513 ? 16  GLY A CA  1 
ATOM   85  C C   . GLY A 1 18 ? -6.92065  9.89437   0.01444   1.000 24.13106 ? 16  GLY A C   1 
ATOM   86  O O   . GLY A 1 18 ? -7.68233  10.66786  -0.57681  1.000 28.24241 ? 16  GLY A O   1 
ATOM   87  N N   . THR A 1 19 ? -5.90252  9.32400   -0.59358  1.000 20.88578 ? 17  THR A N   1 
ATOM   88  C CA  . THR A 1 19 ? -5.62317  9.49615   -2.01200  1.000 21.95850 ? 17  THR A CA  1 
ATOM   89  C C   . THR A 1 19 ? -6.16187  8.31197   -2.80661  1.000 24.06309 ? 17  THR A C   1 
ATOM   90  O O   . THR A 1 19 ? -6.55105  7.29087   -2.23886  1.000 23.42599 ? 17  THR A O   1 
ATOM   91  C CB  . THR A 1 19 ? -4.12306  9.68179   -2.25999  1.000 27.16883 ? 17  THR A CB  1 
ATOM   92  O OG1 . THR A 1 19 ? -3.40838  8.44104   -2.10861  1.000 26.64508 ? 17  THR A OG1 1 
ATOM   93  C CG2 . THR A 1 19 ? -3.58009  10.78603  -1.32565  1.000 26.58565 ? 17  THR A CG2 1 
ATOM   94  N N   . ASN A 1 20 ? -6.19400  8.45624   -4.13843  1.000 20.11164 ? 18  ASN A N   1 
ATOM   95  C CA  . ASN A 1 20 ? -6.56749  7.31704   -4.97756  1.000 20.86648 ? 18  ASN A CA  1 
ATOM   96  C C   . ASN A 1 20 ? -5.53843  6.18243   -4.86747  1.000 20.32594 ? 18  ASN A C   1 
ATOM   97  O O   . ASN A 1 20 ? -4.33636  6.40610   -4.95926  1.000 17.34894 ? 18  ASN A O   1 
ATOM   98  C CB  . ASN A 1 20 ? -6.72399  7.74536   -6.44193  1.000 25.33218 ? 18  ASN A CB  1 
ATOM   99  C CG  . ASN A 1 20 ? -6.95585  6.57114   -7.36255  1.000 23.60406 ? 18  ASN A CG  1 
ATOM   100 O OD1 . ASN A 1 20 ? -6.01347  5.98629   -7.87268  1.000 22.04312 ? 18  ASN A OD1 1 
ATOM   101 N ND2 . ASN A 1 20 ? -8.21263  6.21320   -7.57517  1.000 29.60202 ? 18  ASN A ND2 1 
ATOM   102 N N   . GLY A 1 21 ? -6.01216  4.93605   -4.71209  1.000 19.81370 ? 19  GLY A N   1 
ATOM   103 C CA  . GLY A 1 21 ? -5.07457  3.85373   -4.42480  1.000 21.26008 ? 19  GLY A CA  1 
ATOM   104 C C   . GLY A 1 21 ? -4.22573  3.47705   -5.61208  1.000 19.73026 ? 19  GLY A C   1 
ATOM   105 O O   . GLY A 1 21 ? -3.09336  3.01923   -5.45130  1.000 18.95921 ? 19  GLY A O   1 
ATOM   106 N N   . ASP A 1 22 ? -4.77425  3.59940   -6.83160  1.000 19.86610 ? 20  ASP A N   1 
ATOM   107 C CA  . ASP A 1 22 ? -3.96566  3.27886   -7.99339  1.000 22.51773 ? 20  ASP A CA  1 
ATOM   108 C C   . ASP A 1 22 ? -2.87221  4.31025   -8.19123  1.000 18.52944 ? 20  ASP A C   1 
ATOM   109 O O   . ASP A 1 22 ? -1.72840  3.95530   -8.51202  1.000 18.67656 ? 20  ASP A O   1 
ATOM   110 C CB  . ASP A 1 22 ? -4.85378  3.16112   -9.20925  1.000 25.53477 ? 20  ASP A CB  1 
ATOM   111 C CG  . ASP A 1 22 ? -5.97235  2.14634   -8.96991  1.000 35.14178 ? 20  ASP A CG  1 
ATOM   112 O OD1 . ASP A 1 22 ? -5.62492  0.95564   -8.73175  1.000 30.05293 ? 20  ASP A OD1 1 
ATOM   113 O OD2 . ASP A 1 22 ? -7.15708  2.55005   -8.90991  1.000 36.03823 ? 20  ASP A OD2 1 
ATOM   114 N N   . ILE A 1 23 ? -3.18312  5.58122   -7.96448  1.000 18.01766 ? 21  ILE A N   1 
ATOM   115 C CA  . ILE A 1 23 ? -2.08232  6.57270   -7.97117  1.000 17.57968 ? 21  ILE A CA  1 
ATOM   116 C C   . ILE A 1 23 ? -1.10358  6.31034   -6.84682  1.000 19.18606 ? 21  ILE A C   1 
ATOM   117 O O   . ILE A 1 23 ? 0.13125   6.36580   -7.04881  1.000 17.15541 ? 21  ILE A O   1 
ATOM   118 C CB  . ILE A 1 23 ? -2.64063  7.99496   -7.89655  1.000 18.85156 ? 21  ILE A CB  1 
ATOM   119 C CG1 . ILE A 1 23 ? -3.58166  8.24595   -9.09868  1.000 17.54902 ? 21  ILE A CG1 1 
ATOM   120 C CG2 . ILE A 1 23 ? -1.44539  8.97624   -7.85349  1.000 19.72926 ? 21  ILE A CG2 1 
ATOM   121 C CD1 . ILE A 1 23 ? -4.36698  9.60467   -9.01108  1.000 22.05496 ? 21  ILE A CD1 1 
ATOM   122 N N   . ALA A 1 24 ? -1.61048  5.95449   -5.66163  1.000 16.45054 ? 22  ALA A N   1 
ATOM   123 C CA  . ALA A 1 24 ? -0.69913  5.70543   -4.54538  1.000 18.27966 ? 22  ALA A CA  1 
ATOM   124 C C   . ALA A 1 24 ? 0.22831   4.53902   -4.82900  1.000 18.72622 ? 22  ALA A C   1 
ATOM   125 O O   . ALA A 1 24 ? 1.41312   4.57739   -4.47012  1.000 16.57030 ? 22  ALA A O   1 
ATOM   126 C CB  . ALA A 1 24 ? -1.48188  5.46918   -3.25984  1.000 17.93671 ? 22  ALA A CB  1 
ATOM   127 N N   . ALA A 1 25 ? -0.27715  3.50556   -5.51826  1.000 18.17450 ? 23  ALA A N   1 
ATOM   128 C CA  . ALA A 1 25 ? 0.56953   2.35925   -5.82563  1.000 18.27655 ? 23  ALA A CA  1 
ATOM   129 C C   . ALA A 1 25 ? 1.73311   2.78548   -6.71901  1.000 16.79711 ? 23  ALA A C   1 
ATOM   130 O O   . ALA A 1 25 ? 2.87499   2.36634   -6.50404  1.000 17.56933 ? 23  ALA A O   1 
ATOM   131 C CB  . ALA A 1 25 ? -0.27089  1.24299   -6.47228  1.000 18.90714 ? 23  ALA A CB  1 
ATOM   132 N N   . GLY A 1 26 ? 1.47770   3.64591   -7.70066  1.000 15.48236 ? 24  GLY A N   1 
ATOM   133 C CA  . GLY A 1 26 ? 2.57253   4.18486   -8.52012  1.000 19.41393 ? 24  GLY A CA  1 
ATOM   134 C C   . GLY A 1 26 ? 3.61740   4.95615   -7.72160  1.000 19.99337 ? 24  GLY A C   1 
ATOM   135 O O   . GLY A 1 26 ? 4.83525   4.77619   -7.91483  1.000 17.41296 ? 24  GLY A O   1 
ATOM   136 N N   . ILE A 1 27 ? 3.16248   5.82620   -6.82137  1.000 17.65363 ? 25  ILE A N   1 
ATOM   137 C CA  . ILE A 1 27 ? 4.08616   6.59701   -5.98252  1.000 14.89358 ? 25  ILE A CA  1 
ATOM   138 C C   . ILE A 1 27 ? 4.95649   5.68180   -5.12378  1.000 19.11895 ? 25  ILE A C   1 
ATOM   139 O O   . ILE A 1 27 ? 6.18300   5.83788   -5.04598  1.000 16.55722 ? 25  ILE A O   1 
ATOM   140 C CB  . ILE A 1 27 ? 3.28922   7.57298   -5.10913  1.000 15.37920 ? 25  ILE A CB  1 
ATOM   141 C CG1 . ILE A 1 27 ? 2.71618   8.66321   -6.04408  1.000 17.89579 ? 25  ILE A CG1 1 
ATOM   142 C CG2 . ILE A 1 27 ? 4.16812   8.17675   -4.02932  1.000 16.22200 ? 25  ILE A CG2 1 
ATOM   143 C CD1 . ILE A 1 27 ? 1.50045   9.36435   -5.44393  1.000 20.87888 ? 25  ILE A CD1 1 
ATOM   144 N N   . ILE A 1 28 ? 4.31399   4.75981   -4.43364  1.000 14.83967 ? 26  ILE A N   1 
ATOM   145 C CA  . ILE A 1 28 ? 5.00843   3.80964   -3.56468  1.000 14.59258 ? 26  ILE A CA  1 
ATOM   146 C C   . ILE A 1 28 ? 6.11618   3.08814   -4.31802  1.000 15.24338 ? 26  ILE A C   1 
ATOM   147 O O   . ILE A 1 28 ? 7.24505   3.00300   -3.83511  1.000 16.12799 ? 26  ILE A O   1 
ATOM   148 C CB  . ILE A 1 28 ? 3.98969   2.83071   -2.96658  1.000 13.51576 ? 26  ILE A CB  1 
ATOM   149 C CG1 . ILE A 1 28 ? 3.12336   3.58010   -1.94237  1.000 15.00698 ? 26  ILE A CG1 1 
ATOM   150 C CG2 . ILE A 1 28 ? 4.71324   1.61818   -2.27043  1.000 15.39866 ? 26  ILE A CG2 1 
ATOM   151 C CD1 . ILE A 1 28 ? 1.86101   2.74282   -1.51875  1.000 16.52219 ? 26  ILE A CD1 1 
ATOM   152 N N   . GLN A 1 29 ? 5.80476   2.56031   -5.50470  1.000 14.61059 ? 27  GLN A N   1 
ATOM   153 C CA  . GLN A 1 29 ? 6.77506   1.79782   -6.28294  1.000 17.95200 ? 27  GLN A CA  1 
ATOM   154 C C   . GLN A 1 29 ? 7.88094   2.69169   -6.84627  1.000 20.03819 ? 27  GLN A C   1 
ATOM   155 O O   . GLN A 1 29 ? 8.94479   2.18517   -7.21479  1.000 21.52751 ? 27  GLN A O   1 
ATOM   156 C CB  . GLN A 1 29 ? 6.06856   1.06301   -7.41829  1.000 18.54151 ? 27  GLN A CB  1 
ATOM   157 C CG  . GLN A 1 29 ? 5.22054   -0.10136  -6.92894  1.000 16.10785 ? 27  GLN A CG  1 
ATOM   158 C CD  . GLN A 1 29 ? 4.55887   -0.88077  -8.01943  1.000 23.70134 ? 27  GLN A CD  1 
ATOM   159 O OE1 . GLN A 1 29 ? 4.13867   -2.02389  -7.79193  1.000 17.96124 ? 27  GLN A OE1 1 
ATOM   160 N NE2 . GLN A 1 29 ? 4.46484   -0.29558  -9.24321  1.000 27.27265 ? 27  GLN A NE2 1 
ATOM   161 N N   . THR A 1 30 ? 7.66150   3.99858   -6.86810  1.000 16.42096 ? 28  THR A N   1 
ATOM   162 C CA  . THR A 1 30 ? 8.69853   4.93363   -7.27859  1.000 19.19830 ? 28  THR A CA  1 
ATOM   163 C C   . THR A 1 30 ? 9.59000   5.29681   -6.09944  1.000 20.40249 ? 28  THR A C   1 
ATOM   164 O O   . THR A 1 30 ? 10.82872  5.32803   -6.22154  1.000 22.50234 ? 28  THR A O   1 
ATOM   165 C CB  . THR A 1 30 ? 8.04115   6.18965   -7.86301  1.000 19.23452 ? 28  THR A CB  1 
ATOM   166 O OG1 . THR A 1 30 ? 7.20086   5.80347   -8.93541  1.000 24.20394 ? 28  THR A OG1 1 
ATOM   167 C CG2 . THR A 1 30 ? 9.06901   7.13563   -8.39010  1.000 19.07548 ? 28  THR A CG2 1 
ATOM   168 N N   . GLU A 1 31 ? 8.99132   5.51294   -4.93440  1.000 17.12811 ? 29  GLU A N   1 
ATOM   169 C CA  . GLU A 1 31 ? 9.76238   5.91168   -3.76142  1.000 18.01312 ? 29  GLU A CA  1 
ATOM   170 C C   . GLU A 1 31 ? 10.61711  4.78789   -3.19325  1.000 26.72816 ? 29  GLU A C   1 
ATOM   171 O O   . GLU A 1 31 ? 11.71543  5.03995   -2.65895  1.000 26.14158 ? 29  GLU A O   1 
ATOM   172 C CB  . GLU A 1 31 ? 8.80782   6.42755   -2.67247  1.000 25.96450 ? 29  GLU A CB  1 
ATOM   173 C CG  . GLU A 1 31 ? 8.34954   7.81864   -3.00092  1.000 25.83735 ? 29  GLU A CG  1 
ATOM   174 C CD  . GLU A 1 31 ? 7.47713   8.50403   -1.94671  1.000 33.56116 ? 29  GLU A CD  1 
ATOM   175 O OE1 . GLU A 1 31 ? 7.15599   7.87704   -0.94790  1.000 28.32378 ? 29  GLU A OE1 1 
ATOM   176 O OE2 . GLU A 1 31 ? 7.11137   9.70192   -2.13853  1.000 36.85744 ? 29  GLU A OE2 1 
ATOM   177 N N   . ASN A 1 32 ? 10.14187  3.55505   -3.28637  1.000 16.61318 ? 30  ASN A N   1 
ATOM   178 C CA  . ASN A 1 32 ? 10.84071  2.38312   -2.78755  1.000 18.82853 ? 30  ASN A CA  1 
ATOM   179 C C   . ASN A 1 32 ? 10.92117  1.41899   -3.97086  1.000 22.31470 ? 30  ASN A C   1 
ATOM   180 O O   . ASN A 1 32 ? 9.92512   0.79359   -4.35564  1.000 21.04214 ? 30  ASN A O   1 
ATOM   181 C CB  . ASN A 1 32 ? 10.12599  1.77547   -1.59187  1.000 19.63078 ? 30  ASN A CB  1 
ATOM   182 C CG  . ASN A 1 32 ? 10.87155  0.58197   -1.01249  1.000 26.09974 ? 30  ASN A CG  1 
ATOM   183 O OD1 . ASN A 1 32 ? 11.56037  -0.14195  -1.72794  1.000 24.23636 ? 30  ASN A OD1 1 
ATOM   184 N ND2 . ASN A 1 32 ? 10.72585  0.36031   0.28991   1.000 26.69462 ? 30  ASN A ND2 1 
ATOM   185 N N   . ALA A 1 33 ? 12.10181  1.33616   -4.56040  1.000 25.39301 ? 31  ALA A N   1 
ATOM   186 C CA  . ALA A 1 33 ? 12.29937  0.56443   -5.77451  1.000 25.85667 ? 31  ALA A CA  1 
ATOM   187 C C   . ALA A 1 33 ? 12.27006  -0.92306  -5.53290  1.000 23.26259 ? 31  ALA A C   1 
ATOM   188 O O   . ALA A 1 33 ? 12.41264  -1.68119  -6.49260  1.000 29.44354 ? 31  ALA A O   1 
ATOM   189 C CB  . ALA A 1 33 ? 13.64783  0.93621   -6.40939  1.000 28.21752 ? 31  ALA A CB  1 
ATOM   190 N N   . ASN A 1 34 ? 12.14477  -1.37469  -4.29844  1.000 23.61929 ? 32  ASN A N   1 
ATOM   191 C CA  . ASN A 1 34 ? 12.24541  -2.79539  -4.03499  1.000 23.32947 ? 32  ASN A CA  1 
ATOM   192 C C   . ASN A 1 34 ? 10.91301  -3.41466  -3.65694  1.000 24.19959 ? 32  ASN A C   1 
ATOM   193 O O   . ASN A 1 34 ? 10.88810  -4.52197  -3.10845  1.000 26.88570 ? 32  ASN A O   1 
ATOM   194 C CB  . ASN A 1 34 ? 13.30944  -3.02340  -2.97074  1.000 27.27593 ? 32  ASN A CB  1 
ATOM   195 C CG  . ASN A 1 34 ? 14.69240  -2.66416  -3.48813  1.000 36.81426 ? 32  ASN A CG  1 
ATOM   196 O OD1 . ASN A 1 34 ? 15.12462  -3.08806  -4.59933  1.000 37.33386 ? 32  ASN A OD1 1 
ATOM   197 N ND2 . ASN A 1 34 ? 15.38921  -1.85004  -2.71128  1.000 52.09049 ? 32  ASN A ND2 1 
ATOM   198 N N   . VAL A 1 35 ? 9.79699   -2.73855  -3.95782  1.000 19.28352 ? 33  VAL A N   1 
ATOM   199 C CA  . VAL A 1 35 ? 8.48689   -3.25101  -3.56994  1.000 16.53986 ? 33  VAL A CA  1 
ATOM   200 C C   . VAL A 1 35 ? 7.53073   -3.27413  -4.74895  1.000 17.54431 ? 33  VAL A C   1 
ATOM   201 O O   . VAL A 1 35 ? 7.65619   -2.50016  -5.70842  1.000 17.24530 ? 33  VAL A O   1 
ATOM   202 C CB  . VAL A 1 35 ? 7.83513   -2.45705  -2.40952  1.000 20.04850 ? 33  VAL A CB  1 
ATOM   203 C CG1 . VAL A 1 35 ? 8.72313   -2.51093  -1.15312  1.000 19.27757 ? 33  VAL A CG1 1 
ATOM   204 C CG2 . VAL A 1 35 ? 7.41400   -1.02005  -2.82517  1.000 16.28261 ? 33  VAL A CG2 1 
ATOM   205 N N   . LYS A 1 36 ? 6.59196   -4.21887  -4.67603  1.000 18.39765 ? 34  LYS A N   1 
ATOM   206 C CA  . LYS A 1 36 ? 5.40339   -4.26668  -5.52425  1.000 17.22481 ? 34  LYS A CA  1 
ATOM   207 C C   . LYS A 1 36 ? 4.24469   -3.78173  -4.66413  1.000 19.17714 ? 34  LYS A C   1 
ATOM   208 O O   . LYS A 1 36 ? 3.99676   -4.34959  -3.58929  1.000 19.16593 ? 34  LYS A O   1 
ATOM   209 C CB  . LYS A 1 36 ? 5.16823   -5.72421  -5.96110  1.000 20.95599 ? 34  LYS A CB  1 
ATOM   210 C CG  . LYS A 1 36 ? 3.90010   -6.04699  -6.71479  1.000 28.82892 ? 34  LYS A CG  1 
ATOM   211 C CD  . LYS A 1 36 ? 3.68271   -7.59909  -6.81471  1.000 26.66538 ? 34  LYS A CD  1 
ATOM   212 C CE  . LYS A 1 36 ? 3.64649   -8.28371  -5.44610  1.000 31.13338 ? 34  LYS A CE  1 
ATOM   213 N NZ  . LYS A 1 36 ? 3.42241   -9.79556  -5.46701  1.000 29.69417 ? 34  LYS A NZ  1 
ATOM   214 N N   . ALA A 1 37 ? 3.50362   -2.80497  -5.17610  1.000 18.38213 ? 35  ALA A N   1 
ATOM   215 C CA  . ALA A 1 37 ? 2.33308   -2.26560  -4.50480  1.000 17.99565 ? 35  ALA A CA  1 
ATOM   216 C C   . ALA A 1 37 ? 1.09570   -2.92128  -5.10197  1.000 22.44877 ? 35  ALA A C   1 
ATOM   217 O O   . ALA A 1 37 ? 0.99908   -3.08319  -6.33142  1.000 23.12617 ? 35  ALA A O   1 
ATOM   218 C CB  . ALA A 1 37 ? 2.29602   -0.74937  -4.63323  1.000 18.61172 ? 35  ALA A CB  1 
ATOM   219 N N   . ILE A 1 38 ? 0.19638   -3.37096  -4.23608  1.000 17.76379 ? 36  ILE A N   1 
ATOM   220 C CA  . ILE A 1 38 ? -1.00428  -4.10014  -4.64335  1.000 21.09389 ? 36  ILE A CA  1 
ATOM   221 C C   . ILE A 1 38 ? -2.21016  -3.37672  -4.05453  1.000 23.74935 ? 36  ILE A C   1 
ATOM   222 O O   . ILE A 1 38 ? -2.35839  -3.31996  -2.82705  1.000 22.51041 ? 36  ILE A O   1 
ATOM   223 C CB  . ILE A 1 38 ? -1.00395  -5.54588  -4.12795  1.000 24.36278 ? 36  ILE A CB  1 
ATOM   224 C CG1 . ILE A 1 38 ? 0.31342   -6.26040  -4.41987  1.000 33.84114 ? 36  ILE A CG1 1 
ATOM   225 C CG2 . ILE A 1 38 ? -2.23131  -6.30028  -4.69463  1.000 27.93453 ? 36  ILE A CG2 1 
ATOM   226 C CD1 . ILE A 1 38 ? 0.34260   -7.67224  -3.80649  1.000 39.05127 ? 36  ILE A CD1 1 
ATOM   227 N N   . VAL A 1 39 ? -3.10619  -2.88822  -4.90593  1.000 21.22957 ? 37  VAL A N   1 
ATOM   228 C CA  . VAL A 1 39 ? -4.33382  -2.29015  -4.38323  1.000 19.50072 ? 37  VAL A CA  1 
ATOM   229 C C   . VAL A 1 39 ? -5.25908  -3.41703  -3.97743  1.000 21.97606 ? 37  VAL A C   1 
ATOM   230 O O   . VAL A 1 39 ? -5.55449  -4.31592  -4.78609  1.000 21.32221 ? 37  VAL A O   1 
ATOM   231 C CB  . VAL A 1 39 ? -4.98034  -1.39095  -5.43701  1.000 22.01541 ? 37  VAL A CB  1 
ATOM   232 C CG1 . VAL A 1 39 ? -6.26704  -0.82106  -4.94932  1.000 21.53866 ? 37  VAL A CG1 1 
ATOM   233 C CG2 . VAL A 1 39 ? -3.99158  -0.27401  -5.74809  1.000 23.13018 ? 37  VAL A CG2 1 
ATOM   234 N N   . VAL A 1 40 ? -5.73390  -3.38414  -2.73631  1.000 20.66891 ? 38  VAL A N   1 
ATOM   235 C CA  . VAL A 1 40 ? -6.62670  -4.43161  -2.25719  1.000 25.51861 ? 38  VAL A CA  1 
ATOM   236 C C   . VAL A 1 40 ? -7.80820  -3.78997  -1.54091  1.000 28.24451 ? 38  VAL A C   1 
ATOM   237 O O   . VAL A 1 40 ? -7.67184  -2.74716  -0.88540  1.000 24.55675 ? 38  VAL A O   1 
ATOM   238 C CB  . VAL A 1 40 ? -5.87806  -5.40567  -1.32034  1.000 25.69805 ? 38  VAL A CB  1 
ATOM   239 C CG1 . VAL A 1 40 ? -4.77147  -6.14451  -2.06070  1.000 31.39975 ? 38  VAL A CG1 1 
ATOM   240 C CG2 . VAL A 1 40 ? -5.22201  -4.61891  -0.26489  1.000 30.94744 ? 38  VAL A CG2 1 
ATOM   241 N N   . LYS A 1 41 ? -8.96509  -4.44753  -1.62200  1.000 23.07117 ? 39  LYS A N   1 
ATOM   242 C CA  . LYS A 1 41 ? -10.13391 -3.95647  -0.90895  1.000 24.25727 ? 39  LYS A CA  1 
ATOM   243 C C   . LYS A 1 41 ? -9.93836  -4.07337  0.60902   1.000 28.66040 ? 39  LYS A C   1 
ATOM   244 O O   . LYS A 1 41 ? -9.58449  -5.14256  1.11894   1.000 27.44731 ? 39  LYS A O   1 
ATOM   245 C CB  . LYS A 1 41 ? -11.37524 -4.74894  -1.31163  1.000 29.35606 ? 39  LYS A CB  1 
ATOM   246 C CG  . LYS A 1 41 ? -12.61850 -4.32144  -0.54690  1.000 37.04982 ? 39  LYS A CG  1 
ATOM   247 C CD  . LYS A 1 41 ? -12.97228 -2.86862  -0.84178  1.000 37.32939 ? 39  LYS A CD  1 
ATOM   248 C CE  . LYS A 1 41 ? -14.06535 -2.38795  0.10570   1.000 40.09026 ? 39  LYS A CE  1 
ATOM   249 N NZ  . LYS A 1 41 ? -15.28038 -3.24778  0.01897   1.000 41.01471 ? 39  LYS A NZ  1 
ATOM   250 N N   . GLU A 1 42 ? -10.22247 -2.99917  1.33970   1.000 25.66496 ? 40  GLU A N   1 
ATOM   251 C CA  . GLU A 1 42 ? -10.06369 -3.04455  2.79291   1.000 30.78436 ? 40  GLU A CA  1 
ATOM   252 C C   . GLU A 1 42 ? -10.85278 -4.19284  3.41447   1.000 31.85158 ? 40  GLU A C   1 
ATOM   253 O O   . GLU A 1 42 ? -11.99621 -4.47662  3.03829   1.000 29.83180 ? 40  GLU A O   1 
ATOM   254 C CB  . GLU A 1 42 ? -10.50185 -1.72755  3.42262   1.000 35.13869 ? 40  GLU A CB  1 
ATOM   255 C CG  . GLU A 1 42 ? -11.92834 -1.35870  3.09714   1.000 34.69671 ? 40  GLU A CG  1 
ATOM   256 C CD  . GLU A 1 42 ? -12.38459 -0.07082  3.80188   1.000 46.78985 ? 40  GLU A CD  1 
ATOM   257 O OE1 . GLU A 1 42 ? -11.54406 0.57143   4.47960   1.000 41.79651 ? 40  GLU A OE1 1 
ATOM   258 O OE2 . GLU A 1 42 ? -13.58311 0.28661   3.68397   1.000 44.96978 ? 40  GLU A OE2 1 
ATOM   259 N N   . GLY A 1 43 ? -10.22527 -4.86868  4.38687   1.000 32.42218 ? 41  GLY A N   1 
ATOM   260 C CA  . GLY A 1 43 ? -10.83390 -6.00827  5.03600   1.000 35.16234 ? 41  GLY A CA  1 
ATOM   261 C C   . GLY A 1 43 ? -10.53889 -7.34052  4.39321   1.000 37.09056 ? 41  GLY A C   1 
ATOM   262 O O   . GLY A 1 43 ? -11.03030 -8.37359  4.87597   1.000 34.50837 ? 41  GLY A O   1 
ATOM   263 N N   . LEU A 1 44 ? -9.77514  -7.35489  3.31856   1.000 34.32060 ? 42  LEU A N   1 
ATOM   264 C CA  . LEU A 1 44 ? -9.39026  -8.61647  2.72058   1.000 39.37062 ? 42  LEU A CA  1 
ATOM   265 C C   . LEU A 1 44 ? -8.67368  -9.47886  3.76243   1.000 38.89016 ? 42  LEU A C   1 
ATOM   266 O O   . LEU A 1 44 ? -7.67530  -9.03129  4.35453   1.000 40.24518 ? 42  LEU A O   1 
ATOM   267 C CB  . LEU A 1 44 ? -8.49252  -8.32567  1.52132   1.000 39.55141 ? 42  LEU A CB  1 
ATOM   268 C CG  . LEU A 1 44 ? -7.91537  -9.50452  0.77071   1.000 34.94861 ? 42  LEU A CG  1 
ATOM   269 C CD1 . LEU A 1 44 ? -8.98158  -10.05189 -0.14728  1.000 35.47514 ? 42  LEU A CD1 1 
ATOM   270 C CD2 . LEU A 1 44 ? -6.71576  -8.95819  0.01804   1.000 36.40662 ? 42  LEU A CD2 1 
ATOM   271 N N   . PRO A 1 45 ? -9.15771  -10.68217 4.04803   1.000 42.12792 ? 43  PRO A N   1 
ATOM   272 C CA  . PRO A 1 45 ? -8.41665  -11.56862 4.95654   1.000 53.80605 ? 43  PRO A CA  1 
ATOM   273 C C   . PRO A 1 45 ? -7.02008  -11.86787 4.40886   1.000 57.59950 ? 43  PRO A C   1 
ATOM   274 O O   . PRO A 1 45 ? -6.85484  -12.24690 3.24122   1.000 50.29206 ? 43  PRO A O   1 
ATOM   275 C CB  . PRO A 1 45 ? -9.29438  -12.82801 5.01974   1.000 51.95237 ? 43  PRO A CB  1 
ATOM   276 C CG  . PRO A 1 45 ? -10.65966 -12.38304 4.56333   1.000 43.53403 ? 43  PRO A CG  1 
ATOM   277 C CD  . PRO A 1 45 ? -10.43209 -11.26499 3.59153   1.000 44.14395 ? 43  PRO A CD  1 
ATOM   278 N N   . ILE A 1 46 ? -6.00432  -11.65829 5.25401   1.000 60.49248 ? 44  ILE A N   1 
ATOM   279 C CA  . ILE A 1 46 ? -4.61861  -11.95826 4.90827   1.000 62.09560 ? 44  ILE A CA  1 
ATOM   280 C C   . ILE A 1 46 ? -4.02333  -12.81499 6.01141   1.000 67.27795 ? 44  ILE A C   1 
ATOM   281 O O   . ILE A 1 46 ? -4.42340  -12.72540 7.17773   1.000 66.35411 ? 44  ILE A O   1 
ATOM   282 C CB  . ILE A 1 46 ? -3.75948  -10.68807 4.70822   1.000 62.54171 ? 44  ILE A CB  1 
ATOM   283 C CG1 . ILE A 1 46 ? -3.73900  -9.84748  5.99099   1.000 64.42767 ? 44  ILE A CG1 1 
ATOM   284 C CG2 . ILE A 1 46 ? -4.25623  -9.89366  3.50433   1.000 57.19554 ? 44  ILE A CG2 1 
ATOM   285 C CD1 . ILE A 1 46 ? -2.92497  -8.56769  5.88405   1.000 56.92357 ? 44  ILE A CD1 1 
ATOM   286 N N   . THR A 1 47 ? -3.06135  -13.65459 5.63514   1.000 71.36038 ? 45  THR A N   1 
ATOM   287 C CA  . THR A 1 47 ? -2.33368  -14.41599 6.63580   1.000 71.34868 ? 45  THR A CA  1 
ATOM   288 C C   . THR A 1 47 ? -1.25716  -13.53206 7.25810   1.000 74.47503 ? 45  THR A C   1 
ATOM   289 O O   . THR A 1 47 ? -1.13476  -12.33763 6.95431   1.000 72.05934 ? 45  THR A O   1 
ATOM   290 C CB  . THR A 1 47 ? -1.71649  -15.67160 6.03031   1.000 67.10590 ? 45  THR A CB  1 
ATOM   291 O OG1 . THR A 1 47 ? -0.64766  -15.28985 5.15122   1.000 69.65399 ? 45  THR A OG1 1 
ATOM   292 C CG2 . THR A 1 47 ? -2.77072  -16.47503 5.26327   1.000 61.03766 ? 45  THR A CG2 1 
ATOM   293 N N   . GLN A 1 48 ? -0.46022  -14.13005 8.14291   1.000 74.83322 ? 46  GLN A N   1 
ATOM   294 C CA  . GLN A 1 48 ? 0.60170   -13.41897 8.83821   1.000 79.07762 ? 46  GLN A CA  1 
ATOM   295 C C   . GLN A 1 48 ? 1.95093   -13.55171 8.13058   1.000 77.40081 ? 46  GLN A C   1 
ATOM   296 O O   . GLN A 1 48 ? 2.98403   -13.20317 8.71565   1.000 73.03492 ? 46  GLN A O   1 
ATOM   297 C CB  . GLN A 1 48 ? 0.68375   -13.90198 10.28609  1.000 68.45306 ? 46  GLN A CB  1 
ATOM   298 C CG  . GLN A 1 48 ? -0.62729  -13.72639 11.02129  1.000 66.42770 ? 46  GLN A CG  1 
ATOM   299 C CD  . GLN A 1 48 ? -0.74598  -14.60660 12.24253  1.000 74.54343 ? 46  GLN A CD  1 
ATOM   300 O OE1 . GLN A 1 48 ? 0.19450   -15.32371 12.60582  1.000 78.63215 ? 46  GLN A OE1 1 
ATOM   301 N NE2 . GLN A 1 48 ? -1.91400  -14.56942 12.88515  1.000 72.20524 ? 46  GLN A NE2 1 
ATOM   302 N N   . ASP A 1 49 ? 1.95079   -14.03733 6.88037   1.000 68.27987 ? 47  ASP A N   1 
ATOM   303 C CA  . ASP A 1 49 ? 3.14684   -14.05498 6.03844   1.000 57.74158 ? 47  ASP A CA  1 
ATOM   304 C C   . ASP A 1 49 ? 3.72290   -12.65076 5.83320   1.000 47.14331 ? 47  ASP A C   1 
ATOM   305 O O   . ASP A 1 49 ? 3.04348   -11.73788 5.35061   1.000 46.79774 ? 47  ASP A O   1 
ATOM   306 C CB  . ASP A 1 49 ? 2.80861   -14.67703 4.68618   1.000 59.45010 ? 47  ASP A CB  1 
ATOM   307 C CG  . ASP A 1 49 ? 1.97766   -13.74441 3.80528   1.000 63.31318 ? 47  ASP A CG  1 
ATOM   308 O OD1 . ASP A 1 49 ? 0.98324   -13.15926 4.30605   1.000 65.00111 ? 47  ASP A OD1 1 
ATOM   309 O OD2 . ASP A 1 49 ? 2.34886   -13.56808 2.61900   1.000 61.78970 ? 47  ASP A OD2 1 
ATOM   310 N N   . LEU A 1 50 ? 4.98359   -12.47923 6.20940   1.000 35.00449 ? 48  LEU A N   1 
ATOM   311 C CA  . LEU A 1 50 ? 5.68889   -11.21448 6.07521   1.000 37.37951 ? 48  LEU A CA  1 
ATOM   312 C C   . LEU A 1 50 ? 6.41786   -11.25017 4.72712   1.000 41.84339 ? 48  LEU A C   1 
ATOM   313 O O   . LEU A 1 50 ? 7.28116   -12.11441 4.47966   1.000 37.95628 ? 48  LEU A O   1 
ATOM   314 C CB  . LEU A 1 50 ? 6.63604   -10.99000 7.25512   1.000 39.55100 ? 48  LEU A CB  1 
ATOM   315 C CG  . LEU A 1 50 ? 7.36384   -9.66511  7.52102   1.000 40.54150 ? 48  LEU A CG  1 
ATOM   316 C CD1 . LEU A 1 50 ? 6.48168   -8.42613  7.38517   1.000 47.55991 ? 48  LEU A CD1 1 
ATOM   317 C CD2 . LEU A 1 50 ? 7.99430   -9.72453  8.90495   1.000 40.54988 ? 48  LEU A CD2 1 
ATOM   318 N N   . ASN A 1 51 ? 6.01103   -10.36306 3.83103   1.000 35.94448 ? 49  ASN A N   1 
ATOM   319 C CA  . ASN A 1 51 ? 6.66679   -10.19631 2.54145   1.000 29.03277 ? 49  ASN A CA  1 
ATOM   320 C C   . ASN A 1 51 ? 7.16992   -8.76520  2.51016   1.000 29.48190 ? 49  ASN A C   1 
ATOM   321 O O   . ASN A 1 51 ? 6.39485   -7.83231  2.28040   1.000 27.36136 ? 49  ASN A O   1 
ATOM   322 C CB  . ASN A 1 51 ? 5.73495   -10.47821 1.37744   1.000 29.07751 ? 49  ASN A CB  1 
ATOM   323 C CG  . ASN A 1 51 ? 6.46937   -10.39958 0.03227   1.000 28.41146 ? 49  ASN A CG  1 
ATOM   324 O OD1 . ASN A 1 51 ? 7.47559   -9.71479  -0.08439  1.000 25.73309 ? 49  ASN A OD1 1 
ATOM   325 N ND2 . ASN A 1 51 ? 5.94695   -11.07211 -0.98275  1.000 31.77323 ? 49  ASN A ND2 1 
ATOM   326 N N   . PHE A 1 52 ? 8.47139   -8.60881  2.71217   1.000 28.35388 ? 50  PHE A N   1 
ATOM   327 C CA  . PHE A 1 52 ? 9.07597   -7.29162  2.75540   1.000 35.80766 ? 50  PHE A CA  1 
ATOM   328 C C   . PHE A 1 52 ? 9.09765   -6.60800  1.40397   1.000 31.50440 ? 50  PHE A C   1 
ATOM   329 O O   . PHE A 1 52 ? 9.39389   -5.40342  1.35634   1.000 33.28591 ? 50  PHE A O   1 
ATOM   330 C CB  . PHE A 1 52 ? 10.49732  -7.38779  3.29047   1.000 36.09540 ? 50  PHE A CB  1 
ATOM   331 C CG  . PHE A 1 52 ? 10.55474  -7.83808  4.70278   1.000 38.60263 ? 50  PHE A CG  1 
ATOM   332 C CD1 . PHE A 1 52 ? 9.89098   -7.12829  5.70478   1.000 37.55060 ? 50  PHE A CD1 1 
ATOM   333 C CD2 . PHE A 1 52 ? 11.25008  -8.98763  5.03160   1.000 41.35721 ? 50  PHE A CD2 1 
ATOM   334 C CE1 . PHE A 1 52 ? 9.94759   -7.55536  7.02721   1.000 38.82607 ? 50  PHE A CE1 1 
ATOM   335 C CE2 . PHE A 1 52 ? 11.31346  -9.41697  6.32474   1.000 39.70036 ? 50  PHE A CE2 1 
ATOM   336 C CZ  . PHE A 1 52 ? 10.66450  -8.68715  7.33028   1.000 39.28032 ? 50  PHE A CZ  1 
ATOM   337 N N   . ASN A 1 53 ? 8.81087   -7.34278  0.31138   1.000 25.34939 ? 51  ASN A N   1 
ATOM   338 C CA  . ASN A 1 53 ? 8.77834   -6.77895  -1.02811  1.000 23.56364 ? 51  ASN A CA  1 
ATOM   339 C C   . ASN A 1 53 ? 7.37997   -6.44436  -1.49587  1.000 23.76933 ? 51  ASN A C   1 
ATOM   340 O O   . ASN A 1 53 ? 7.19602   -6.23346  -2.68587  1.000 20.63305 ? 51  ASN A O   1 
ATOM   341 C CB  . ASN A 1 53 ? 9.40599   -7.72046  -2.04641  1.000 26.45891 ? 51  ASN A CB  1 
ATOM   342 C CG  . ASN A 1 53 ? 10.82864  -8.02784  -1.73255  1.000 30.25587 ? 51  ASN A CG  1 
ATOM   343 O OD1 . ASN A 1 53 ? 11.16248  -9.15097  -1.35131  1.000 28.91846 ? 51  ASN A OD1 1 
ATOM   344 N ND2 . ASN A 1 53 ? 11.68824  -7.03696  -1.90009  1.000 29.73993 ? 51  ASN A ND2 1 
ATOM   345 N N   . ARG A 1 54 ? 6.40992   -6.38359  -0.58943  1.000 22.61494 ? 52  ARG A N   1 
ATOM   346 C CA  . ARG A 1 54 ? 5.00950   -6.15065  -0.92800  1.000 22.67771 ? 52  ARG A CA  1 
ATOM   347 C C   . ARG A 1 54 ? 4.49172   -4.96570  -0.11312  1.000 22.67995 ? 52  ARG A C   1 
ATOM   348 O O   . ARG A 1 54 ? 4.75913   -4.85483  1.09654   1.000 22.21301 ? 52  ARG A O   1 
ATOM   349 C CB  . ARG A 1 54 ? 4.14825   -7.39991  -0.63341  1.000 27.48122 ? 52  ARG A CB  1 
ATOM   350 C CG  . ARG A 1 54 ? 2.66060   -7.19322  -0.81721  1.000 27.94276 ? 52  ARG A CG  1 
ATOM   351 C CD  . ARG A 1 54 ? 1.87316   -8.46597  -0.46488  1.000 28.29567 ? 52  ARG A CD  1 
ATOM   352 N NE  . ARG A 1 54 ? 2.18506   -8.90599  0.88276   1.000 33.33882 ? 52  ARG A NE  1 
ATOM   353 C CZ  . ARG A 1 54 ? 2.08121   -10.16588 1.29885   1.000 40.56537 ? 52  ARG A CZ  1 
ATOM   354 N NH1 . ARG A 1 54 ? 1.61810   -11.11991 0.50269   1.000 38.71970 ? 52  ARG A NH1 1 
ATOM   355 N NH2 . ARG A 1 54 ? 2.47459   -10.48040 2.53413   1.000 38.00918 ? 52  ARG A NH2 1 
ATOM   356 N N   . VAL A 1 55 ? 3.75037   -4.07464  -0.75402  1.000 17.05362 ? 53  VAL A N   1 
ATOM   357 C CA  . VAL A 1 55 ? 3.03031   -3.06066  -0.01032  1.000 19.76153 ? 53  VAL A CA  1 
ATOM   358 C C   . VAL A 1 55 ? 1.56032   -3.20747  -0.37602  1.000 20.01468 ? 53  VAL A C   1 
ATOM   359 O O   . VAL A 1 55 ? 1.16027   -2.80179  -1.45890  1.000 18.93643 ? 53  VAL A O   1 
ATOM   360 C CB  . VAL A 1 55 ? 3.54091   -1.64480  -0.30881  1.000 18.15642 ? 53  VAL A CB  1 
ATOM   361 C CG1 . VAL A 1 55 ? 2.61818   -0.62020  0.31894   1.000 15.97961 ? 53  VAL A CG1 1 
ATOM   362 C CG2 . VAL A 1 55 ? 4.99460   -1.47475  0.16916   1.000 18.03093 ? 53  VAL A CG2 1 
ATOM   363 N N   . ARG A 1 56 ? 0.74129   -3.71542  0.54935   1.000 18.18752 ? 54  ARG A N   1 
ATOM   364 C CA  . ARG A 1 56 ? -0.70903  -3.71715  0.31990   1.000 19.50310 ? 54  ARG A CA  1 
ATOM   365 C C   . ARG A 1 56 ? -1.27374  -2.31350  0.49814   1.000 19.52412 ? 54  ARG A C   1 
ATOM   366 O O   . ARG A 1 56 ? -0.99831  -1.62880  1.49206   1.000 21.89296 ? 54  ARG A O   1 
ATOM   367 C CB  . ARG A 1 56 ? -1.40424  -4.65289  1.27898   1.000 20.45659 ? 54  ARG A CB  1 
ATOM   368 C CG  . ARG A 1 56 ? -1.03194  -6.11313  1.04858   1.000 23.95111 ? 54  ARG A CG  1 
ATOM   369 C CD  . ARG A 1 56 ? -1.91009  -6.95671  1.94169   1.000 28.43271 ? 54  ARG A CD  1 
ATOM   370 N NE  . ARG A 1 56 ? -1.65511  -8.38375  1.77570   1.000 37.92576 ? 54  ARG A NE  1 
ATOM   371 C CZ  . ARG A 1 56 ? -0.98319  -9.13755  2.64102   1.000 44.26540 ? 54  ARG A CZ  1 
ATOM   372 N NH1 . ARG A 1 56 ? -0.45359  -8.62328  3.75193   1.000 39.82824 ? 54  ARG A NH1 1 
ATOM   373 N NH2 . ARG A 1 56 ? -0.83244  -10.43819 2.38488   1.000 41.85391 ? 54  ARG A NH2 1 
ATOM   374 N N   . VAL A 1 57 ? -2.05311  -1.87619  -0.46689  1.000 16.39986 ? 55  VAL A N   1 
ATOM   375 C CA  . VAL A 1 57 ? -2.66085  -0.55384  -0.45553  1.000 16.11028 ? 55  VAL A CA  1 
ATOM   376 C C   . VAL A 1 57 ? -4.15436  -0.77608  -0.24758  1.000 20.19403 ? 55  VAL A C   1 
ATOM   377 O O   . VAL A 1 57 ? -4.86290  -1.14042  -1.19630  1.000 19.10750 ? 55  VAL A O   1 
ATOM   378 C CB  . VAL A 1 57 ? -2.36402  0.21240   -1.74615  1.000 17.29450 ? 55  VAL A CB  1 
ATOM   379 C CG1 . VAL A 1 57 ? -3.10937  1.55165   -1.74210  1.000 20.28286 ? 55  VAL A CG1 1 
ATOM   380 C CG2 . VAL A 1 57 ? -0.83826  0.40126   -1.90464  1.000 18.42888 ? 55  VAL A CG2 1 
ATOM   381 N N   . PHE A 1 58 ? -4.63364  -0.60710  1.00164   1.000 20.26192 ? 56  PHE A N   1 
ATOM   382 C CA  . PHE A 1 58 ? -6.02266  -0.93672  1.31410   1.000 17.97734 ? 56  PHE A CA  1 
ATOM   383 C C   . PHE A 1 58 ? -6.95234  0.22987   0.98363   1.000 23.50465 ? 56  PHE A C   1 
ATOM   384 O O   . PHE A 1 58 ? -6.71100  1.37226   1.41236   1.000 20.96569 ? 56  PHE A O   1 
ATOM   385 C CB  . PHE A 1 58 ? -6.17704  -1.32662  2.77654   1.000 21.26595 ? 56  PHE A CB  1 
ATOM   386 C CG  . PHE A 1 58 ? -5.55775  -2.62872  3.11772   1.000 25.73789 ? 56  PHE A CG  1 
ATOM   387 C CD1 . PHE A 1 58 ? -6.21319  -3.82544  2.83169   1.000 27.47372 ? 56  PHE A CD1 1 
ATOM   388 C CD2 . PHE A 1 58 ? -4.33280  -2.66862  3.73043   1.000 29.01561 ? 56  PHE A CD2 1 
ATOM   389 C CE1 . PHE A 1 58 ? -5.65179  -5.06576  3.16189   1.000 29.19728 ? 56  PHE A CE1 1 
ATOM   390 C CE2 . PHE A 1 58 ? -3.75337  -3.93085  4.07508   1.000 31.32667 ? 56  PHE A CE2 1 
ATOM   391 C CZ  . PHE A 1 58 ? -4.41853  -5.11510  3.76474   1.000 31.06972 ? 56  PHE A CZ  1 
ATOM   392 N N   . VAL A 1 59 ? -8.01015  -0.05631  0.21311   1.000 19.74626 ? 57  VAL A N   1 
ATOM   393 C CA  . VAL A 1 59 ? -8.86658  0.99095   -0.33640  1.000 20.43420 ? 57  VAL A CA  1 
ATOM   394 C C   . VAL A 1 59 ? -10.32503 0.67653   -0.08085  1.000 26.26683 ? 57  VAL A C   1 
ATOM   395 O O   . VAL A 1 59 ? -10.72866 -0.47334  0.14160   1.000 24.49822 ? 57  VAL A O   1 
ATOM   396 C CB  . VAL A 1 59 ? -8.66883  1.22880   -1.85067  1.000 23.11911 ? 57  VAL A CB  1 
ATOM   397 C CG1 . VAL A 1 59 ? -7.24464  1.62598   -2.13917  1.000 20.59703 ? 57  VAL A CG1 1 
ATOM   398 C CG2 . VAL A 1 59 ? -9.10096  -0.00093  -2.65138  1.000 21.72804 ? 57  VAL A CG2 1 
ATOM   399 N N   . ASP A 1 60 ? -11.12248 1.73533   -0.11107  1.000 24.20438 ? 58  ASP A N   1 
ATOM   400 C CA  . ASP A 1 60 ? -12.55398 1.58154   0.04647   1.000 28.92058 ? 58  ASP A CA  1 
ATOM   401 C C   . ASP A 1 60 ? -13.20800 1.32949   -1.31535  1.000 26.86729 ? 58  ASP A C   1 
ATOM   402 O O   . ASP A 1 60 ? -12.53470 1.13539   -2.33461  1.000 28.20427 ? 58  ASP A O   1 
ATOM   403 C CB  . ASP A 1 60 ? -13.15468 2.79098   0.77675   1.000 35.70246 ? 58  ASP A CB  1 
ATOM   404 C CG  . ASP A 1 60 ? -13.06877 4.10415   -0.02028  1.000 35.15622 ? 58  ASP A CG  1 
ATOM   405 O OD1 . ASP A 1 60 ? -12.80270 4.09726   -1.22156  1.000 30.90126 ? 58  ASP A OD1 1 
ATOM   406 O OD2 . ASP A 1 60 ? -13.31294 5.16620   0.59173   1.000 38.32299 ? 58  ASP A OD2 1 
ATOM   407 N N   . GLU A 1 61 ? -14.54661 1.34426   -1.31309  1.000 32.34198 ? 59  GLU A N   1 
ATOM   408 C CA  . GLU A 1 61 ? -15.33089 1.03730   -2.49973  1.000 35.88152 ? 59  GLU A CA  1 
ATOM   409 C C   . GLU A 1 61 ? -15.11278 2.06803   -3.61217  1.000 38.03038 ? 59  GLU A C   1 
ATOM   410 O O   . GLU A 1 61 ? -15.33023 1.74499   -4.79234  1.000 40.45733 ? 59  GLU A O   1 
ATOM   411 C CB  . GLU A 1 61 ? -16.81636 0.91340   -2.09968  1.000 36.96003 ? 59  GLU A CB  1 
ATOM   412 C CG  . GLU A 1 61 ? -17.40573 2.15739   -1.38377  1.000 46.61870 ? 59  GLU A CG  1 
ATOM   413 C CD  . GLU A 1 61 ? -17.30974 2.15708   0.17522   1.000 54.63874 ? 59  GLU A CD  1 
ATOM   414 O OE1 . GLU A 1 61 ? -16.42230 1.48398   0.77576   1.000 45.46283 ? 59  GLU A OE1 1 
ATOM   415 O OE2 . GLU A 1 61 ? -18.15487 2.84833   0.80447   1.000 59.19557 ? 59  GLU A OE2 1 
ATOM   416 N N   . ASN A 1 62 ? -14.66311 3.28655   -3.26995  1.000 34.17785 ? 60  ASN A N   1 
ATOM   417 C CA  . ASN A 1 62 ? -14.29588 4.32028   -4.24121  1.000 32.99036 ? 60  ASN A CA  1 
ATOM   418 C C   . ASN A 1 62 ? -12.80770 4.34059   -4.54803  1.000 31.43500 ? 60  ASN A C   1 
ATOM   419 O O   . ASN A 1 62 ? -12.32282 5.31428   -5.14155  1.000 36.02600 ? 60  ASN A O   1 
ATOM   420 C CB  . ASN A 1 62 ? -14.69647 5.69234   -3.73908  1.000 33.08451 ? 60  ASN A CB  1 
ATOM   421 C CG  . ASN A 1 62 ? -16.17730 5.80460   -3.52983  1.000 42.43593 ? 60  ASN A CG  1 
ATOM   422 O OD1 . ASN A 1 62 ? -16.95333 5.75050   -4.48478  1.000 45.99215 ? 60  ASN A OD1 1 
ATOM   423 N ND2 . ASN A 1 62 ? -16.58468 5.94465   -2.28030  1.000 45.49547 ? 60  ASN A ND2 1 
ATOM   424 N N   . ARG A 1 63 ? -12.07944 3.29831   -4.12526  1.000 26.07231 ? 61  ARG A N   1 
ATOM   425 C CA  . ARG A 1 63 ? -10.65347 3.12857   -4.34261  1.000 26.22005 ? 61  ARG A CA  1 
ATOM   426 C C   . ARG A 1 63 ? -9.81992  4.20544   -3.66252  1.000 26.27016 ? 61  ARG A C   1 
ATOM   427 O O   . ARG A 1 63 ? -8.70628  4.49455   -4.11561  1.000 25.04472 ? 61  ARG A O   1 
ATOM   428 C CB  . ARG A 1 63 ? -10.33279 3.06657   -5.84275  1.000 34.88618 ? 61  ARG A CB  1 
ATOM   429 C CG  . ARG A 1 63 ? -11.07525 1.93032   -6.52930  1.000 32.37204 ? 61  ARG A CG  1 
ATOM   430 C CD  . ARG A 1 63 ? -10.57674 1.68896   -7.98513  1.000 38.70308 ? 61  ARG A CD  1 
ATOM   431 N NE  . ARG A 1 63 ? -9.26377  1.05349   -8.02124  1.000 35.77376 ? 61  ARG A NE  1 
ATOM   432 C CZ  . ARG A 1 63 ? -9.05844  -0.23584  -7.79817  1.000 34.88467 ? 61  ARG A CZ  1 
ATOM   433 N NH1 . ARG A 1 63 ? -10.05248 -1.04668  -7.46628  1.000 35.37989 ? 61  ARG A NH1 1 
ATOM   434 N NH2 . ARG A 1 63 ? -7.83371  -0.72667  -7.92470  1.000 31.21646 ? 61  ARG A NH2 1 
ATOM   435 N N   . VAL A 1 64 ? -10.32193 4.78167   -2.56077  1.000 20.08032 ? 62  VAL A N   1 
ATOM   436 C CA  . VAL A 1 64 ? -9.55378  5.72810   -1.75913  1.000 23.01161 ? 62  VAL A CA  1 
ATOM   437 C C   . VAL A 1 64 ? -8.81283  4.97070   -0.67352  1.000 20.86608 ? 62  VAL A C   1 
ATOM   438 O O   . VAL A 1 64 ? -9.41084  4.12675   0.00540   1.000 21.84686 ? 62  VAL A O   1 
ATOM   439 C CB  . VAL A 1 64 ? -10.47279 6.78600   -1.13433  1.000 23.29294 ? 62  VAL A CB  1 
ATOM   440 C CG1 . VAL A 1 64 ? -9.67118  7.69440   -0.23547  1.000 28.23067 ? 62  VAL A CG1 1 
ATOM   441 C CG2 . VAL A 1 64 ? -11.15951 7.56361   -2.24740  1.000 32.25268 ? 62  VAL A CG2 1 
ATOM   442 N N   . VAL A 1 65 ? -7.52433  5.27020   -0.50973  1.000 19.44891 ? 63  VAL A N   1 
ATOM   443 C CA  . VAL A 1 65 ? -6.71303  4.61767   0.52412   1.000 18.00473 ? 63  VAL A CA  1 
ATOM   444 C C   . VAL A 1 65 ? -7.26198  4.90921   1.91337   1.000 21.51093 ? 63  VAL A C   1 
ATOM   445 O O   . VAL A 1 65 ? -7.38301  6.07268   2.31529   1.000 20.27119 ? 63  VAL A O   1 
ATOM   446 C CB  . VAL A 1 65 ? -5.25900  5.10294   0.41203   1.000 15.87898 ? 63  VAL A CB  1 
ATOM   447 C CG1 . VAL A 1 65 ? -4.40437  4.46085   1.51392   1.000 16.31053 ? 63  VAL A CG1 1 
ATOM   448 C CG2 . VAL A 1 65 ? -4.68200  4.82268   -0.99496  1.000 18.80040 ? 63  VAL A CG2 1 
ATOM   449 N N   . THR A 1 66 ? -7.51683  3.84169   2.70751   1.000 18.28669 ? 64  THR A N   1 
ATOM   450 C CA  . THR A 1 66 ? -8.12692  4.03486   4.01826   1.000 18.74380 ? 64  THR A CA  1 
ATOM   451 C C   . THR A 1 66 ? -7.21002  3.67150   5.18161   1.000 24.03579 ? 64  THR A C   1 
ATOM   452 O O   . THR A 1 66 ? -7.57985  3.91326   6.33929   1.000 23.05969 ? 64  THR A O   1 
ATOM   453 C CB  . THR A 1 66 ? -9.41340  3.20654   4.14189   1.000 27.70839 ? 64  THR A CB  1 
ATOM   454 O OG1 . THR A 1 66 ? -9.08570  1.83157   3.89475   1.000 26.89150 ? 64  THR A OG1 1 
ATOM   455 C CG2 . THR A 1 66 ? -10.46495 3.68320   3.13406   1.000 31.30737 ? 64  THR A CG2 1 
ATOM   456 N N   . GLN A 1 67 ? -6.04853  3.07050   4.91677   1.000 21.21915 ? 65  GLN A N   1 
ATOM   457 C CA  . GLN A 1 67 ? -5.13100  2.67523   5.98259   1.000 20.91887 ? 65  GLN A CA  1 
ATOM   458 C C   . GLN A 1 67 ? -3.73989  3.04528   5.51475   1.000 17.49010 ? 65  GLN A C   1 
ATOM   459 O O   . GLN A 1 67 ? -3.49569  3.08895   4.31811   1.000 19.15858 ? 65  GLN A O   1 
ATOM   460 C CB  . GLN A 1 67 ? -5.19314  1.15821   6.24323   1.000 23.16037 ? 65  GLN A CB  1 
ATOM   461 C CG  . GLN A 1 67 ? -6.58693  0.69239   6.51840   1.000 29.95990 ? 65  GLN A CG  1 
ATOM   462 C CD  . GLN A 1 67 ? -6.64323  -0.83493  6.67623   1.000 40.56938 ? 65  GLN A CD  1 
ATOM   463 O OE1 . GLN A 1 67 ? -5.60860  -1.49908  6.85127   1.000 45.49233 ? 65  GLN A OE1 1 
ATOM   464 N NE2 . GLN A 1 67 ? -7.83971  -1.38654  6.57987   1.000 45.00458 ? 65  GLN A NE2 1 
ATOM   465 N N   . VAL A 1 68 ? -2.83693  3.31054   6.47188   1.000 19.96959 ? 66  VAL A N   1 
ATOM   466 C CA  . VAL A 1 68 ? -1.47200  3.69921   6.10718   1.000 19.10401 ? 66  VAL A CA  1 
ATOM   467 C C   . VAL A 1 68 ? -0.79748  2.54318   5.36605   1.000 17.45674 ? 66  VAL A C   1 
ATOM   468 O O   . VAL A 1 68 ? -0.65776  1.46394   5.95441   1.000 17.39590 ? 66  VAL A O   1 
ATOM   469 C CB  . VAL A 1 68 ? -0.64841  4.06319   7.35304   1.000 19.63323 ? 66  VAL A CB  1 
ATOM   470 C CG1 . VAL A 1 68 ? 0.81559   4.30536   6.90349   1.000 18.65015 ? 66  VAL A CG1 1 
ATOM   471 C CG2 . VAL A 1 68 ? -1.26415  5.28505   8.01035   1.000 16.57891 ? 66  VAL A CG2 1 
ATOM   472 N N   . PRO A 1 69 ? -0.41135  2.68796   4.09714   1.000 16.30291 ? 67  PRO A N   1 
ATOM   473 C CA  . PRO A 1 69 ? 0.30459   1.57571   3.42618   1.000 17.31491 ? 67  PRO A CA  1 
ATOM   474 C C   . PRO A 1 69 ? 1.67620   1.37442   4.05161   1.000 16.72704 ? 67  PRO A C   1 
ATOM   475 O O   . PRO A 1 69 ? 2.36821   2.34827   4.36421   1.000 17.89628 ? 67  PRO A O   1 
ATOM   476 C CB  . PRO A 1 69 ? 0.46118   2.06740   1.97660   1.000 16.30727 ? 67  PRO A CB  1 
ATOM   477 C CG  . PRO A 1 69 ? -0.65431  3.05180   1.78424   1.000 16.06510 ? 67  PRO A CG  1 
ATOM   478 C CD  . PRO A 1 69 ? -0.69524  3.78337   3.16282   1.000 16.43933 ? 67  PRO A CD  1 
ATOM   479 N N   . ALA A 1 70 ? 2.07088   0.10652   4.22033   1.000 17.44398 ? 68  ALA A N   1 
ATOM   480 C CA  . ALA A 1 70 ? 3.40555   -0.17315  4.71629   1.000 17.08701 ? 68  ALA A CA  1 
ATOM   481 C C   . ALA A 1 70 ? 3.86661   -1.50283  4.14329   1.000 22.49065 ? 68  ALA A C   1 
ATOM   482 O O   . ALA A 1 70 ? 3.05980   -2.30470  3.69311   1.000 20.33444 ? 68  ALA A O   1 
ATOM   483 C CB  . ALA A 1 70 ? 3.40759   -0.21600  6.23379   1.000 19.44314 ? 68  ALA A CB  1 
ATOM   484 N N   . ILE A 1 71 ? 5.17621   -1.73774  4.16015   1.000 20.50252 ? 69  ILE A N   1 
ATOM   485 C CA  . ILE A 1 71 ? 5.63708   -3.01994  3.63936   1.000 22.37093 ? 69  ILE A CA  1 
ATOM   486 C C   . ILE A 1 71 ? 5.09456   -4.13102  4.53077   1.000 31.10659 ? 69  ILE A C   1 
ATOM   487 O O   . ILE A 1 71 ? 4.72793   -3.91668  5.70889   1.000 29.53778 ? 69  ILE A O   1 
ATOM   488 C CB  . ILE A 1 71 ? 7.16643   -3.10487  3.54486   1.000 28.79123 ? 69  ILE A CB  1 
ATOM   489 C CG1 . ILE A 1 71 ? 7.79514   -2.92746  4.92963   1.000 34.62722 ? 69  ILE A CG1 1 
ATOM   490 C CG2 . ILE A 1 71 ? 7.69745   -2.08730  2.54397   1.000 24.97531 ? 69  ILE A CG2 1 
ATOM   491 C CD1 . ILE A 1 71 ? 9.04551   -3.74809  5.07782   1.000 35.85813 ? 69  ILE A CD1 1 
ATOM   492 N N   . GLY A 1 72 ? 4.96967   -5.30649  3.94708   1.000 26.49588 ? 70  GLY A N   1 
ATOM   493 C CA  . GLY A 1 72 ? 4.64441   -6.50501  4.71179   1.000 31.53877 ? 70  GLY A CA  1 
ATOM   494 C C   . GLY A 1 72 ? 3.74030   -7.44200  3.93204   1.000 38.20702 ? 70  GLY A C   1 
ATOM   495 O O   . GLY A 1 72 ? 3.63576   -8.63363  4.31641   1.000 33.54744 ? 70  GLY A O   1 
ATOM   496 O OXT . GLY A 1 72 ? 3.14381   -7.02250  2.89880   1.000 30.61255 ? 70  GLY A OXT 1 
HETATM 497 O O   . HOH B 2 .  ? -8.68189  4.40670   -9.70307  1.000 31.89194 ? 101 HOH A O   1 
HETATM 498 O O   . HOH B 2 .  ? -2.20008  8.60817   -4.38266  1.000 33.44661 ? 102 HOH A O   1 
HETATM 499 O O   . HOH B 2 .  ? 4.76665   10.16788  -0.95774  1.000 31.56912 ? 103 HOH A O   1 
HETATM 500 O O   . HOH B 2 .  ? 11.09792  2.42406   -8.70544  1.000 37.02830 ? 104 HOH A O   1 
HETATM 501 O O   . HOH B 2 .  ? 5.78846   10.01152  5.19872   1.000 29.71924 ? 105 HOH A O   1 
HETATM 502 O O   . HOH B 2 .  ? -5.13929  -4.89503  -7.33106  1.000 37.12793 ? 106 HOH A O   1 
HETATM 503 O O   . HOH B 2 .  ? 9.30784   -0.61192  -6.54921  1.000 25.73131 ? 107 HOH A O   1 
HETATM 504 O O   . HOH B 2 .  ? 1.89731   -4.64846  3.00353   1.000 22.81568 ? 108 HOH A O   1 
HETATM 505 O O   . HOH B 2 .  ? -2.71161  11.15907  4.67072   1.000 29.94701 ? 109 HOH A O   1 
HETATM 506 O O   . HOH B 2 .  ? 0.06338   -1.99036  3.95986   1.000 20.76803 ? 110 HOH A O   1 
HETATM 507 O O   . HOH B 2 .  ? -0.44727  0.34609   8.41869   1.000 22.65440 ? 111 HOH A O   1 
HETATM 508 O O   . HOH B 2 .  ? -9.07802  -6.78951  -2.99774  1.000 30.58221 ? 112 HOH A O   1 
HETATM 509 O O   . HOH B 2 .  ? -2.16458  -0.76837  5.33930   1.000 21.93893 ? 113 HOH A O   1 
HETATM 510 O O   . HOH B 2 .  ? 1.44526   7.45174   -9.23857  0.50  43.94624 ? 114 HOH A O   1 
HETATM 511 O O   . HOH B 2 .  ? 2.36688   -3.94396  -8.78569  1.000 45.98526 ? 115 HOH A O   1 
HETATM 512 O O   . HOH B 2 .  ? -2.96406  0.71946   2.92395   1.000 22.11963 ? 116 HOH A O   1 
HETATM 513 O O   . HOH B 2 .  ? 11.14971  0.61678   9.33453   1.000 34.14572 ? 117 HOH A O   1 
HETATM 514 O O   . HOH B 2 .  ? -9.42065  7.61888   3.50309   1.000 34.76047 ? 118 HOH A O   1 
HETATM 515 O O   . HOH B 2 .  ? -2.63077  -3.42250  -7.64403  1.000 32.83236 ? 119 HOH A O   1 
HETATM 516 O O   . HOH B 2 .  ? -1.12759  1.59645   -9.95571  1.000 29.48271 ? 120 HOH A O   1 
HETATM 517 O O   . HOH B 2 .  ? -0.52136  14.09133  1.76253   1.000 33.67343 ? 121 HOH A O   1 
HETATM 518 O O   . HOH B 2 .  ? -5.84972  11.04001  -5.31368  1.000 35.68611 ? 122 HOH A O   1 
HETATM 519 O O   . HOH B 2 .  ? -7.45506  -3.49313  -8.60066  1.000 44.09256 ? 123 HOH A O   1 
HETATM 520 O O   . HOH B 2 .  ? -7.71534  -4.21219  5.92911   1.000 38.72810 ? 124 HOH A O   1 
HETATM 521 O O   . HOH B 2 .  ? -3.72705  3.14527   9.23859   1.000 25.05104 ? 125 HOH A O   1 
HETATM 522 O O   . HOH B 2 .  ? 12.28034  -1.57935  1.83075   1.000 29.18118 ? 126 HOH A O   1 
HETATM 523 O O   . HOH B 2 .  ? 9.52974   5.02741   6.26228   1.000 37.97818 ? 127 HOH A O   1 
HETATM 524 O O   . HOH B 2 .  ? -9.86889  11.97425  0.95577   1.000 40.05601 ? 128 HOH A O   1 
HETATM 525 O O   . HOH B 2 .  ? -12.97633 -0.83433  -6.88787  1.000 43.78363 ? 129 HOH A O   1 
HETATM 526 O O   . HOH B 2 .  ? 1.77288   -3.66403  6.27306   1.000 29.28210 ? 130 HOH A O   1 
HETATM 527 O O   . HOH B 2 .  ? -0.42101  -5.67762  4.51975   1.000 37.13014 ? 131 HOH A O   1 
HETATM 528 O O   . HOH B 2 .  ? 5.11679   2.35499   -10.67601 1.000 32.87973 ? 132 HOH A O   1 
HETATM 529 O O   . HOH B 2 .  ? 14.55572  2.69954   -3.26736  1.000 36.21808 ? 133 HOH A O   1 
HETATM 530 O O   . HOH B 2 .  ? 10.37782  -11.05694 2.03176   1.000 35.29995 ? 134 HOH A O   1 
HETATM 531 O O   . HOH B 2 .  ? -9.13249  -4.20856  -6.35823  1.000 37.80047 ? 135 HOH A O   1 
HETATM 532 O O   . HOH B 2 .  ? -11.96840 -1.47596  -4.57025  1.000 45.50684 ? 136 HOH A O   1 
HETATM 533 O O   . HOH B 2 .  ? 7.76494   1.16989   -10.67822 1.000 36.22808 ? 137 HOH A O   1 
HETATM 534 O O   . HOH B 2 .  ? 5.81102   0.77536   -12.81469 1.000 40.46642 ? 138 HOH A O   1 
HETATM 535 O O   . HOH B 2 .  ? 2.20089   2.18540   -11.54319 1.000 42.59661 ? 139 HOH A O   1 
HETATM 536 O O   . HOH B 2 .  ? -2.31523  -1.11544  9.54854   1.000 38.68438 ? 140 HOH A O   1 
HETATM 537 O O   . HOH B 2 .  ? 3.36058   11.71714  -2.51996  1.000 33.01769 ? 141 HOH A O   1 
HETATM 538 O O   . HOH B 2 .  ? -6.58017  5.40469   -12.30677 1.000 40.03687 ? 142 HOH A O   1 
HETATM 539 O O   . HOH B 2 .  ? 5.50466   11.09730  7.72822   1.000 39.61460 ? 143 HOH A O   1 
HETATM 540 O O   . HOH B 2 .  ? -1.49563  -5.44357  7.10857   1.000 38.64867 ? 144 HOH A O   1 
# 
loop_
_atom_site_anisotrop.id 
_atom_site_anisotrop.type_symbol 
_atom_site_anisotrop.pdbx_label_atom_id 
_atom_site_anisotrop.pdbx_label_alt_id 
_atom_site_anisotrop.pdbx_label_comp_id 
_atom_site_anisotrop.pdbx_label_asym_id 
_atom_site_anisotrop.pdbx_label_seq_id 
_atom_site_anisotrop.pdbx_PDB_ins_code 
_atom_site_anisotrop.U[1][1] 
_atom_site_anisotrop.U[2][2] 
_atom_site_anisotrop.U[3][3] 
_atom_site_anisotrop.U[1][2] 
_atom_site_anisotrop.U[1][3] 
_atom_site_anisotrop.U[2][3] 
_atom_site_anisotrop.pdbx_auth_seq_id 
_atom_site_anisotrop.pdbx_auth_comp_id 
_atom_site_anisotrop.pdbx_auth_asym_id 
_atom_site_anisotrop.pdbx_auth_atom_id 
1   N N   . PRO A 8  ? 0.66800 0.83118 0.72144 0.11520  -0.12993 -0.14635 6   PRO A N   
2   C CA  . PRO A 8  ? 0.67383 0.79867 0.68160 0.12583  -0.12719 -0.12441 6   PRO A CA  
3   C C   . PRO A 8  ? 0.60585 0.71448 0.61165 0.11129  -0.11572 -0.10938 6   PRO A C   
4   O O   . PRO A 8  ? 0.52812 0.64088 0.54922 0.09563  -0.11206 -0.11256 6   PRO A O   
5   C CB  . PRO A 8  ? 0.70846 0.81751 0.68831 0.13311  -0.13258 -0.12413 6   PRO A CB  
6   C CG  . PRO A 8  ? 0.65540 0.79687 0.66145 0.13432  -0.14284 -0.14708 6   PRO A CG  
7   C CD  . PRO A 8  ? 0.65445 0.82577 0.70961 0.11540  -0.13759 -0.16013 6   PRO A CD  
8   N N   . VAL A 9  ? 0.61131 0.70129 0.59852 0.11629  -0.11011 -0.09425 7   VAL A N   
9   C CA  . VAL A 9  ? 0.54841 0.62781 0.53552 0.10347  -0.10042 -0.08122 7   VAL A CA  
10  C C   . VAL A 9  ? 0.50009 0.54791 0.45492 0.10017  -0.09503 -0.06757 7   VAL A C   
11  O O   . VAL A 9  ? 0.51895 0.54597 0.44332 0.11114  -0.09680 -0.06299 7   VAL A O   
12  C CB  . VAL A 9  ? 0.52626 0.59722 0.50682 0.10818  -0.09426 -0.07190 7   VAL A CB  
13  C CG1 . VAL A 9  ? 0.61879 0.65579 0.55742 0.12357  -0.09467 -0.06100 7   VAL A CG1 
14  C CG2 . VAL A 9  ? 0.53144 0.59326 0.51915 0.08762  -0.07588 -0.05955 7   VAL A CG2 
15  N N   . LYS A 10 ? 0.43792 0.47987 0.40376 0.08167  -0.08137 -0.06005 8   LYS A N   
16  C CA  . LYS A 10 ? 0.41586 0.43292 0.35777 0.07794  -0.07445 -0.04812 8   LYS A CA  
17  C C   . LYS A 10 ? 0.42638 0.41810 0.33655 0.08362  -0.06949 -0.03283 8   LYS A C   
18  O O   . LYS A 10 ? 0.37359 0.36434 0.28805 0.07963  -0.06371 -0.02680 8   LYS A O   
19  C CB  . LYS A 10 ? 0.41095 0.42938 0.37378 0.05998  -0.06143 -0.04256 8   LYS A CB  
20  C CG  . LYS A 10 ? 0.42071 0.42203 0.36929 0.05706  -0.05552 -0.03554 8   LYS A CG  
21  C CD  . LYS A 10 ? 0.41905 0.42378 0.39136 0.04327  -0.04494 -0.03209 8   LYS A CD  
22  C CE  . LYS A 10 ? 0.35857 0.34785 0.31900 0.04188  -0.03749 -0.02265 8   LYS A CE  
23  N NZ  . LYS A 10 ? 0.34556 0.33607 0.32752 0.03174  -0.02763 -0.01748 8   LYS A NZ  
24  N N   . ASN A 11 ? 0.38707 0.35700 0.26426 0.09237  -0.07047 -0.02765 9   ASN A N   
25  C CA  . ASN A 11 ? 0.38352 0.32675 0.23583 0.09244  -0.06024 -0.01371 9   ASN A CA  
26  C C   . ASN A 11 ? 0.37986 0.30542 0.21550 0.08544  -0.04917 -0.00425 9   ASN A C   
27  O O   . ASN A 11 ? 0.36053 0.26417 0.17721 0.08447  -0.03944 0.00439  9   ASN A O   
28  C CB  . ASN A 11 ? 0.52015 0.44859 0.35373 0.10664  -0.06244 -0.01437 9   ASN A CB  
29  C CG  . ASN A 11 ? 0.57682 0.50709 0.40111 0.11824  -0.07017 -0.02212 9   ASN A CG  
30  O OD1 . ASN A 11 ? 0.54961 0.48223 0.37197 0.11495  -0.07031 -0.02447 9   ASN A OD1 
31  N ND2 . ASN A 11 ? 0.59133 0.52069 0.40777 0.13377  -0.07740 -0.02717 9   ASN A ND2 
32  N N   . SER A 12 ? 0.32510 0.26055 0.17304 0.07875  -0.04772 -0.00699 10  SER A N   
33  C CA  . SER A 12 ? 0.31425 0.23796 0.15338 0.07149  -0.03517 0.00165  10  SER A CA  
34  C C   . SER A 12 ? 0.28077 0.22133 0.15013 0.06107  -0.03149 -0.00041 10  SER A C   
35  O O   . SER A 12 ? 0.29396 0.24835 0.18301 0.06067  -0.03813 -0.01019 10  SER A O   
36  C CB  . SER A 12 ? 0.40577 0.31094 0.21204 0.08137  -0.03378 0.00146  10  SER A CB  
37  O OG  . SER A 12 ? 0.45732 0.37268 0.26650 0.08777  -0.04352 -0.01148 10  SER A OG  
38  N N   . TRP A 13 ? 0.28164 0.22091 0.15572 0.05291  -0.02025 0.00838  11  TRP A N   
39  C CA  . TRP A 13 ? 0.26060 0.21396 0.16237 0.04524  -0.01622 0.01018  11  TRP A CA  
40  C C   . TRP A 13 ? 0.26433 0.21391 0.16429 0.04533  -0.00709 0.01289  11  TRP A C   
41  O O   . TRP A 13 ? 0.24747 0.20469 0.15838 0.04012  0.00020  0.02063  11  TRP A O   
42  C CB  . TRP A 13 ? 0.25679 0.22090 0.17250 0.03702  -0.01372 0.01811  11  TRP A CB  
43  C CG  . TRP A 13 ? 0.23828 0.20941 0.16172 0.03640  -0.02035 0.01427  11  TRP A CG  
44  C CD1 . TRP A 13 ? 0.28257 0.26539 0.22708 0.03243  -0.02099 0.01256  11  TRP A CD1 
45  C CD2 . TRP A 13 ? 0.22739 0.19279 0.13731 0.04089  -0.02535 0.01127  11  TRP A CD2 
46  N NE1 . TRP A 13 ? 0.27565 0.26443 0.22306 0.03312  -0.02573 0.00738  11  TRP A NE1 
47  C CE2 . TRP A 13 ? 0.30177 0.28068 0.22881 0.03936  -0.02926 0.00645  11  TRP A CE2 
48  C CE3 . TRP A 13 ? 0.28329 0.23068 0.16714 0.04666  -0.02509 0.01292  11  TRP A CE3 
49  C CZ2 . TRP A 13 ? 0.27700 0.25618 0.19913 0.04478  -0.03428 0.00175  11  TRP A CZ2 
50  C CZ3 . TRP A 13 ? 0.26072 0.20345 0.13665 0.05300  -0.03044 0.00972  11  TRP A CZ3 
51  C CH2 . TRP A 13 ? 0.26779 0.22862 0.16451 0.05273  -0.03571 0.00339  11  TRP A CH2 
52  N N   . PRO A 14 ? 0.31267 0.25310 0.19957 0.05215  -0.00765 0.00510  12  PRO A N   
53  C CA  . PRO A 14 ? 0.31697 0.25412 0.20260 0.05316  0.00322  0.00653  12  PRO A CA  
54  C C   . PRO A 14 ? 0.29015 0.23864 0.20503 0.04977  0.00804  0.01001  12  PRO A C   
55  O O   . PRO A 14 ? 0.29586 0.24945 0.21742 0.04982  0.01763  0.01539  12  PRO A O   
56  C CB  . PRO A 14 ? 0.35043 0.27651 0.21693 0.06165  -0.00055 -0.00584 12  PRO A CB  
57  C CG  . PRO A 14 ? 0.33112 0.26267 0.20403 0.06304  -0.01500 -0.01592 12  PRO A CG  
58  C CD  . PRO A 14 ? 0.30298 0.23940 0.17803 0.05984  -0.01864 -0.00732 12  PRO A CD  
59  N N   . GLU A 15 ? 0.32070 0.27376 0.25379 0.04737  0.00261  0.00802  13  GLU A N   
60  C CA  . GLU A 15 ? 0.28119 0.23863 0.23704 0.04657  0.00781  0.01352  13  GLU A CA  
61  C C   . GLU A 15 ? 0.25738 0.22940 0.22316 0.04392  0.01000  0.02688  13  GLU A C   
62  O O   . GLU A 15 ? 0.31528 0.29187 0.29604 0.04712  0.01407  0.03366  13  GLU A O   
63  C CB  . GLU A 15 ? 0.31651 0.27074 0.28648 0.04298  0.00420  0.00848  13  GLU A CB  
64  C CG  . GLU A 15 ? 0.31733 0.28143 0.29177 0.03702  -0.00091 0.01337  13  GLU A CG  
65  C CD  . GLU A 15 ? 0.36262 0.32882 0.32509 0.03697  -0.01013 0.00371  13  GLU A CD  
66  O OE1 . GLU A 15 ? 0.37035 0.33026 0.31591 0.04253  -0.01381 -0.00446 13  GLU A OE1 
67  O OE2 . GLU A 15 ? 0.37636 0.35062 0.34449 0.03309  -0.01367 0.00465  13  GLU A OE2 
68  N N   . LEU A 16 ? 0.22090 0.19964 0.17759 0.03940  0.00747  0.03005  14  LEU A N   
69  C CA  . LEU A 16 ? 0.26823 0.26423 0.23465 0.03570  0.00837  0.03924  14  LEU A CA  
70  C C   . LEU A 16 ? 0.26104 0.26631 0.22861 0.03509  0.01563  0.04055  14  LEU A C   
71  O O   . LEU A 16 ? 0.24471 0.27008 0.22473 0.03204  0.01571  0.04538  14  LEU A O   
72  C CB  . LEU A 16 ? 0.25738 0.25635 0.21683 0.02906  0.00274  0.03985  14  LEU A CB  
73  C CG  . LEU A 16 ? 0.25100 0.24660 0.21424 0.02866  -0.00238 0.03832  14  LEU A CG  
74  C CD1 . LEU A 16 ? 0.23501 0.23429 0.19122 0.02352  -0.00662 0.03769  14  LEU A CD1 
75  C CD2 . LEU A 16 ? 0.26263 0.26268 0.24100 0.03082  -0.00010 0.04553  14  LEU A CD2 
76  N N   . VAL A 17 ? 0.26662 0.26020 0.22226 0.03779  0.02228  0.03530  15  VAL A N   
77  C CA  . VAL A 17 ? 0.22228 0.22643 0.18278 0.03627  0.03268  0.03602  15  VAL A CA  
78  C C   . VAL A 17 ? 0.29684 0.32086 0.28371 0.04304  0.03450  0.03963  15  VAL A C   
79  O O   . VAL A 17 ? 0.28743 0.30321 0.27956 0.05169  0.03314  0.03960  15  VAL A O   
80  C CB  . VAL A 17 ? 0.27850 0.26403 0.21746 0.03950  0.04175  0.03028  15  VAL A CB  
81  C CG1 . VAL A 17 ? 0.30875 0.30844 0.25800 0.03717  0.05591  0.03066  15  VAL A CG1 
82  C CG2 . VAL A 17 ? 0.28262 0.24586 0.18995 0.03678  0.03978  0.02864  15  VAL A CG2 
83  N N   . GLY A 18 ? 0.26944 0.31981 0.27399 0.03961  0.03733  0.04207  16  GLY A N   
84  C CA  . GLY A 18 ? 0.30221 0.37635 0.33270 0.04933  0.03678  0.04608  16  GLY A CA  
85  C C   . GLY A 18 ? 0.26372 0.35036 0.30279 0.05254  0.02477  0.05406  16  GLY A C   
86  O O   . GLY A 18 ? 0.30318 0.40934 0.36057 0.06362  0.02235  0.05938  16  GLY A O   
87  N N   . THR A 19 ? 0.23077 0.30702 0.25577 0.04507  0.01764  0.05540  17  THR A N   
88  C CA  . THR A 19 ? 0.23996 0.32678 0.26759 0.04699  0.00797  0.06290  17  THR A CA  
89  C C   . THR A 19 ? 0.25686 0.36919 0.28824 0.03692  0.00290  0.06018  17  THR A C   
90  O O   . THR A 19 ? 0.24798 0.36331 0.27880 0.02604  0.00820  0.05246  17  THR A O   
91  C CB  . THR A 19 ? 0.31959 0.38108 0.33163 0.04477  0.00510  0.06448  17  THR A CB  
92  O OG1 . THR A 19 ? 0.32009 0.37414 0.31816 0.03334  0.00358  0.05808  17  THR A OG1 
93  C CG2 . THR A 19 ? 0.32102 0.35762 0.33150 0.05130  0.01075  0.06245  17  THR A CG2 
94  N N   . ASN A 20 ? 0.20061 0.32960 0.23394 0.04029  -0.00650 0.06613  18  ASN A N   
95  C CA  . ASN A 20 ? 0.20197 0.35435 0.23652 0.02950  -0.01269 0.06062  18  ASN A CA  
96  C C   . ASN A 20 ? 0.20887 0.33888 0.22455 0.01586  -0.01075 0.05451  18  ASN A C   
97  O O   . ASN A 20 ? 0.18369 0.29066 0.18485 0.01769  -0.01127 0.05787  18  ASN A O   
98  C CB  . ASN A 20 ? 0.25164 0.42509 0.28577 0.03804  -0.02419 0.06812  18  ASN A CB  
99  C CG  . ASN A 20 ? 0.22301 0.41900 0.25485 0.02610  -0.03165 0.05968  18  ASN A CG  
100 O OD1 . ASN A 20 ? 0.21430 0.39527 0.22797 0.01880  -0.03287 0.05821  18  ASN A OD1 
101 N ND2 . ASN A 20 ? 0.27952 0.51342 0.33180 0.02363  -0.03624 0.05202  18  ASN A ND2 
102 N N   . GLY A 21 ? 0.19945 0.33659 0.21679 0.00211  -0.00778 0.04477  19  GLY A N   
103 C CA  . GLY A 21 ? 0.23338 0.34318 0.23124 -0.00779 -0.00410 0.03971  19  GLY A CA  
104 C C   . GLY A 21 ? 0.21826 0.32705 0.20434 -0.00980 -0.01177 0.03952  19  GLY A C   
105 O O   . GLY A 21 ? 0.22206 0.30616 0.19215 -0.01108 -0.01028 0.03826  19  GLY A O   
106 N N   . ASP A 22 ? 0.20807 0.34566 0.20109 -0.00930 -0.02025 0.03964  20  ASP A N   
107 C CA  . ASP A 22 ? 0.24706 0.38334 0.22517 -0.01056 -0.02612 0.03930  20  ASP A CA  
108 C C   . ASP A 22 ? 0.20511 0.32510 0.17382 0.00048  -0.02606 0.05029  20  ASP A C   
109 O O   . ASP A 22 ? 0.21672 0.32071 0.17220 -0.00174 -0.02459 0.04881  20  ASP A O   
110 C CB  . ASP A 22 ? 0.27147 0.44348 0.25526 -0.01170 -0.03599 0.03588  20  ASP A CB  
111 C CG  . ASP A 22 ? 0.38145 0.57286 0.38092 -0.02605 -0.03467 0.02157  20  ASP A CG  
112 O OD1 . ASP A 22 ? 0.32616 0.49828 0.31742 -0.03979 -0.02818 0.01153  20  ASP A OD1 
113 O OD2 . ASP A 22 ? 0.37510 0.59795 0.39624 -0.02342 -0.03810 0.02026  20  ASP A OD2 
114 N N   . ILE A 23 ? 0.19501 0.31753 0.17205 0.01195  -0.02591 0.06029  21  ILE A N   
115 C CA  . ILE A 23 ? 0.19894 0.29984 0.16917 0.01921  -0.02220 0.06898  21  ILE A CA  
116 C C   . ILE A 23 ? 0.22846 0.30410 0.19642 0.01508  -0.01627 0.06286  21  ILE A C   
117 O O   . ILE A 23 ? 0.20951 0.27155 0.17077 0.01400  -0.01426 0.06226  21  ILE A O   
118 C CB  . ILE A 23 ? 0.21160 0.31420 0.19049 0.03247  -0.02141 0.08033  21  ILE A CB  
119 C CG1 . ILE A 23 ? 0.18616 0.31634 0.16428 0.04078  -0.02997 0.08749  21  ILE A CG1 
120 C CG2 . ILE A 23 ? 0.23352 0.30926 0.20685 0.03600  -0.01459 0.08702  21  ILE A CG2 
121 C CD1 . ILE A 23 ? 0.23970 0.37050 0.22779 0.05681  -0.02908 0.09722  21  ILE A CD1 
122 N N   . ALA A 24 ? 0.19381 0.26472 0.16651 0.01296  -0.01331 0.05733  22  ALA A N   
123 C CA  . ALA A 24 ? 0.22702 0.27464 0.19288 0.01208  -0.00971 0.05176  22  ALA A CA  
124 C C   . ALA A 24 ? 0.23966 0.27858 0.19328 0.00637  -0.01110 0.04537  22  ALA A C   
125 O O   . ALA A 24 ? 0.21825 0.24372 0.16763 0.00890  -0.01127 0.04219  22  ALA A O   
126 C CB  . ALA A 24 ? 0.22412 0.26651 0.19089 0.01176  -0.00490 0.04825  22  ALA A CB  
127 N N   . ALA A 25 ? 0.23091 0.27908 0.18057 -0.00098 -0.01233 0.04183  23  ALA A N   
128 C CA  . ALA A 25 ? 0.24009 0.27691 0.17742 -0.00521 -0.01240 0.03502  23  ALA A CA  
129 C C   . ALA A 25 ? 0.22106 0.26007 0.15709 -0.00188 -0.01425 0.03650  23  ALA A C   
130 O O   . ALA A 25 ? 0.23648 0.26337 0.16771 0.00030  -0.01358 0.03155  23  ALA A O   
131 C CB  . ALA A 25 ? 0.24603 0.29173 0.18061 -0.01552 -0.01225 0.02881  23  ALA A CB  
132 N N   . GLY A 26 ? 0.19792 0.25235 0.13799 -0.00027 -0.01570 0.04364  24  GLY A N   
133 C CA  . GLY A 26 ? 0.24860 0.30254 0.18651 0.00195  -0.01350 0.04669  24  GLY A CA  
134 C C   . GLY A 26 ? 0.25717 0.29849 0.20399 0.00553  -0.00990 0.04631  24  GLY A C   
135 O O   . GLY A 26 ? 0.22509 0.26334 0.17318 0.00487  -0.00735 0.04103  24  GLY A O   
136 N N   . ILE A 27 ? 0.22647 0.26271 0.18157 0.00917  -0.00949 0.04982  25  ILE A N   
137 C CA  . ILE A 27 ? 0.19191 0.21742 0.15656 0.01128  -0.00702 0.04614  25  ILE A CA  
138 C C   . ILE A 27 ? 0.24831 0.26772 0.21039 0.01214  -0.01055 0.03443  25  ILE A C   
139 O O   . ILE A 27 ? 0.21302 0.23299 0.18309 0.01240  -0.01016 0.02751  25  ILE A O   
140 C CB  . ILE A 27 ? 0.19786 0.21758 0.16890 0.01549  -0.00596 0.04983  25  ILE A CB  
141 C CG1 . ILE A 27 ? 0.22771 0.25045 0.20179 0.01835  -0.00202 0.06256  25  ILE A CG1 
142 C CG2 . ILE A 27 ? 0.20952 0.21832 0.18853 0.01663  -0.00516 0.04130  25  ILE A CG2 
143 C CD1 . ILE A 27 ? 0.26395 0.28617 0.24318 0.02504  -0.00177 0.06759  25  ILE A CD1 
144 N N   . ILE A 28 ? 0.19959 0.21323 0.15103 0.01337  -0.01343 0.03215  26  ILE A N   
145 C CA  . ILE A 28 ? 0.20309 0.20598 0.14539 0.01774  -0.01694 0.02376  26  ILE A CA  
146 C C   . ILE A 28 ? 0.21006 0.21672 0.15241 0.01817  -0.01784 0.01806  26  ILE A C   
147 O O   . ILE A 28 ? 0.21975 0.22645 0.16658 0.02414  -0.02137 0.01016  26  ILE A O   
148 C CB  . ILE A 28 ? 0.19840 0.18991 0.12521 0.01702  -0.01572 0.02514  26  ILE A CB  
149 C CG1 . ILE A 28 ? 0.21813 0.20620 0.14586 0.01883  -0.01361 0.02820  26  ILE A CG1 
150 C CG2 . ILE A 28 ? 0.23374 0.20761 0.14373 0.02360  -0.01809 0.01924  26  ILE A CG2 
151 C CD1 . ILE A 28 ? 0.24325 0.22427 0.16024 0.01447  -0.00808 0.03060  26  ILE A CD1 
152 N N   . GLN A 29 ? 0.20157 0.21395 0.13961 0.01269  -0.01510 0.02041  27  GLN A N   
153 C CA  . GLN A 29 ? 0.24351 0.25875 0.17983 0.01339  -0.01409 0.01403  27  GLN A CA  
154 C C   . GLN A 29 ? 0.26014 0.28859 0.21264 0.01291  -0.01068 0.01230  27  GLN A C   
155 O O   . GLN A 29 ? 0.27589 0.30947 0.23259 0.01549  -0.00928 0.00448  27  GLN A O   
156 C CB  . GLN A 29 ? 0.25362 0.27184 0.17904 0.00666  -0.01170 0.01515  27  GLN A CB  
157 C CG  . GLN A 29 ? 0.23229 0.23553 0.14421 0.00445  -0.01229 0.01259  27  GLN A CG  
158 C CD  . GLN A 29 ? 0.32973 0.33743 0.23337 -0.00421 -0.01053 0.00925  27  GLN A CD  
159 O OE1 . GLN A 29 ? 0.26565 0.25785 0.15894 -0.00796 -0.00845 0.00377  27  GLN A OE1 
160 N NE2 . GLN A 29 ? 0.36773 0.39494 0.27358 -0.00767 -0.01069 0.01190  27  GLN A NE2 
161 N N   . THR A 30 ? 0.20958 0.24212 0.17222 0.00977  -0.00776 0.01880  28  THR A N   
162 C CA  . THR A 30 ? 0.23644 0.27714 0.21588 0.00679  -0.00132 0.01696  28  THR A CA  
163 C C   . THR A 30 ? 0.24562 0.28791 0.24167 0.01018  -0.00545 0.00603  28  THR A C   
164 O O   . THR A 30 ? 0.26267 0.31695 0.27536 0.00967  -0.00335 -0.00405 28  THR A O   
165 C CB  . THR A 30 ? 0.23742 0.27583 0.21758 0.00243  0.00539  0.02973  28  THR A CB  
166 O OG1 . THR A 30 ? 0.30501 0.34652 0.26811 0.00161  0.00598  0.03846  28  THR A OG1 
167 C CG2 . THR A 30 ? 0.22947 0.27077 0.22454 -0.00310 0.01629  0.02926  28  THR A CG2 
168 N N   . GLU A 31 ? 0.20854 0.24167 0.20057 0.01413  -0.01170 0.00598  29  GLU A N   
169 C CA  . GLU A 31 ? 0.21474 0.25059 0.21908 0.01812  -0.01762 -0.00591 29  GLU A CA  
170 C C   . GLU A 31 ? 0.32455 0.36549 0.32551 0.02834  -0.02689 -0.01699 29  GLU A C   
171 O O   . GLU A 31 ? 0.30674 0.36146 0.32505 0.03177  -0.03219 -0.03044 29  GLU A O   
172 C CB  . GLU A 31 ? 0.32262 0.34569 0.31823 0.02077  -0.02087 -0.00290 29  GLU A CB  
173 C CG  . GLU A 31 ? 0.31876 0.33780 0.32514 0.01372  -0.01245 0.00368  29  GLU A CG  
174 C CD  . GLU A 31 ? 0.42213 0.42937 0.42367 0.01680  -0.01365 0.00463  29  GLU A CD  
175 O OE1 . GLU A 31 ? 0.36211 0.36465 0.34942 0.02357  -0.02034 0.00107  29  GLU A OE1 
176 O OE2 . GLU A 31 ? 0.46321 0.46350 0.47369 0.01310  -0.00625 0.00949  29  GLU A OE2 
177 N N   . ASN A 32 ? 0.20711 0.23727 0.18683 0.03387  -0.02903 -0.01253 30  ASN A N   
178 C CA  . ASN A 32 ? 0.23903 0.26662 0.20974 0.04666  -0.03670 -0.02007 30  ASN A CA  
179 C C   . ASN A 32 ? 0.28537 0.31192 0.25056 0.04494  -0.03081 -0.01822 30  ASN A C   
180 O O   . ASN A 32 ? 0.28034 0.29198 0.22718 0.04086  -0.02693 -0.01037 30  ASN A O   
181 C CB  . ASN A 32 ? 0.26527 0.27098 0.20962 0.05564  -0.04243 -0.01622 30  ASN A CB  
182 C CG  . ASN A 32 ? 0.35480 0.35220 0.28468 0.07248  -0.05034 -0.02177 30  ASN A CG  
183 O OD1 . ASN A 32 ? 0.32790 0.33031 0.26266 0.07651  -0.04938 -0.02588 30  ASN A OD1 
184 N ND2 . ASN A 32 ? 0.37407 0.35692 0.28328 0.08420  -0.05759 -0.02140 30  ASN A ND2 
185 N N   . ALA A 33 ? 0.31235 0.35694 0.29553 0.04700  -0.02931 -0.02735 31  ALA A N   
186 C CA  . ALA A 33 ? 0.31891 0.36502 0.29851 0.04496  -0.02194 -0.02781 31  ALA A CA  
187 C C   . ALA A 33 ? 0.29937 0.32646 0.25804 0.05680  -0.02560 -0.02991 31  ALA A C   
188 O O   . ALA A 33 ? 0.38011 0.40508 0.33353 0.05589  -0.01939 -0.03235 31  ALA A O   
189 C CB  . ALA A 33 ? 0.33071 0.40333 0.33809 0.04417  -0.01692 -0.03842 31  ALA A CB  
190 N N   . ASN A 34 ? 0.31405 0.32485 0.25852 0.06866  -0.03428 -0.02937 32  ASN A N   
191 C CA  . ASN A 34 ? 0.32559 0.31260 0.24822 0.08208  -0.03600 -0.03041 32  ASN A CA  
192 C C   . ASN A 34 ? 0.35730 0.31132 0.25086 0.07712  -0.03211 -0.02019 32  ASN A C   
193 O O   . ASN A 34 ? 0.40854 0.33397 0.27903 0.08867  -0.03253 -0.01880 32  ASN A O   
194 C CB  . ASN A 34 ? 0.37309 0.36495 0.29832 0.10347  -0.04810 -0.03784 32  ASN A CB  
195 C CG  . ASN A 34 ? 0.47053 0.49874 0.42952 0.10795  -0.05017 -0.05145 32  ASN A CG  
196 O OD1 . ASN A 34 ? 0.47137 0.50749 0.43967 0.10546  -0.04172 -0.05615 32  ASN A OD1 
197 N ND2 . ASN A 34 ? 0.64918 0.70178 0.62825 0.11312  -0.06025 -0.05961 32  ASN A ND2 
198 N N   . VAL A 35 ? 0.29366 0.25058 0.18845 0.06046  -0.02717 -0.01312 33  VAL A N   
199 C CA  . VAL A 35 ? 0.27431 0.20623 0.14791 0.05359  -0.02229 -0.00543 33  VAL A CA  
200 C C   . VAL A 35 ? 0.28383 0.22230 0.16048 0.03614  -0.01503 -0.00389 33  VAL A C   
201 O O   . VAL A 35 ? 0.26662 0.22948 0.15914 0.02909  -0.01453 -0.00453 33  VAL A O   
202 C CB  . VAL A 35 ? 0.32077 0.25020 0.19078 0.05343  -0.02491 0.00093  33  VAL A CB  
203 C CG1 . VAL A 35 ? 0.31635 0.23879 0.17732 0.07219  -0.03407 -0.00180 33  VAL A CG1 
204 C CG2 . VAL A 35 ? 0.25726 0.21243 0.14898 0.04215  -0.02460 0.00341  33  VAL A CG2 
205 N N   . LYS A 36 ? 0.30793 0.22344 0.16766 0.02948  -0.00893 -0.00244 34  LYS A N   
206 C CA  . LYS A 36 ? 0.28951 0.21303 0.15192 0.01209  -0.00387 -0.00242 34  LYS A CA  
207 C C   . LYS A 36 ? 0.31465 0.23680 0.17720 0.00604  -0.00203 0.00479  34  LYS A C   
208 O O   . LYS A 36 ? 0.32860 0.22427 0.17536 0.00975  0.00217  0.00773  34  LYS A O   
209 C CB  . LYS A 36 ? 0.35013 0.24895 0.19714 0.00676  0.00330  -0.00949 34  LYS A CB  
210 C CG  . LYS A 36 ? 0.44700 0.35237 0.29600 -0.01235 0.00812  -0.01375 34  LYS A CG  
211 C CD  . LYS A 36 ? 0.43690 0.30738 0.26889 -0.01852 0.01772  -0.02235 34  LYS A CD  
212 C CE  . LYS A 36 ? 0.51350 0.34271 0.32672 -0.01139 0.02497  -0.01589 34  LYS A CE  
213 N NZ  . LYS A 36 ? 0.51607 0.30203 0.31014 -0.01746 0.03767  -0.02254 34  LYS A NZ  
214 N N   . ALA A 37 ? 0.29049 0.23932 0.16862 -0.00236 -0.00380 0.00785  35  ALA A N   
215 C CA  . ALA A 37 ? 0.28231 0.23598 0.16545 -0.00774 -0.00142 0.01334  35  ALA A CA  
216 C C   . ALA A 37 ? 0.33587 0.29540 0.22168 -0.02315 0.00367  0.00905  35  ALA A C   
217 O O   . ALA A 37 ? 0.33723 0.31354 0.22793 -0.02970 0.00087  0.00362  35  ALA A O   
218 C CB  . ALA A 37 ? 0.27631 0.25463 0.17623 -0.00457 -0.00656 0.01900  35  ALA A CB  
219 N N   . ILE A 38 ? 0.28263 0.22815 0.16415 -0.02946 0.01192  0.00987  36  ILE A N   
220 C CA  . ILE A 38 ? 0.32090 0.27187 0.20870 -0.04682 0.01883  0.00286  36  ILE A CA  
221 C C   . ILE A 38 ? 0.34272 0.31306 0.24658 -0.05160 0.02223  0.00660  36  ILE A C   
222 O O   . ILE A 38 ? 0.33629 0.28758 0.23144 -0.04778 0.02998  0.01220  36  ILE A O   
223 C CB  . ILE A 38 ? 0.38243 0.29267 0.25057 -0.05302 0.03127  -0.00129 36  ILE A CB  
224 C CG1 . ILE A 38 ? 0.51706 0.40185 0.36691 -0.04247 0.02886  -0.00362 36  ILE A CG1 
225 C CG2 . ILE A 38 ? 0.42077 0.33992 0.30069 -0.07524 0.03925  -0.01254 36  ILE A CG2 
226 C CD1 . ILE A 38 ? 0.60725 0.44330 0.43322 -0.04484 0.04242  -0.00520 36  ILE A CD1 
227 N N   . VAL A 39 ? 0.29091 0.29910 0.21662 -0.05892 0.01697  0.00286  37  VAL A N   
228 C CA  . VAL A 39 ? 0.25525 0.28543 0.20025 -0.06278 0.02095  0.00449  37  VAL A CA  
229 C C   . VAL A 39 ? 0.28914 0.30907 0.23680 -0.08086 0.03533  -0.00415 37  VAL A C   
230 O O   . VAL A 39 ? 0.27795 0.30262 0.22956 -0.09518 0.03613  -0.01591 37  VAL A O   
231 C CB  . VAL A 39 ? 0.26433 0.34026 0.23190 -0.06117 0.00911  0.00366  37  VAL A CB  
232 C CG1 . VAL A 39 ? 0.24157 0.34407 0.23274 -0.06322 0.01282  0.00375  37  VAL A CG1 
233 C CG2 . VAL A 39 ? 0.28035 0.35680 0.24170 -0.04432 -0.00058 0.01401  37  VAL A CG2 
234 N N   . VAL A 40 ? 0.27847 0.28341 0.22344 -0.08159 0.04830  0.00044  38  VAL A N   
235 C CA  . VAL A 40 ? 0.34382 0.33501 0.29075 -0.10048 0.06657  -0.00666 38  VAL A CA  
236 C C   . VAL A 40 ? 0.36263 0.37872 0.33182 -0.10403 0.07562  -0.00588 38  VAL A C   
237 O O   . VAL A 40 ? 0.31506 0.33529 0.28269 -0.08863 0.07276  0.00342  38  VAL A O   
238 C CB  . VAL A 40 ? 0.37818 0.31016 0.28808 -0.09805 0.07987  -0.00075 38  VAL A CB  
239 C CG1 . VAL A 40 ? 0.46422 0.37313 0.35570 -0.09410 0.07238  -0.00360 38  VAL A CG1 
240 C CG2 . VAL A 40 ? 0.45623 0.37240 0.34724 -0.07800 0.07756  0.01213  38  VAL A CG2 
241 N N   . LYS A 41 ? 0.28462 0.31643 0.27555 -0.12526 0.08830  -0.01737 39  LYS A N   
242 C CA  . LYS A 41 ? 0.28307 0.34026 0.29834 -0.13009 0.10026  -0.01856 39  LYS A CA  
243 C C   . LYS A 41 ? 0.36356 0.37595 0.34946 -0.12512 0.11971  -0.00736 39  LYS A C   
244 O O   . LYS A 41 ? 0.37411 0.33810 0.33065 -0.13268 0.13467  -0.00499 39  LYS A O   
245 C CB  . LYS A 41 ? 0.32749 0.41246 0.37545 -0.15684 0.11164  -0.03603 39  LYS A CB  
246 C CG  . LYS A 41 ? 0.40528 0.51964 0.48281 -0.16327 0.12711  -0.03912 39  LYS A CG  
247 C CD  . LYS A 41 ? 0.38303 0.54835 0.48697 -0.14372 0.10935  -0.03598 39  LYS A CD  
248 C CE  . LYS A 41 ? 0.40214 0.59017 0.53094 -0.14556 0.12685  -0.03745 39  LYS A CE  
249 N NZ  . LYS A 41 ? 0.39964 0.60363 0.55510 -0.16386 0.13571  -0.05220 39  LYS A NZ  
250 N N   . GLU A 42 ? 0.31884 0.34569 0.31062 -0.11197 0.12064  -0.00080 40  GLU A N   
251 C CA  . GLU A 42 ? 0.40747 0.39433 0.36786 -0.10587 0.13837  0.00887  40  GLU A CA  
252 C C   . GLU A 42 ? 0.42978 0.39413 0.38631 -0.12401 0.16212  0.00480  40  GLU A C   
253 O O   . GLU A 42 ? 0.38119 0.37821 0.37407 -0.14070 0.16842  -0.00716 40  GLU A O   
254 C CB  . GLU A 42 ? 0.44976 0.46184 0.42353 -0.09184 0.13778  0.01218  40  GLU A CB  
255 C CG  . GLU A 42 ? 0.40990 0.47593 0.43248 -0.10247 0.14371  0.00175  40  GLU A CG  
256 C CD  . GLU A 42 ? 0.55211 0.63892 0.58677 -0.08653 0.14584  0.00478  40  GLU A CD  
257 O OE1 . GLU A 42 ? 0.50827 0.56710 0.51272 -0.06847 0.14113  0.01390  40  GLU A OE1 
258 O OE2 . GLU A 42 ? 0.50028 0.63247 0.57589 -0.09191 0.15227  -0.00362 40  GLU A OE2 
259 N N   . GLY A 43 ? 0.46969 0.37924 0.38297 -0.11551 0.16929  0.01387  41  GLY A N   
260 C CA  . GLY A 43 ? 0.51733 0.39776 0.42092 -0.12695 0.18802  0.01147  41  GLY A CA  
261 C C   . GLY A 43 ? 0.55433 0.40633 0.44861 -0.13906 0.19064  0.00589  41  GLY A C   
262 O O   . GLY A 43 ? 0.53417 0.35787 0.41911 -0.14946 0.20822  0.00322  41  GLY A O   
263 N N   . LEU A 44 ? 0.51685 0.37440 0.41278 -0.13849 0.17543  0.00336  42  LEU A N   
264 C CA  . LEU A 44 ? 0.59529 0.42185 0.47876 -0.14788 0.17816  -0.00253 42  LEU A CA  
265 C C   . LEU A 44 ? 0.62596 0.38996 0.46173 -0.13386 0.18747  0.00849  42  LEU A C   
266 O O   . LEU A 44 ? 0.65898 0.40447 0.46567 -0.11070 0.17736  0.02060  42  LEU A O   
267 C CB  . LEU A 44 ? 0.59217 0.43211 0.47850 -0.14500 0.15917  -0.00476 42  LEU A CB  
268 C CG  . LEU A 44 ? 0.54886 0.35785 0.42117 -0.15201 0.15936  -0.01159 42  LEU A CG  
269 C CD1 . LEU A 44 ? 0.53283 0.37313 0.44193 -0.17815 0.16374  -0.03152 42  LEU A CD1 
270 C CD2 . LEU A 44 ? 0.56914 0.38259 0.43154 -0.13883 0.13955  -0.00731 42  LEU A CD2 
271 N N   . PRO A 45 ? 0.68018 0.41318 0.50732 -0.14583 0.20603  0.00397  43  PRO A N   
272 C CA  . PRO A 45 ? 0.86369 0.53703 0.64367 -0.13055 0.21444  0.01459  43  PRO A CA  
273 C C   . PRO A 45 ? 0.92730 0.57758 0.68364 -0.11449 0.19915  0.01853  43  PRO A C   
274 O O   . PRO A 45 ? 0.82758 0.48517 0.59812 -0.12550 0.19422  0.00882  43  PRO A O   
275 C CB  . PRO A 45 ? 0.84717 0.49702 0.62977 -0.15140 0.23836  0.00590  43  PRO A CB  
276 C CG  . PRO A 45 ? 0.70669 0.40870 0.53871 -0.17516 0.24336  -0.00791 43  PRO A CG  
277 C CD  . PRO A 45 ? 0.68764 0.44105 0.54858 -0.17298 0.22027  -0.01180 43  PRO A CD  
278 N N   . ILE A 46 ? 0.98349 0.60966 0.70528 -0.08776 0.19050  0.03132  44  ILE A N   
279 C CA  . ILE A 46 ? 1.01849 0.62363 0.71723 -0.06855 0.17595  0.03525  44  ILE A CA  
280 C C   . ILE A 46 ? 1.11470 0.67125 0.77031 -0.04918 0.18333  0.04464  44  ILE A C   
281 O O   . ILE A 46 ? 1.11207 0.65704 0.75203 -0.04396 0.19275  0.05101  44  ILE A O   
282 C CB  . ILE A 46 ? 1.01189 0.64773 0.71669 -0.05153 0.15179  0.03917  44  ILE A CB  
283 C CG1 . ILE A 46 ? 1.03752 0.67964 0.73080 -0.03561 0.14817  0.04720  44  ILE A CG1 
284 C CG2 . ILE A 46 ? 0.91622 0.59738 0.65956 -0.06944 0.14477  0.03101  44  ILE A CG2 
285 C CD1 . ILE A 46 ? 0.92959 0.60261 0.63064 -0.01966 0.12550  0.04908  44  ILE A CD1 
286 N N   . THR A 47 ? 1.18255 0.71083 0.81801 -0.03781 0.17939  0.04541  45  THR A N   
287 C CA  . THR A 47 ? 1.21059 0.69632 0.80400 -0.01515 0.18316  0.05495  45  THR A CA  
288 C C   . THR A 47 ? 1.24920 0.75018 0.83032 0.01288  0.16075  0.06121  45  THR A C   
289 O O   . THR A 47 ? 1.19721 0.73862 0.80209 0.01342  0.14460  0.05859  45  THR A O   
290 C CB  . THR A 47 ? 1.17372 0.62485 0.75114 -0.01208 0.18804  0.05329  45  THR A CB  
291 O OG1 . THR A 47 ? 1.19630 0.66710 0.78313 -0.00030 0.16644  0.05032  45  THR A OG1 
292 C CG2 . THR A 47 ? 1.09346 0.53589 0.68981 -0.04285 0.20843  0.04299  45  THR A CG2 
293 N N   . GLN A 48 ? 1.27671 0.74583 0.82079 0.03641  0.15988  0.06872  46  GLN A N   
294 C CA  . GLN A 48 ? 1.32975 0.81328 0.86156 0.06334  0.13889  0.07214  46  GLN A CA  
295 C C   . GLN A 48 ? 1.30542 0.79689 0.83858 0.08037  0.11983  0.06909  46  GLN A C   
296 O O   . GLN A 48 ? 1.25100 0.75157 0.77243 0.10439  0.10291  0.07025  46  GLN A O   
297 C CB  . GLN A 48 ? 1.22040 0.66939 0.71113 0.08040  0.14751  0.08117  46  GLN A CB  
298 C CG  . GLN A 48 ? 1.19757 0.63948 0.68690 0.06425  0.16716  0.08413  46  GLN A CG  
299 C CD  . GLN A 48 ? 1.33153 0.72519 0.77560 0.07569  0.18422  0.09396  46  GLN A CD  
300 O OE1 . GLN A 48 ? 1.40364 0.76905 0.81498 0.09819  0.17987  0.09932  46  GLN A OE1 
301 N NE2 . GLN A 48 ? 1.30622 0.68983 0.74742 0.06073  0.20461  0.09667  46  GLN A NE2 
302 N N   . ASP A 49 ? 1.18512 0.67521 0.73399 0.06774  0.12246  0.06389  47  ASP A N   
303 C CA  . ASP A 49 ? 1.04503 0.54761 0.60129 0.08110  0.10505  0.05979  47  ASP A CA  
304 C C   . ASP A 49 ? 0.88642 0.43700 0.46781 0.08808  0.08235  0.05537  47  ASP A C   
305 O O   . ASP A 49 ? 0.86378 0.44242 0.47190 0.07100  0.08099  0.05211  47  ASP A O   
306 C CB  . ASP A 49 ? 1.06404 0.55867 0.63612 0.06146  0.11388  0.05348  47  ASP A CB  
307 C CG  . ASP A 49 ? 1.08973 0.61871 0.69717 0.03705  0.11250  0.04656  47  ASP A CG  
308 O OD1 . ASP A 49 ? 1.10378 0.64559 0.72038 0.02396  0.11950  0.04786  47  ASP A OD1 
309 O OD2 . ASP A 49 ? 1.05935 0.60332 0.68506 0.03226  0.10399  0.03977  47  ASP A OD2 
310 N N   . LEU A 50 ? 0.73170 0.29278 0.30552 0.11307  0.06489  0.05468  48  LEU A N   
311 C CA  . LEU A 50 ? 0.73866 0.34462 0.33697 0.12072  0.04376  0.04868  48  LEU A CA  
312 C C   . LEU A 50 ? 0.78332 0.40470 0.40183 0.12099  0.03437  0.04245  48  LEU A C   
313 O O   . LEU A 50 ? 0.74265 0.34941 0.35011 0.13527  0.03167  0.04162  48  LEU A O   
314 C CB  . LEU A 50 ? 0.76935 0.38162 0.35180 0.14564  0.03060  0.04847  48  LEU A CB  
315 C CG  . LEU A 50 ? 0.75969 0.41611 0.36459 0.15410  0.01039  0.04075  48  LEU A CG  
316 C CD1 . LEU A 50 ? 0.83148 0.51383 0.46175 0.13542  0.01128  0.03933  48  LEU A CD1 
317 C CD2 . LEU A 50 ? 0.77031 0.42040 0.34999 0.17629  0.00315  0.04131  48  LEU A CD2 
318 N N   . ASN A 51 ? 0.69022 0.33857 0.33694 0.10521  0.03096  0.03865  49  ASN A N   
319 C CA  . ASN A 51 ? 0.59039 0.25574 0.25699 0.10561  0.02179  0.03243  49  ASN A CA  
320 C C   . ASN A 51 ? 0.57210 0.28329 0.26479 0.10964  0.00480  0.02786  49  ASN A C   
321 O O   . ASN A 51 ? 0.53355 0.26394 0.24213 0.09410  0.00583  0.02893  49  ASN A O   
322 C CB  . ASN A 51 ? 0.59279 0.24504 0.26699 0.08217  0.03434  0.03124  49  ASN A CB  
323 C CG  . ASN A 51 ? 0.57166 0.24137 0.26648 0.08358  0.02599  0.02169  49  ASN A CG  
324 O OD1 . ASN A 51 ? 0.52111 0.22397 0.23266 0.09764  0.01045  0.01732  49  ASN A OD1 
325 N ND2 . ASN A 51 ? 0.61473 0.27572 0.31679 0.06506  0.03694  0.01411  49  ASN A ND2 
326 N N   . PHE A 52 ? 0.54921 0.27984 0.24827 0.12931  -0.00998 0.02188  50  PHE A N   
327 C CA  . PHE A 52 ? 0.61987 0.39433 0.34631 0.13225  -0.02492 0.01496  50  PHE A CA  
328 C C   . PHE A 52 ? 0.54822 0.34739 0.30142 0.12207  -0.02870 0.01149  50  PHE A C   
329 O O   . PHE A 52 ? 0.55053 0.38591 0.32827 0.11929  -0.03793 0.00652  50  PHE A O   
330 C CB  . PHE A 52 ? 0.61739 0.40794 0.34614 0.15411  -0.03869 0.00707  50  PHE A CB  
331 C CG  . PHE A 52 ? 0.66503 0.43605 0.36565 0.16662  -0.03797 0.01036  50  PHE A CG  
332 C CD1 . PHE A 52 ? 0.65310 0.42537 0.34828 0.16146  -0.03603 0.01283  50  PHE A CD1 
333 C CD2 . PHE A 52 ? 0.71467 0.46433 0.39238 0.18479  -0.03862 0.01156  50  PHE A CD2 
334 C CE1 . PHE A 52 ? 0.68578 0.43794 0.35149 0.17508  -0.03510 0.01607  50  PHE A CE1 
335 C CE2 . PHE A 52 ? 0.71030 0.43996 0.35817 0.19853  -0.03803 0.01558  50  PHE A CE2 
336 C CZ  . PHE A 52 ? 0.70672 0.43769 0.34806 0.19383  -0.03635 0.01763  50  PHE A CZ  
337 N N   . ASN A 53 ? 0.47421 0.26013 0.22884 0.11228  -0.01937 0.01054  51  ASN A N   
338 C CA  . ASN A 53 ? 0.42909 0.24952 0.21671 0.09499  -0.01838 0.00266  51  ASN A CA  
339 C C   . ASN A 53 ? 0.42830 0.25267 0.22216 0.06989  -0.00848 0.00594  51  ASN A C   
340 O O   . ASN A 53 ? 0.37526 0.22073 0.18797 0.05623  -0.00632 0.00064  51  ASN A O   
341 C CB  . ASN A 53 ? 0.46712 0.28088 0.25733 0.09853  -0.01486 -0.00504 51  ASN A CB  
342 C CG  . ASN A 53 ? 0.51365 0.33128 0.30466 0.12468  -0.02504 -0.01025 51  ASN A CG  
343 O OD1 . ASN A 53 ? 0.51669 0.29890 0.28319 0.14202  -0.02314 -0.00821 51  ASN A OD1 
344 N ND2 . ASN A 53 ? 0.48296 0.34364 0.30338 0.12820  -0.03529 -0.01756 51  ASN A ND2 
345 N N   . ARG A 54 ? 0.42469 0.23158 0.20300 0.06482  -0.00261 0.01402  52  ARG A N   
346 C CA  . ARG A 54 ? 0.42079 0.23357 0.20728 0.04236  0.00714  0.01603  52  ARG A CA  
347 C C   . ARG A 54 ? 0.41300 0.24273 0.20600 0.04114  0.00437  0.02114  52  ARG A C   
348 O O   . ARG A 54 ? 0.41837 0.23319 0.19243 0.05471  0.00184  0.02572  52  ARG A O   
349 C CB  . ARG A 54 ? 0.50336 0.27468 0.26612 0.03385  0.02280  0.01917  52  ARG A CB  
350 C CG  . ARG A 54 ? 0.50186 0.28329 0.27656 0.01063  0.03320  0.01927  52  ARG A CG  
351 C CD  . ARG A 54 ? 0.52780 0.26623 0.28107 -0.00020 0.05162  0.02071  52  ARG A CD  
352 N NE  . ARG A 54 ? 0.61729 0.31415 0.33530 0.01611  0.05722  0.03153  52  ARG A NE  
353 C CZ  . ARG A 54 ? 0.73460 0.38226 0.42443 0.01701  0.07176  0.03489  52  ARG A CZ  
354 N NH1 . ARG A 54 ? 0.71743 0.34476 0.40898 -0.00046 0.08435  0.02793  52  ARG A NH1 
355 N NH2 . ARG A 54 ? 0.71399 0.34663 0.38356 0.03529  0.07174  0.03997  52  ARG A NH2 
356 N N   . VAL A 55 ? 0.32354 0.18348 0.14094 0.02679  0.00460  0.02013  53  VAL A N   
357 C CA  . VAL A 55 ? 0.35209 0.22352 0.17523 0.02448  0.00543  0.02458  53  VAL A CA  
358 C C   . VAL A 55 ? 0.35024 0.22775 0.18248 0.00614  0.01618  0.02548  53  VAL A C   
359 O O   . VAL A 55 ? 0.32014 0.22503 0.17432 -0.00367 0.01361  0.02239  53  VAL A O   
360 C CB  . VAL A 55 ? 0.31326 0.21669 0.15991 0.02776  -0.00475 0.02260  53  VAL A CB  
361 C CG1 . VAL A 55 ? 0.27987 0.19336 0.13392 0.02419  -0.00178 0.02630  53  VAL A CG1 
362 C CG2 . VAL A 55 ? 0.31325 0.21585 0.15600 0.04426  -0.01533 0.01839  53  VAL A CG2 
363 N N   . ARG A 56 ? 0.34011 0.19485 0.15608 0.00209  0.02833  0.02946  54  ARG A N   
364 C CA  . ARG A 56 ? 0.34708 0.21530 0.17866 -0.01601 0.03905  0.02824  54  ARG A CA  
365 C C   . ARG A 56 ? 0.32961 0.22969 0.18253 -0.01500 0.03518  0.03009  54  ARG A C   
366 O O   . ARG A 56 ? 0.36464 0.25897 0.20821 -0.00367 0.03364  0.03388  54  ARG A O   
367 C CB  . ARG A 56 ? 0.37806 0.21182 0.18739 -0.02218 0.05685  0.03171  54  ARG A CB  
368 C CG  . ARG A 56 ? 0.44196 0.23802 0.23005 -0.02502 0.06427  0.03009  54  ARG A CG  
369 C CD  . ARG A 56 ? 0.51721 0.27792 0.28519 -0.03503 0.08618  0.03439  54  ARG A CD  
370 N NE  . ARG A 56 ? 0.65959 0.37620 0.40521 -0.03882 0.09691  0.03346  54  ARG A NE  
371 C CZ  . ARG A 56 ? 0.76180 0.44174 0.47835 -0.02126 0.09873  0.03829  54  ARG A CZ  
372 N NH1 . ARG A 56 ? 0.70950 0.39059 0.41319 -0.00050 0.09042  0.04404  54  ARG A NH1 
373 N NH2 . ARG A 56 ? 0.74801 0.39251 0.44974 -0.02443 0.10861  0.03541  54  ARG A NH2 
374 N N   . VAL A 57 ? 0.26989 0.20313 0.15009 -0.02533 0.03298  0.02670  55  VAL A N   
375 C CA  . VAL A 57 ? 0.24900 0.21213 0.15099 -0.02268 0.02950  0.02893  55  VAL A CA  
376 C C   . VAL A 57 ? 0.29142 0.26807 0.20780 -0.03555 0.04148  0.02644  55  VAL A C   
377 O O   . VAL A 57 ? 0.26386 0.26344 0.19869 -0.04773 0.04087  0.02039  55  VAL A O   
378 C CB  . VAL A 57 ? 0.24820 0.24004 0.16889 -0.02054 0.01694  0.02855  55  VAL A CB  
379 C CG1 . VAL A 57 ? 0.27028 0.28846 0.21192 -0.01604 0.01486  0.03228  55  VAL A CG1 
380 C CG2 . VAL A 57 ? 0.27033 0.24987 0.18001 -0.00991 0.00835  0.02947  55  VAL A CG2 
381 N N   . PHE A 58 ? 0.29927 0.26333 0.20725 -0.03339 0.05297  0.02945  56  PHE A N   
382 C CA  . PHE A 58 ? 0.26171 0.23728 0.18406 -0.04711 0.06835  0.02600  56  PHE A CA  
383 C C   . PHE A 58 ? 0.30581 0.32501 0.26225 -0.04487 0.06433  0.02443  56  PHE A C   
384 O O   . PHE A 58 ? 0.27221 0.29501 0.22938 -0.03064 0.05950  0.02890  56  PHE A O   
385 C CB  . PHE A 58 ? 0.32355 0.26526 0.21918 -0.04594 0.08564  0.03030  56  PHE A CB  
386 C CG  . PHE A 58 ? 0.40652 0.30332 0.26809 -0.04852 0.09321  0.03288  56  PHE A CG  
387 C CD1 . PHE A 58 ? 0.43157 0.31704 0.29527 -0.06777 0.10784  0.02825  56  PHE A CD1 
388 C CD2 . PHE A 58 ? 0.46954 0.33517 0.29774 -0.03137 0.08600  0.03898  56  PHE A CD2 
389 C CE1 . PHE A 58 ? 0.48130 0.31758 0.31049 -0.06890 0.11712  0.03180  56  PHE A CE1 
390 C CE2 . PHE A 58 ? 0.52543 0.34593 0.31891 -0.02986 0.09299  0.04283  56  PHE A CE2 
391 C CZ  . PHE A 58 ? 0.52653 0.33193 0.32204 -0.04765 0.10788  0.03940  56  PHE A CZ  
392 N N   . VAL A 59 ? 0.23744 0.29011 0.22272 -0.05814 0.06587  0.01692  57  VAL A N   
393 C CA  . VAL A 59 ? 0.21944 0.31836 0.23861 -0.05286 0.05823  0.01531  57  VAL A CA  
394 C C   . VAL A 59 ? 0.27426 0.40185 0.32190 -0.06638 0.07191  0.00662  57  VAL A C   
395 O O   . VAL A 59 ? 0.25602 0.37277 0.30203 -0.08511 0.08614  -0.00033 57  VAL A O   
396 C CB  . VAL A 59 ? 0.24001 0.36663 0.27178 -0.05044 0.03935  0.01376  57  VAL A CB  
397 C CG1 . VAL A 59 ? 0.22409 0.32619 0.23231 -0.03814 0.02843  0.02172  57  VAL A CG1 
398 C CG2 . VAL A 59 ? 0.21573 0.35433 0.25550 -0.06981 0.04008  0.00198  57  VAL A CG2 
399 N N   . ASP A 60 ? 0.22661 0.39087 0.30219 -0.05648 0.06877  0.00659  58  ASP A N   
400 C CA  . ASP A 60 ? 0.26165 0.46436 0.37284 -0.06726 0.08020  -0.00345 58  ASP A CA  
401 C C   . ASP A 60 ? 0.20878 0.46035 0.35170 -0.07501 0.06597  -0.01405 58  ASP A C   
402 O O   . ASP A 60 ? 0.23036 0.47959 0.36169 -0.07381 0.04980  -0.01323 58  ASP A O   
403 C CB  . ASP A 60 ? 0.33661 0.55616 0.46376 -0.05112 0.08543  0.00002  58  ASP A CB  
404 C CG  . ASP A 60 ? 0.31670 0.56155 0.45753 -0.02881 0.06518  0.00615  58  ASP A CG  
405 O OD1 . ASP A 60 ? 0.25656 0.51709 0.40046 -0.02673 0.04738  0.00683  58  ASP A OD1 
406 O OD2 . ASP A 60 ? 0.35406 0.60104 0.50100 -0.01266 0.06894  0.01039  58  ASP A OD2 
407 N N   . GLU A 61 ? 0.24863 0.54773 0.43249 -0.08251 0.07222  -0.02542 59  GLU A N   
408 C CA  . GLU A 61 ? 0.26396 0.61726 0.48212 -0.09123 0.05878  -0.03950 59  GLU A CA  
409 C C   . GLU A 61 ? 0.28096 0.66189 0.50213 -0.06763 0.03185  -0.03236 59  GLU A C   
410 O O   . GLU A 61 ? 0.29700 0.71091 0.52928 -0.07188 0.01536  -0.04127 59  GLU A O   
411 C CB  . GLU A 61 ? 0.25240 0.64137 0.51054 -0.09961 0.07040  -0.05209 59  GLU A CB  
412 C CG  . GLU A 61 ? 0.36224 0.77016 0.63890 -0.07860 0.07484  -0.04548 59  GLU A CG  
413 C CD  . GLU A 61 ? 0.48160 0.85242 0.74200 -0.08192 0.10280  -0.03983 59  GLU A CD  
414 O OE1 . GLU A 61 ? 0.39446 0.71531 0.61761 -0.09300 0.11610  -0.03461 59  GLU A OE1 
415 O OE2 . GLU A 61 ? 0.52588 0.91538 0.80790 -0.07150 0.11120  -0.04029 59  GLU A OE2 
416 N N   . ASN A 62 ? 0.24179 0.60670 0.45011 -0.04313 0.02793  -0.01671 60  ASN A N   
417 C CA  . ASN A 62 ? 0.22482 0.60134 0.42732 -0.01970 0.00639  -0.00582 60  ASN A CA  
418 C C   . ASN A 62 ? 0.23537 0.56331 0.39571 -0.01585 0.00043  0.00597  60  ASN A C   
419 O O   . ASN A 62 ? 0.29839 0.62263 0.44780 0.00354  -0.01188 0.01815  60  ASN A O   
420 C CB  . ASN A 62 ? 0.21890 0.60393 0.43424 0.00451  0.00752  0.00350  60  ASN A CB  
421 C CG  . ASN A 62 ? 0.30415 0.74313 0.56510 0.00509  0.01193  -0.00827 60  ASN A CG  
422 O OD1 . ASN A 62 ? 0.33367 0.80315 0.61067 0.00737  -0.00297 -0.01559 60  ASN A OD1 
423 N ND2 . ASN A 62 ? 0.34226 0.77325 0.61310 0.00292  0.03259  -0.01052 60  ASN A ND2 
424 N N   . ARG A 63 ? 0.18793 0.47766 0.32504 -0.03322 0.01047  0.00279  61  ARG A N   
425 C CA  . ARG A 63 ? 0.21613 0.46293 0.31718 -0.03144 0.00643  0.01079  61  ARG A CA  
426 C C   . ARG A 63 ? 0.23327 0.44809 0.31679 -0.01416 0.00829  0.02431  61  ARG A C   
427 O O   . ARG A 63 ? 0.23223 0.42484 0.29452 -0.00745 0.00087  0.03182  61  ARG A O   
428 C CB  . ARG A 63 ? 0.32178 0.58637 0.41737 -0.02893 -0.01146 0.01048  61  ARG A CB  
429 C CG  . ARG A 63 ? 0.27459 0.56967 0.38572 -0.04805 -0.01427 -0.00669 61  ARG A CG  
430 C CD  . ARG A 63 ? 0.35632 0.66162 0.45261 -0.04708 -0.03090 -0.00883 61  ARG A CD  
431 N NE  . ARG A 63 ? 0.34519 0.60483 0.40922 -0.05267 -0.02664 -0.00631 61  ARG A NE  
432 C CZ  . ARG A 63 ? 0.34381 0.58155 0.40010 -0.07172 -0.01701 -0.01758 61  ARG A CZ  
433 N NH1 . ARG A 63 ? 0.33799 0.59082 0.41547 -0.09022 -0.00810 -0.03204 61  ARG A NH1 
434 N NH2 . ARG A 63 ? 0.31955 0.51909 0.34745 -0.07220 -0.01511 -0.01477 61  ARG A NH2 
435 N N   . VAL A 64 ? 0.15273 0.36484 0.24539 -0.00818 0.01946  0.02567  62  VAL A N   
436 C CA  . VAL A 64 ? 0.20632 0.38593 0.28207 0.00551  0.02287  0.03451  62  VAL A CA  
437 C C   . VAL A 64 ? 0.20154 0.34074 0.25053 -0.00345 0.03419  0.03266  62  VAL A C   
438 O O   . VAL A 64 ? 0.21421 0.35159 0.26428 -0.01573 0.04746  0.02649  62  VAL A O   
439 C CB  . VAL A 64 ? 0.19724 0.39369 0.29409 0.01873  0.02900  0.03557  62  VAL A CB  
440 C CG1 . VAL A 64 ? 0.27816 0.43825 0.35623 0.03025  0.03367  0.04117  62  VAL A CG1 
441 C CG2 . VAL A 64 ? 0.28995 0.52501 0.41049 0.03235  0.01582  0.03928  62  VAL A CG2 
442 N N   . VAL A 65 ? 0.20212 0.30962 0.22722 0.00305  0.02953  0.03785  63  VAL A N   
443 C CA  . VAL A 65 ? 0.20563 0.27597 0.20250 -0.00069 0.03681  0.03656  63  VAL A CA  
444 C C   . VAL A 65 ? 0.25469 0.31528 0.24735 0.00255  0.05076  0.03497  63  VAL A C   
445 O O   . VAL A 65 ? 0.23585 0.29904 0.23532 0.01449  0.05103  0.03630  63  VAL A O   
446 C CB  . VAL A 65 ? 0.19186 0.23986 0.17161 0.00785  0.02713  0.04014  63  VAL A CB  
447 C CG1 . VAL A 65 ? 0.21838 0.23244 0.16891 0.00786  0.03150  0.03803  63  VAL A CG1 
448 C CG2 . VAL A 65 ? 0.22502 0.28227 0.20704 0.00477  0.01586  0.04181  63  VAL A CG2 
449 N N   . THR A 66 ? 0.22483 0.26839 0.20160 -0.00764 0.06412  0.03227  64  THR A N   
450 C CA  . THR A 66 ? 0.23611 0.27057 0.20550 -0.00550 0.08036  0.03094  64  THR A CA  
451 C C   . THR A 66 ? 0.33122 0.32339 0.25864 -0.00059 0.08477  0.03298  64  THR A C   
452 O O   . THR A 66 ? 0.32727 0.30800 0.24089 0.00354  0.09773  0.03211  64  THR A O   
453 C CB  . THR A 66 ? 0.33874 0.38974 0.32431 -0.02114 0.09740  0.02639  64  THR A CB  
454 O OG1 . THR A 66 ? 0.34075 0.37138 0.30962 -0.03522 0.10063  0.02602  64  THR A OG1 
455 C CG2 . THR A 66 ? 0.35246 0.45391 0.38317 -0.02301 0.09182  0.02196  64  THR A CG2 
456 N N   . GLN A 67 ? 0.31008 0.28028 0.21588 0.00039  0.07450  0.03513  65  GLN A N   
457 C CA  . GLN A 67 ? 0.33216 0.26535 0.19731 0.00832  0.07546  0.03687  65  GLN A CA  
458 C C   . GLN A 67 ? 0.29129 0.22076 0.15249 0.01762  0.05607  0.03601  65  GLN A C   
459 O O   . GLN A 67 ? 0.29992 0.24627 0.18175 0.01364  0.04646  0.03603  65  GLN A O   
460 C CB  . GLN A 67 ? 0.37820 0.28380 0.21799 -0.00076 0.08700  0.04029  65  GLN A CB  
461 C CG  . GLN A 67 ? 0.45869 0.37074 0.30891 -0.01506 0.10869  0.03969  65  GLN A CG  
462 C CD  . GLN A 67 ? 0.61174 0.49142 0.43828 -0.02662 0.12225  0.04290  65  GLN A CD  
463 O OE1 . GLN A 67 ? 0.69244 0.54318 0.49289 -0.01818 0.11252  0.04567  65  GLN A OE1 
464 N NE2 . GLN A 67 ? 0.65713 0.54854 0.50430 -0.04428 0.13895  0.03923  65  GLN A NE2 
465 N N   . VAL A 68 ? 0.33826 0.24760 0.17289 0.02986  0.05080  0.03411  66  VAL A N   
466 C CA  . VAL A 68 ? 0.32673 0.23686 0.16227 0.03775  0.03315  0.03049  66  VAL A CA  
467 C C   . VAL A 68 ? 0.31070 0.21281 0.13976 0.03461  0.02757  0.03303  66  VAL A C   
468 O O   . VAL A 68 ? 0.32840 0.20480 0.12777 0.03703  0.03269  0.03622  66  VAL A O   
469 C CB  . VAL A 68 ? 0.34813 0.24168 0.15616 0.05127  0.02736  0.02496  66  VAL A CB  
470 C CG1 . VAL A 68 ? 0.33151 0.23090 0.14619 0.05721  0.00930  0.01892  66  VAL A CG1 
471 C CG2 . VAL A 68 ? 0.30451 0.20527 0.12014 0.05421  0.03305  0.01998  66  VAL A CG2 
472 N N   . PRO A 69 ? 0.28217 0.20225 0.13502 0.03001  0.01910  0.03228  67  PRO A N   
473 C CA  . PRO A 69 ? 0.30057 0.21168 0.14564 0.02843  0.01455  0.03279  67  PRO A CA  
474 C C   . PRO A 69 ? 0.30487 0.20110 0.12958 0.04244  0.00413  0.02928  67  PRO A C   
475 O O   . PRO A 69 ? 0.31393 0.22018 0.14587 0.04960  -0.00490 0.02355  67  PRO A O   
476 C CB  . PRO A 69 ? 0.26947 0.20637 0.14376 0.02227  0.00782  0.03181  67  PRO A CB  
477 C CG  . PRO A 69 ? 0.25248 0.20966 0.14825 0.01782  0.01244  0.03391  67  PRO A CG  
478 C CD  . PRO A 69 ? 0.26441 0.21101 0.14919 0.02651  0.01538  0.03203  67  PRO A CD  
479 N N   . ALA A 70 ? 0.32976 0.20257 0.13047 0.04664  0.00533  0.03162  68  ALA A N   
480 C CA  . ALA A 70 ? 0.32922 0.19728 0.12274 0.06070  -0.00615 0.02587  68  ALA A CA  
481 C C   . ALA A 70 ? 0.40541 0.25828 0.19085 0.06205  -0.00537 0.02718  68  ALA A C   
482 O O   . ALA A 70 ? 0.38518 0.22356 0.16388 0.05174  0.00591  0.03228  68  ALA A O   
483 C CB  . ALA A 70 ? 0.37109 0.22418 0.14347 0.07066  -0.00465 0.02494  68  ALA A CB  
484 N N   . ILE A 71 ? 0.37919 0.23494 0.16487 0.07500  -0.01677 0.02138  69  ILE A N   
485 C CA  . ILE A 71 ? 0.41269 0.25024 0.18706 0.07938  -0.01538 0.02246  69  ILE A CA  
486 C C   . ILE A 71 ? 0.54491 0.34694 0.29006 0.08225  -0.00380 0.02833  69  ILE A C   
487 O O   . ILE A 71 ? 0.53170 0.32627 0.26433 0.08592  -0.00044 0.03006  69  ILE A O   
488 C CB  . ILE A 71 ? 0.48797 0.33729 0.26868 0.09529  -0.02925 0.01433  69  ILE A CB  
489 C CG1 . ILE A 71 ? 0.56550 0.41442 0.33576 0.11028  -0.03635 0.00976  69  ILE A CG1 
490 C CG2 . ILE A 71 ? 0.41855 0.30150 0.22889 0.09041  -0.03789 0.00829  69  ILE A CG2 
491 C CD1 . ILE A 71 ? 0.58493 0.43025 0.34727 0.12847  -0.04474 0.00441  69  ILE A CD1 
492 N N   . GLY A 72 ? 0.49897 0.27642 0.23133 0.07950  0.00410  0.03140  70  GLY A N   
493 C CA  . GLY A 72 ? 0.58548 0.32453 0.28832 0.08341  0.01621  0.03636  70  GLY A CA  
494 C C   . GLY A 72 ? 0.68022 0.39454 0.37694 0.06638  0.03244  0.03987  70  GLY A C   
495 O O   . GLY A 72 ? 0.64131 0.31948 0.31386 0.06914  0.04379  0.04284  70  GLY A O   
496 O OXT . GLY A 72 ? 0.57251 0.30288 0.28776 0.04936  0.03462  0.03884  70  GLY A OXT 
497 O O   . HOH B .  ? 0.29386 0.57666 0.34123 0.00421  -0.05522 0.03239  101 HOH A O   
498 O O   . HOH B .  ? 0.40691 0.46559 0.39833 0.03230  -0.00609 0.06801  102 HOH A O   
499 O O   . HOH B .  ? 0.40739 0.39158 0.40051 0.02267  -0.00500 0.01980  103 HOH A O   
500 O O   . HOH B .  ? 0.45585 0.51506 0.43600 0.01316  0.00325  -0.00647 104 HOH A O   
501 O O   . HOH B .  ? 0.40884 0.37089 0.34947 0.04861  -0.03096 -0.03518 105 HOH A O   
502 O O   . HOH B .  ? 0.46702 0.52341 0.42026 -0.10294 0.01660  -0.03401 106 HOH A O   
503 O O   . HOH B .  ? 0.34693 0.35372 0.27702 0.02994  -0.01551 -0.00813 107 HOH A O   
504 O O   . HOH B .  ? 0.44132 0.23098 0.19459 0.03331  0.03081  0.03896  108 HOH A O   
505 O O   . HOH B .  ? 0.40379 0.37125 0.36281 0.05712  0.03121  0.02104  109 HOH A O   
506 O O   . HOH B .  ? 0.38899 0.22795 0.17215 0.02260  0.03609  0.04109  110 HOH A O   
507 O O   . HOH B .  ? 0.42863 0.25859 0.17353 0.05202  0.04112  0.03774  111 HOH A O   
508 O O   . HOH B .  ? 0.38731 0.39760 0.37708 -0.16145 0.09650  -0.04279 112 HOH A O   
509 O O   . HOH B .  ? 0.39564 0.24987 0.18808 0.01233  0.05902  0.04387  113 HOH A O   
510 O O   . HOH B .  ? 0.55360 0.61443 0.50173 0.01766  -0.01007 0.07630  114 HOH A O   
511 O O   . HOH B .  ? 0.62673 0.61326 0.50723 -0.03098 -0.00318 -0.01093 115 HOH A O   
512 O O   . HOH B .  ? 0.34661 0.27673 0.21712 -0.00225 0.04473  0.03685  116 HOH A O   
513 O O   . HOH B .  ? 0.52761 0.45540 0.31437 0.15575  -0.09041 -0.03843 117 HOH A O   
514 O O   . HOH B .  ? 0.39749 0.49135 0.43190 0.02883  0.07063  0.03194  118 HOH A O   
515 O O   . HOH B .  ? 0.42717 0.46715 0.35316 -0.06628 0.00130  -0.01190 119 HOH A O   
516 O O   . HOH B .  ? 0.36072 0.46536 0.29413 -0.01930 -0.02686 0.02909  120 HOH A O   
517 O O   . HOH B .  ? 0.44262 0.39189 0.44493 0.05563  0.02360  0.03158  121 HOH A O   
518 O O   . HOH B .  ? 0.40295 0.51791 0.43504 0.07009  -0.01057 0.08988  122 HOH A O   
519 O O   . HOH B .  ? 0.50061 0.66560 0.50911 -0.10762 -0.00428 -0.04350 123 HOH A O   
520 O O   . HOH B .  ? 0.59981 0.44149 0.43019 -0.06747 0.14925  0.03677  124 HOH A O   
521 O O   . HOH B .  ? 0.43559 0.30558 0.21066 0.03964  0.07781  0.03501  125 HOH A O   
522 O O   . HOH B .  ? 0.42352 0.38722 0.29802 0.12594  -0.07553 -0.02948 126 HOH A O   
523 O O   . HOH B .  ? 0.52816 0.50913 0.40571 0.09502  -0.08111 -0.04902 127 HOH A O   
524 O O   . HOH B .  ? 0.43284 0.56308 0.52603 0.08476  0.04177  0.05271  128 HOH A O   
525 O O   . HOH B .  ? 0.38737 0.73128 0.54493 -0.10504 -0.00061 -0.05307 129 HOH A O   
526 O O   . HOH B .  ? 0.53417 0.31583 0.26258 0.05597  0.03113  0.04118  130 HOH A O   
527 O O   . HOH B .  ? 0.64168 0.39378 0.37532 0.01272  0.06709  0.04584  131 HOH A O   
528 O O   . HOH B .  ? 0.42604 0.48009 0.34315 -0.00373 -0.00647 0.03006  132 HOH A O   
529 O O   . HOH B .  ? 0.41451 0.50754 0.45407 0.05533  -0.04227 -0.05653 133 HOH A O   
530 O O   . HOH B .  ? 0.65669 0.35089 0.33366 0.16202  -0.01106 0.01729  134 HOH A O   
531 O O   . HOH B .  ? 0.41561 0.56684 0.45379 -0.13173 0.02902  -0.04920 135 HOH A O   
532 O O   . HOH B .  ? 0.45493 0.70120 0.57291 -0.11263 0.03654  -0.03833 136 HOH A O   
533 O O   . HOH B .  ? 0.46905 0.51511 0.39235 0.00110  0.00132  0.01094  137 HOH A O   
534 O O   . HOH B .  ? 0.52779 0.59042 0.41933 -0.00892 -0.00167 0.01633  138 HOH A O   
535 O O   . HOH B .  ? 0.54322 0.62486 0.45040 -0.00938 -0.01861 0.03545  139 HOH A O   
536 O O   . HOH B .  ? 0.65097 0.44686 0.37199 0.03820  0.07554  0.04698  140 HOH A O   
537 O O   . HOH B .  ? 0.42474 0.40308 0.42670 0.02480  0.00796  0.04400  141 HOH A O   
538 O O   . HOH B .  ? 0.43167 0.67411 0.41543 0.02460  -0.06448 0.05398  142 HOH A O   
539 O O   . HOH B .  ? 0.54881 0.49514 0.46123 0.05975  -0.03417 -0.05918 143 HOH A O   
540 O O   . HOH B .  ? 0.67619 0.40847 0.38382 0.01975  0.08498  0.05202  144 HOH A O   
# 
